data_6ZQW
#
_entry.id   6ZQW
#
_cell.length_a   1.00
_cell.length_b   1.00
_cell.length_c   1.00
_cell.angle_alpha   90.00
_cell.angle_beta   90.00
_cell.angle_gamma   90.00
#
_symmetry.space_group_name_H-M   'P 1'
#
loop_
_entity.id
_entity.type
_entity.pdbx_description
1 polymer 'Genome polyprotein'
2 polymer prM
3 non-polymer 2-acetamido-2-deoxy-beta-D-glucopyranose
#
loop_
_entity_poly.entity_id
_entity_poly.type
_entity_poly.pdbx_seq_one_letter_code
_entity_poly.pdbx_strand_id
1 'polypeptide(L)'
;IRCIGIGNRDFIEGMSGGTWVDIVLEHGGCVTVMSNNKPTLDFELVTTTASNMAEVRSYCYEANISEMASDSRCPTQGEA
YLDKMADSQFVCKRGYVDRGWGNGCGLFGKGSIVTCAKFTCVKKLTGKSIQPENLEYRVLVSVHASQHGGMINNDTNHQH
DKENRARIDITASAPRVEVELGSFGSISMECEPRSGLNFGDLYYLTMNNKHWLVNRDWFHDLSLPWHTGATSNNHHWNNK
EALVEFREAHAKKQTAVVLGSQEGAVHAALAGALEAESDGHKATIYSGHLKCRLKLDKLRLKGMSYALCTGAFTFARTPS
ETIHGTATVELQYAGEDGPCKVPIVITSDTNSMASTGRLITANPVVTESGANSKMMVEIDPPFGDSYIIVGTGTTKITHH
WHRAGSSIGRAFEATMRGAKRMAVLGDTAWDFGSVGGMFNSVGKFVHQVFGSAFKALFGGMSWFTQLLIGFLLIWMGLNA
RGGTVAMSFMGIGAMLIFLATSVSG
;
A,D,G
2 'polypeptide(L)'
;VEVTKKGDTYYMFADKKDAGKVVTFETESGPNRCSIQAMDIGHMCPATMSYECPVLEPQYEPEDVDCWCNSTAAWIVYGT
CTHKTTGETRRSRRSITLPSHASQKLETRSSTWLESREYSKYLIKVENWILRNPGYALVAAVIGWTLGSSRSQKIIFVTL
LMLVAPAYS
;
B,E,H,I,F,C
#
loop_
_chem_comp.id
_chem_comp.type
_chem_comp.name
_chem_comp.formula
NAG D-saccharide, beta linking 2-acetamido-2-deoxy-beta-D-glucopyranose 'C8 H15 N O6'
#
# COMPACT_ATOMS: atom_id res chain seq x y z
N ILE A 1 62.43 5.52 -22.59
CA ILE A 1 62.09 6.22 -23.82
C ILE A 1 60.63 5.98 -24.18
N ARG A 2 59.92 5.24 -23.31
CA ARG A 2 58.53 4.92 -23.54
C ARG A 2 57.61 6.13 -23.32
N CYS A 3 58.13 7.22 -22.77
CA CYS A 3 57.34 8.38 -22.40
C CYS A 3 57.51 9.54 -23.37
N ILE A 4 58.19 9.32 -24.50
CA ILE A 4 58.44 10.39 -25.45
C ILE A 4 57.17 10.76 -26.20
N GLY A 5 56.59 9.80 -26.92
CA GLY A 5 55.40 10.05 -27.71
C GLY A 5 54.09 9.87 -26.96
N ILE A 6 53.87 10.70 -25.95
CA ILE A 6 52.65 10.66 -25.15
C ILE A 6 52.10 12.07 -25.04
N GLY A 7 50.79 12.22 -25.29
CA GLY A 7 50.19 13.54 -25.22
C GLY A 7 50.11 14.07 -23.80
N ASN A 8 49.70 13.23 -22.86
CA ASN A 8 49.53 13.63 -21.46
C ASN A 8 50.78 13.23 -20.71
N ARG A 9 51.78 14.11 -20.71
CA ARG A 9 53.05 13.89 -20.06
C ARG A 9 53.27 14.95 -18.98
N ASP A 10 53.76 14.51 -17.83
CA ASP A 10 54.05 15.38 -16.70
C ASP A 10 55.55 15.37 -16.42
N PHE A 11 55.95 16.15 -15.42
CA PHE A 11 57.34 16.20 -14.97
C PHE A 11 57.35 16.31 -13.46
N ILE A 12 58.00 15.36 -12.80
CA ILE A 12 58.09 15.32 -11.34
C ILE A 12 59.55 15.39 -10.94
N GLU A 13 59.88 16.33 -10.06
CA GLU A 13 61.22 16.46 -9.51
C GLU A 13 61.13 16.46 -8.00
N GLY A 14 61.98 15.66 -7.35
CA GLY A 14 61.99 15.58 -5.91
C GLY A 14 63.18 16.31 -5.31
N MET A 15 63.17 16.39 -3.98
CA MET A 15 64.26 17.04 -3.26
C MET A 15 65.56 16.28 -3.48
N SER A 16 66.69 16.99 -3.33
CA SER A 16 68.00 16.37 -3.49
C SER A 16 68.19 15.24 -2.48
N GLY A 17 68.02 15.55 -1.19
CA GLY A 17 68.09 14.55 -0.15
C GLY A 17 66.81 13.79 0.10
N GLY A 18 65.73 14.12 -0.60
CA GLY A 18 64.46 13.45 -0.39
C GLY A 18 64.36 12.15 -1.15
N THR A 19 64.37 11.03 -0.42
CA THR A 19 64.30 9.73 -1.08
C THR A 19 62.89 9.38 -1.53
N TRP A 20 61.90 9.64 -0.69
CA TRP A 20 60.52 9.31 -1.03
C TRP A 20 59.93 10.39 -1.94
N VAL A 21 59.02 9.97 -2.81
CA VAL A 21 58.31 10.91 -3.69
C VAL A 21 57.01 10.26 -4.14
N ASP A 22 55.94 11.05 -4.14
CA ASP A 22 54.63 10.55 -4.52
C ASP A 22 54.28 10.95 -5.95
N ILE A 23 53.53 10.10 -6.63
CA ILE A 23 53.12 10.34 -8.01
C ILE A 23 51.70 9.81 -8.22
N VAL A 24 51.10 10.24 -9.31
CA VAL A 24 49.79 9.77 -9.74
C VAL A 24 49.89 9.35 -11.20
N LEU A 25 49.34 8.17 -11.51
CA LEU A 25 49.38 7.60 -12.84
C LEU A 25 47.97 7.52 -13.41
N GLU A 26 47.80 8.03 -14.63
CA GLU A 26 46.54 7.92 -15.35
C GLU A 26 46.64 6.83 -16.41
N HIS A 27 45.50 6.22 -16.71
CA HIS A 27 45.50 5.10 -17.64
C HIS A 27 45.80 5.52 -19.07
N GLY A 28 45.68 6.80 -19.38
CA GLY A 28 45.99 7.31 -20.71
C GLY A 28 47.22 8.17 -20.80
N GLY A 29 48.06 8.22 -19.77
CA GLY A 29 49.22 9.08 -19.77
C GLY A 29 50.49 8.42 -19.29
N CYS A 30 51.44 9.23 -18.85
CA CYS A 30 52.76 8.77 -18.44
C CYS A 30 53.30 9.72 -17.38
N VAL A 31 54.35 9.28 -16.67
CA VAL A 31 55.00 10.10 -15.67
C VAL A 31 56.51 9.98 -15.84
N THR A 32 57.20 11.12 -15.84
CA THR A 32 58.64 11.17 -15.91
C THR A 32 59.19 11.69 -14.59
N VAL A 33 60.10 10.92 -13.98
CA VAL A 33 60.70 11.26 -12.69
C VAL A 33 62.19 11.48 -12.90
N MET A 34 62.67 12.64 -12.48
CA MET A 34 64.08 13.00 -12.62
C MET A 34 64.61 13.51 -11.30
N SER A 35 65.94 13.50 -11.17
CA SER A 35 66.60 13.96 -9.96
C SER A 35 67.97 14.52 -10.36
N ASN A 36 68.78 14.85 -9.35
CA ASN A 36 70.10 15.43 -9.62
C ASN A 36 71.14 14.35 -9.90
N ASN A 37 71.20 13.32 -9.06
CA ASN A 37 72.16 12.24 -9.21
C ASN A 37 71.52 10.93 -9.62
N LYS A 38 70.19 10.87 -9.71
CA LYS A 38 69.53 9.63 -10.06
C LYS A 38 69.14 9.64 -11.54
N PRO A 39 69.13 8.47 -12.19
CA PRO A 39 68.74 8.45 -13.60
C PRO A 39 67.25 8.65 -13.76
N THR A 40 66.87 9.18 -14.93
CA THR A 40 65.47 9.47 -15.20
C THR A 40 64.68 8.17 -15.38
N LEU A 41 63.51 8.10 -14.76
CA LEU A 41 62.63 6.96 -14.88
C LEU A 41 61.33 7.39 -15.55
N ASP A 42 60.67 6.44 -16.20
CA ASP A 42 59.42 6.70 -16.92
C ASP A 42 58.42 5.61 -16.55
N PHE A 43 57.33 6.01 -15.91
CA PHE A 43 56.31 5.09 -15.44
C PHE A 43 55.06 5.22 -16.31
N GLU A 44 54.49 4.07 -16.66
CA GLU A 44 53.23 4.05 -17.41
C GLU A 44 52.36 2.91 -16.89
N LEU A 45 51.04 3.11 -16.98
CA LEU A 45 50.06 2.11 -16.59
C LEU A 45 49.42 1.57 -17.87
N VAL A 46 49.51 0.26 -18.09
CA VAL A 46 49.08 -0.28 -19.37
C VAL A 46 47.61 -0.70 -19.34
N THR A 47 47.27 -1.65 -18.46
CA THR A 47 45.94 -2.23 -18.45
C THR A 47 45.53 -2.54 -17.02
N THR A 48 44.22 -2.42 -16.76
CA THR A 48 43.65 -2.92 -15.51
C THR A 48 43.17 -4.34 -15.73
N THR A 49 43.64 -5.28 -14.92
CA THR A 49 43.32 -6.69 -15.08
C THR A 49 42.35 -7.12 -13.98
N ALA A 50 41.25 -7.77 -14.38
CA ALA A 50 40.29 -8.32 -13.45
C ALA A 50 40.24 -9.82 -13.63
N SER A 51 40.46 -10.56 -12.54
CA SER A 51 40.49 -12.02 -12.61
C SER A 51 39.74 -12.60 -11.43
N ASN A 52 39.33 -13.86 -11.59
CA ASN A 52 38.60 -14.61 -10.56
C ASN A 52 37.34 -13.87 -10.14
N MET A 53 36.55 -13.46 -11.12
CA MET A 53 35.32 -12.73 -10.86
C MET A 53 34.20 -13.72 -10.56
N ALA A 54 33.42 -13.43 -9.51
CA ALA A 54 32.29 -14.28 -9.17
C ALA A 54 31.11 -13.99 -10.09
N GLU A 55 30.22 -14.96 -10.21
CA GLU A 55 29.04 -14.85 -11.05
C GLU A 55 27.81 -14.57 -10.17
N VAL A 56 26.96 -13.66 -10.62
CA VAL A 56 25.79 -13.24 -9.86
C VAL A 56 24.49 -13.69 -10.51
N ARG A 57 24.36 -13.50 -11.83
CA ARG A 57 23.13 -13.85 -12.52
C ARG A 57 23.42 -14.03 -14.01
N SER A 58 22.62 -14.88 -14.64
CA SER A 58 22.72 -15.16 -16.07
C SER A 58 21.33 -15.12 -16.68
N TYR A 59 21.22 -14.47 -17.84
CA TYR A 59 19.95 -14.37 -18.55
C TYR A 59 20.01 -15.25 -19.79
N CYS A 60 18.82 -15.57 -20.32
CA CYS A 60 18.69 -16.45 -21.46
C CYS A 60 17.91 -15.77 -22.57
N TYR A 61 18.61 -15.35 -23.62
CA TYR A 61 17.95 -14.65 -24.71
C TYR A 61 17.28 -15.62 -25.67
N GLU A 62 18.00 -16.65 -26.11
CA GLU A 62 17.46 -17.64 -27.02
C GLU A 62 17.23 -18.95 -26.30
N ALA A 63 16.01 -19.48 -26.44
CA ALA A 63 15.60 -20.71 -25.76
C ALA A 63 14.79 -21.58 -26.71
N ASN A 64 14.62 -22.84 -26.34
CA ASN A 64 13.83 -23.80 -27.10
C ASN A 64 12.77 -24.41 -26.18
N ILE A 65 11.77 -25.04 -26.80
CA ILE A 65 10.71 -25.72 -26.07
C ILE A 65 10.47 -27.08 -26.71
N SER A 66 9.85 -27.97 -25.94
CA SER A 66 9.55 -29.32 -26.43
C SER A 66 8.50 -29.95 -25.52
N GLU A 67 7.80 -30.95 -26.06
CA GLU A 67 6.82 -31.74 -25.32
C GLU A 67 5.69 -30.88 -24.75
N MET A 68 5.05 -30.12 -25.62
CA MET A 68 3.91 -29.32 -25.21
C MET A 68 2.70 -30.22 -24.95
N ALA A 69 2.08 -30.06 -23.78
CA ALA A 69 0.91 -30.84 -23.41
C ALA A 69 -0.14 -29.92 -22.78
N SER A 70 -1.40 -30.33 -22.90
CA SER A 70 -2.52 -29.57 -22.40
C SER A 70 -3.59 -30.53 -21.88
N ASP A 71 -4.46 -30.00 -21.01
CA ASP A 71 -5.55 -30.78 -20.44
C ASP A 71 -6.71 -29.85 -20.11
N SER A 72 -7.91 -30.25 -20.51
CA SER A 72 -9.12 -29.44 -20.36
C SER A 72 -10.19 -30.20 -19.60
N ARG A 73 -10.84 -29.52 -18.66
CA ARG A 73 -11.99 -30.04 -17.93
C ARG A 73 -13.11 -29.00 -18.02
N CYS A 74 -14.33 -29.44 -18.30
CA CYS A 74 -15.43 -28.50 -18.35
C CYS A 74 -16.12 -28.43 -16.98
N PRO A 75 -17.03 -27.44 -16.77
CA PRO A 75 -17.59 -27.23 -15.42
C PRO A 75 -18.11 -28.46 -14.71
N THR A 76 -18.20 -28.34 -13.39
CA THR A 76 -18.62 -29.38 -12.45
C THR A 76 -17.57 -30.50 -12.35
N GLN A 77 -16.34 -30.20 -12.76
CA GLN A 77 -15.25 -31.16 -12.67
C GLN A 77 -14.04 -30.61 -11.93
N GLY A 78 -13.97 -29.31 -11.68
CA GLY A 78 -12.86 -28.71 -10.96
C GLY A 78 -11.75 -28.28 -11.88
N GLU A 79 -10.61 -27.99 -11.27
CA GLU A 79 -9.44 -27.55 -12.02
C GLU A 79 -8.79 -28.72 -12.74
N ALA A 80 -8.20 -28.43 -13.91
CA ALA A 80 -7.48 -29.43 -14.67
C ALA A 80 -6.19 -29.79 -13.94
N TYR A 81 -5.70 -31.01 -14.21
CA TYR A 81 -4.50 -31.50 -13.56
C TYR A 81 -3.63 -32.20 -14.58
N LEU A 82 -2.31 -32.09 -14.38
CA LEU A 82 -1.33 -32.77 -15.21
C LEU A 82 -0.16 -33.19 -14.33
N ASP A 83 0.42 -34.35 -14.65
CA ASP A 83 1.53 -34.86 -13.84
C ASP A 83 2.78 -34.02 -13.99
N LYS A 84 2.96 -33.36 -15.14
CA LYS A 84 4.15 -32.56 -15.37
C LYS A 84 4.10 -31.21 -14.67
N MET A 85 3.03 -30.92 -13.93
CA MET A 85 2.94 -29.65 -13.23
C MET A 85 3.94 -29.58 -12.08
N ALA A 86 4.14 -30.71 -11.38
CA ALA A 86 5.02 -30.74 -10.22
C ALA A 86 6.49 -30.64 -10.61
N ASP A 87 6.82 -30.80 -11.89
CA ASP A 87 8.20 -30.75 -12.34
C ASP A 87 8.64 -29.31 -12.54
N SER A 88 9.86 -29.00 -12.11
CA SER A 88 10.36 -27.65 -12.19
C SER A 88 10.78 -27.24 -13.61
N GLN A 89 10.97 -28.21 -14.50
CA GLN A 89 11.39 -27.92 -15.86
C GLN A 89 10.22 -27.65 -16.80
N PHE A 90 8.99 -27.83 -16.35
CA PHE A 90 7.81 -27.64 -17.18
C PHE A 90 7.00 -26.46 -16.67
N VAL A 91 6.72 -25.51 -17.56
CA VAL A 91 5.95 -24.31 -17.23
C VAL A 91 4.57 -24.44 -17.86
N CYS A 92 3.53 -24.25 -17.04
CA CYS A 92 2.15 -24.19 -17.52
C CYS A 92 1.39 -22.96 -17.06
N LYS A 93 0.33 -22.72 -17.82
CA LYS A 93 -0.61 -21.63 -17.62
C LYS A 93 -2.03 -22.19 -17.60
N ARG A 94 -2.87 -21.56 -16.80
CA ARG A 94 -4.27 -21.93 -16.66
C ARG A 94 -5.15 -20.89 -17.36
N GLY A 95 -6.37 -21.30 -17.66
CA GLY A 95 -7.32 -20.43 -18.34
C GLY A 95 -8.69 -21.03 -18.34
N TYR A 96 -9.65 -20.25 -18.83
CA TYR A 96 -11.05 -20.65 -18.88
C TYR A 96 -11.55 -20.50 -20.31
N VAL A 97 -12.14 -21.57 -20.83
CA VAL A 97 -12.60 -21.60 -22.21
C VAL A 97 -14.06 -22.02 -22.27
N ASP A 98 -14.78 -21.50 -23.25
CA ASP A 98 -16.19 -21.82 -23.42
C ASP A 98 -16.36 -23.22 -24.00
N ARG A 99 -17.31 -23.97 -23.44
CA ARG A 99 -17.56 -25.35 -23.84
C ARG A 99 -19.03 -25.56 -24.17
N GLY A 100 -19.30 -26.66 -24.85
CA GLY A 100 -20.67 -26.98 -25.21
C GLY A 100 -20.79 -28.41 -25.67
N TRP A 101 -21.91 -28.73 -26.32
CA TRP A 101 -22.12 -30.07 -26.83
C TRP A 101 -21.14 -30.42 -27.93
N GLY A 102 -20.64 -29.41 -28.66
CA GLY A 102 -19.65 -29.66 -29.68
C GLY A 102 -18.29 -30.07 -29.16
N ASN A 103 -18.05 -29.91 -27.86
CA ASN A 103 -16.76 -30.23 -27.28
C ASN A 103 -16.77 -31.47 -26.39
N GLY A 104 -17.92 -32.08 -26.16
CA GLY A 104 -17.94 -33.35 -25.46
C GLY A 104 -18.93 -33.46 -24.31
N CYS A 105 -19.08 -32.39 -23.54
CA CYS A 105 -19.95 -32.39 -22.37
C CYS A 105 -21.07 -31.38 -22.59
N GLY A 106 -22.17 -31.55 -21.85
CA GLY A 106 -23.39 -30.84 -22.17
C GLY A 106 -23.56 -29.49 -21.47
N LEU A 107 -23.41 -29.47 -20.14
CA LEU A 107 -23.58 -28.24 -19.38
C LEU A 107 -22.76 -27.10 -20.00
N PHE A 108 -23.41 -25.96 -20.23
CA PHE A 108 -22.75 -24.81 -20.85
C PHE A 108 -22.16 -23.91 -19.77
N GLY A 109 -20.84 -23.97 -19.62
CA GLY A 109 -20.12 -23.15 -18.68
C GLY A 109 -18.65 -23.11 -19.07
N LYS A 110 -17.95 -22.08 -18.60
CA LYS A 110 -16.53 -22.01 -18.90
C LYS A 110 -15.77 -23.07 -18.11
N GLY A 111 -14.86 -23.76 -18.81
CA GLY A 111 -14.06 -24.80 -18.20
C GLY A 111 -12.63 -24.35 -17.93
N SER A 112 -11.93 -25.18 -17.16
CA SER A 112 -10.54 -24.94 -16.78
C SER A 112 -9.62 -25.72 -17.71
N ILE A 113 -8.70 -25.02 -18.35
CA ILE A 113 -7.71 -25.62 -19.24
C ILE A 113 -6.32 -25.26 -18.73
N VAL A 114 -5.41 -26.22 -18.74
CA VAL A 114 -4.03 -26.01 -18.32
C VAL A 114 -3.13 -26.49 -19.44
N THR A 115 -1.99 -25.80 -19.62
CA THR A 115 -1.07 -26.17 -20.68
C THR A 115 0.36 -25.90 -20.25
N CYS A 116 1.18 -26.97 -20.21
CA CYS A 116 2.61 -26.81 -19.95
C CYS A 116 3.51 -27.53 -20.92
N ALA A 117 4.76 -27.07 -20.92
CA ALA A 117 5.79 -27.50 -21.85
C ALA A 117 7.14 -27.34 -21.18
N LYS A 118 8.12 -28.09 -21.69
CA LYS A 118 9.48 -28.04 -21.17
C LYS A 118 10.12 -26.70 -21.54
N PHE A 119 11.25 -26.42 -20.90
CA PHE A 119 11.99 -25.17 -21.13
C PHE A 119 13.48 -25.48 -21.08
N THR A 120 14.17 -25.24 -22.19
CA THR A 120 15.60 -25.50 -22.32
C THR A 120 16.28 -24.26 -22.90
N CYS A 121 17.30 -23.78 -22.20
CA CYS A 121 18.01 -22.57 -22.60
C CYS A 121 19.14 -22.94 -23.53
N VAL A 122 18.99 -22.65 -24.82
CA VAL A 122 20.02 -23.02 -25.78
C VAL A 122 21.17 -22.01 -25.73
N LYS A 123 20.88 -20.72 -25.57
CA LYS A 123 21.94 -19.73 -25.51
C LYS A 123 21.66 -18.76 -24.36
N LYS A 124 22.73 -18.30 -23.71
CA LYS A 124 22.59 -17.46 -22.54
C LYS A 124 23.78 -16.52 -22.43
N LEU A 125 23.58 -15.45 -21.66
CA LEU A 125 24.61 -14.49 -21.32
C LEU A 125 24.77 -14.44 -19.80
N THR A 126 25.92 -13.96 -19.35
CA THR A 126 26.27 -14.01 -17.94
C THR A 126 26.66 -12.63 -17.44
N GLY A 127 26.51 -12.45 -16.12
CA GLY A 127 26.89 -11.23 -15.44
C GLY A 127 27.79 -11.50 -14.26
N LYS A 128 28.92 -10.82 -14.17
CA LYS A 128 29.87 -11.03 -13.08
C LYS A 128 30.04 -9.74 -12.28
N SER A 129 30.42 -9.91 -11.03
CA SER A 129 30.74 -8.78 -10.15
C SER A 129 32.26 -8.62 -10.03
N ILE A 130 32.67 -7.42 -9.63
CA ILE A 130 34.07 -7.06 -9.51
C ILE A 130 34.32 -6.57 -8.10
N GLN A 131 35.24 -7.23 -7.40
CA GLN A 131 35.63 -6.90 -6.04
C GLN A 131 37.01 -6.24 -6.04
N PRO A 132 37.27 -5.33 -5.10
CA PRO A 132 38.57 -4.65 -5.09
C PRO A 132 39.75 -5.59 -4.92
N GLU A 133 39.59 -6.69 -4.19
CA GLU A 133 40.69 -7.62 -4.00
C GLU A 133 41.02 -8.43 -5.25
N ASN A 134 40.18 -8.38 -6.27
CA ASN A 134 40.43 -9.09 -7.52
C ASN A 134 41.24 -8.27 -8.52
N LEU A 135 41.23 -6.95 -8.41
CA LEU A 135 41.89 -6.11 -9.39
C LEU A 135 43.41 -6.26 -9.30
N GLU A 136 44.07 -6.12 -10.45
CA GLU A 136 45.52 -6.19 -10.53
C GLU A 136 45.99 -5.26 -11.63
N TYR A 137 46.79 -4.27 -11.28
CA TYR A 137 47.28 -3.28 -12.23
C TYR A 137 48.66 -3.68 -12.75
N ARG A 138 48.97 -3.23 -13.97
CA ARG A 138 50.27 -3.48 -14.58
C ARG A 138 50.90 -2.16 -14.98
N VAL A 139 52.12 -1.93 -14.50
CA VAL A 139 52.86 -0.70 -14.76
C VAL A 139 54.21 -1.06 -15.36
N LEU A 140 54.54 -0.43 -16.48
CA LEU A 140 55.85 -0.58 -17.10
C LEU A 140 56.75 0.58 -16.70
N VAL A 141 58.01 0.24 -16.42
CA VAL A 141 59.03 1.19 -15.98
C VAL A 141 60.16 1.15 -17.00
N SER A 142 60.49 2.32 -17.55
CA SER A 142 61.60 2.47 -18.48
C SER A 142 62.64 3.39 -17.88
N VAL A 143 63.88 3.24 -18.34
CA VAL A 143 64.99 4.04 -17.86
C VAL A 143 65.66 4.72 -19.04
N HIS A 144 65.88 6.02 -18.94
CA HIS A 144 66.61 6.74 -19.96
C HIS A 144 68.10 6.39 -19.91
N ALA A 145 68.50 5.37 -20.66
CA ALA A 145 69.88 4.92 -20.69
C ALA A 145 70.55 5.23 -22.03
N SER A 146 70.15 6.34 -22.65
CA SER A 146 70.63 6.73 -23.98
C SER A 146 70.43 5.60 -24.99
N GLN A 147 69.29 4.94 -24.91
CA GLN A 147 68.98 3.84 -25.82
C GLN A 147 68.81 4.35 -27.24
N HIS A 148 68.91 3.42 -28.20
CA HIS A 148 68.78 3.78 -29.60
C HIS A 148 67.42 4.35 -29.95
N GLY A 149 66.38 4.02 -29.17
CA GLY A 149 65.07 4.57 -29.43
C GLY A 149 64.38 4.02 -30.64
N GLY A 150 64.74 2.82 -31.08
CA GLY A 150 64.09 2.19 -32.23
C GLY A 150 62.88 1.38 -31.81
N MET A 151 61.81 1.52 -32.58
CA MET A 151 60.56 0.81 -32.30
C MET A 151 60.52 -0.45 -33.15
N ILE A 152 61.25 -1.47 -32.69
CA ILE A 152 61.31 -2.76 -33.37
C ILE A 152 60.94 -3.84 -32.37
N ASN A 153 60.89 -3.49 -31.10
CA ASN A 153 60.59 -4.41 -30.01
C ASN A 153 59.21 -4.06 -29.46
N ASN A 154 58.17 -4.63 -30.08
CA ASN A 154 56.80 -4.37 -29.66
C ASN A 154 56.33 -5.31 -28.56
N ASP A 155 56.50 -6.63 -28.75
CA ASP A 155 56.05 -7.60 -27.76
C ASP A 155 57.13 -7.73 -26.67
N THR A 156 56.95 -8.73 -25.80
CA THR A 156 57.87 -8.98 -24.69
C THR A 156 58.72 -10.22 -24.91
N ASN A 157 58.93 -10.62 -26.17
CA ASN A 157 59.68 -11.83 -26.44
C ASN A 157 61.18 -11.61 -26.28
N HIS A 158 61.74 -10.61 -26.94
CA HIS A 158 63.16 -10.33 -26.90
C HIS A 158 63.37 -8.87 -27.28
N GLN A 159 64.63 -8.49 -27.53
CA GLN A 159 65.01 -7.11 -27.84
C GLN A 159 64.60 -6.15 -26.74
N HIS A 160 64.53 -6.63 -25.51
CA HIS A 160 64.22 -5.83 -24.33
C HIS A 160 65.25 -6.16 -23.25
N ASP A 161 66.28 -5.34 -23.15
CA ASP A 161 67.30 -5.53 -22.12
C ASP A 161 66.68 -5.42 -20.74
N LYS A 162 66.84 -6.46 -19.92
CA LYS A 162 66.18 -6.53 -18.63
C LYS A 162 66.65 -5.44 -17.65
N GLU A 163 67.76 -4.77 -17.94
CA GLU A 163 68.23 -3.68 -17.12
C GLU A 163 67.72 -2.32 -17.59
N ASN A 164 66.97 -2.28 -18.70
CA ASN A 164 66.45 -1.03 -19.22
C ASN A 164 64.94 -0.90 -19.14
N ARG A 165 64.22 -2.01 -19.05
CA ARG A 165 62.76 -1.98 -18.96
C ARG A 165 62.32 -3.03 -17.94
N ALA A 166 61.14 -2.81 -17.37
CA ALA A 166 60.61 -3.76 -16.39
C ALA A 166 59.11 -3.62 -16.32
N ARG A 167 58.47 -4.67 -15.83
CA ARG A 167 57.02 -4.72 -15.63
C ARG A 167 56.73 -5.04 -14.17
N ILE A 168 55.69 -4.42 -13.62
CA ILE A 168 55.34 -4.58 -12.22
C ILE A 168 53.83 -4.81 -12.11
N ASP A 169 53.44 -5.82 -11.32
CA ASP A 169 52.05 -6.16 -11.10
C ASP A 169 51.66 -5.72 -9.69
N ILE A 170 50.88 -4.66 -9.61
CA ILE A 170 50.41 -4.13 -8.33
C ILE A 170 49.09 -4.81 -7.97
N THR A 171 49.07 -5.50 -6.84
CA THR A 171 47.88 -6.19 -6.37
C THR A 171 47.40 -5.58 -5.06
N ALA A 172 46.12 -5.81 -4.76
CA ALA A 172 45.54 -5.32 -3.52
C ALA A 172 46.02 -6.10 -2.31
N SER A 173 46.53 -7.31 -2.50
CA SER A 173 47.04 -8.10 -1.37
C SER A 173 48.33 -7.50 -0.83
N ALA A 174 49.33 -7.32 -1.69
CA ALA A 174 50.61 -6.75 -1.29
C ALA A 174 50.90 -5.51 -2.13
N PRO A 175 50.59 -4.31 -1.62
CA PRO A 175 50.86 -3.09 -2.38
C PRO A 175 52.32 -2.65 -2.36
N ARG A 176 53.17 -3.30 -1.57
CA ARG A 176 54.58 -2.95 -1.48
C ARG A 176 55.38 -3.90 -2.36
N VAL A 177 56.10 -3.35 -3.34
CA VAL A 177 56.87 -4.13 -4.28
C VAL A 177 58.28 -3.57 -4.36
N GLU A 178 59.25 -4.45 -4.63
CA GLU A 178 60.65 -4.08 -4.79
C GLU A 178 61.05 -4.35 -6.23
N VAL A 179 61.47 -3.32 -6.94
CA VAL A 179 61.80 -3.39 -8.36
C VAL A 179 63.30 -3.42 -8.51
N GLU A 180 63.79 -4.37 -9.30
CA GLU A 180 65.22 -4.51 -9.60
C GLU A 180 65.45 -4.10 -11.05
N LEU A 181 66.31 -3.10 -11.25
CA LEU A 181 66.66 -2.61 -12.58
C LEU A 181 68.05 -3.04 -13.01
N GLY A 182 68.60 -4.07 -12.37
CA GLY A 182 69.92 -4.56 -12.72
C GLY A 182 71.06 -3.68 -12.25
N SER A 183 71.86 -3.17 -13.19
CA SER A 183 73.02 -2.36 -12.83
C SER A 183 72.61 -1.01 -12.27
N PHE A 184 71.44 -0.51 -12.64
CA PHE A 184 71.00 0.80 -12.16
C PHE A 184 70.75 0.78 -10.66
N GLY A 185 70.14 -0.28 -10.15
CA GLY A 185 69.87 -0.43 -8.73
C GLY A 185 68.48 -0.98 -8.51
N SER A 186 67.97 -0.74 -7.31
CA SER A 186 66.64 -1.18 -6.92
C SER A 186 65.85 -0.02 -6.35
N ILE A 187 64.53 -0.06 -6.57
CA ILE A 187 63.61 0.93 -6.04
C ILE A 187 62.49 0.21 -5.31
N SER A 188 61.70 0.97 -4.55
CA SER A 188 60.55 0.44 -3.84
C SER A 188 59.31 1.22 -4.24
N MET A 189 58.19 0.52 -4.38
CA MET A 189 56.93 1.15 -4.79
C MET A 189 55.81 0.70 -3.87
N GLU A 190 55.02 1.66 -3.39
CA GLU A 190 53.81 1.39 -2.62
C GLU A 190 52.65 2.11 -3.30
N CYS A 191 51.76 1.36 -3.93
CA CYS A 191 50.65 1.94 -4.68
C CYS A 191 49.34 1.61 -3.99
N GLU A 192 48.44 2.59 -3.93
CA GLU A 192 47.15 2.43 -3.26
C GLU A 192 46.03 2.54 -4.28
N PRO A 193 45.37 1.44 -4.66
CA PRO A 193 44.28 1.54 -5.63
C PRO A 193 43.04 2.19 -5.07
N ARG A 194 43.04 3.51 -4.97
CA ARG A 194 41.91 4.25 -4.43
C ARG A 194 41.49 5.34 -5.39
N SER A 195 40.32 5.92 -5.13
CA SER A 195 39.74 7.02 -5.92
C SER A 195 39.62 6.67 -7.40
N GLY A 196 39.50 5.39 -7.72
CA GLY A 196 39.32 4.94 -9.08
C GLY A 196 37.86 4.93 -9.49
N LEU A 197 37.59 4.31 -10.64
CA LEU A 197 36.23 4.16 -11.11
C LEU A 197 35.46 3.27 -10.16
N ASN A 198 34.26 3.69 -9.78
CA ASN A 198 33.47 2.92 -8.83
C ASN A 198 33.08 1.56 -9.42
N PHE A 199 33.31 0.50 -8.66
CA PHE A 199 32.99 -0.87 -9.07
C PHE A 199 31.91 -1.49 -8.18
N GLY A 200 31.16 -0.67 -7.46
CA GLY A 200 30.00 -1.12 -6.71
C GLY A 200 28.68 -0.94 -7.41
N ASP A 201 28.68 -0.36 -8.61
CA ASP A 201 27.48 -0.17 -9.40
C ASP A 201 27.74 -0.57 -10.84
N LEU A 202 28.56 -1.58 -11.05
CA LEU A 202 28.91 -2.05 -12.38
C LEU A 202 28.94 -3.57 -12.42
N TYR A 203 28.39 -4.12 -13.50
CA TYR A 203 28.39 -5.56 -13.75
C TYR A 203 29.06 -5.85 -15.08
N TYR A 204 29.86 -6.91 -15.11
CA TYR A 204 30.61 -7.31 -16.29
C TYR A 204 29.79 -8.32 -17.06
N LEU A 205 29.24 -7.90 -18.21
CA LEU A 205 28.31 -8.71 -18.98
C LEU A 205 29.07 -9.43 -20.10
N THR A 206 28.98 -10.75 -20.11
CA THR A 206 29.58 -11.60 -21.13
C THR A 206 28.47 -12.20 -21.99
N MET A 207 28.61 -12.05 -23.31
CA MET A 207 27.57 -12.48 -24.24
C MET A 207 28.19 -12.70 -25.61
N ASN A 208 28.10 -13.94 -26.11
CA ASN A 208 28.50 -14.28 -27.48
C ASN A 208 29.95 -13.88 -27.75
N ASN A 209 30.84 -14.29 -26.85
CA ASN A 209 32.27 -14.01 -26.92
C ASN A 209 32.56 -12.51 -26.98
N LYS A 210 31.62 -11.68 -26.52
CA LYS A 210 31.81 -10.25 -26.41
C LYS A 210 31.52 -9.82 -24.98
N HIS A 211 31.96 -8.62 -24.63
CA HIS A 211 31.88 -8.17 -23.25
C HIS A 211 31.51 -6.70 -23.16
N TRP A 212 30.74 -6.36 -22.12
CA TRP A 212 30.32 -5.00 -21.87
C TRP A 212 30.32 -4.76 -20.36
N LEU A 213 30.06 -3.52 -19.98
CA LEU A 213 29.81 -3.15 -18.59
C LEU A 213 28.46 -2.48 -18.49
N VAL A 214 27.68 -2.87 -17.49
CA VAL A 214 26.30 -2.39 -17.34
C VAL A 214 26.09 -1.92 -15.90
N ASN A 215 24.98 -1.23 -15.69
CA ASN A 215 24.62 -0.72 -14.37
C ASN A 215 23.85 -1.76 -13.58
N ARG A 216 24.09 -1.79 -12.26
CA ARG A 216 23.43 -2.79 -11.41
C ARG A 216 21.93 -2.52 -11.28
N ASP A 217 21.52 -1.25 -11.27
CA ASP A 217 20.10 -0.94 -11.18
C ASP A 217 19.37 -1.27 -12.47
N TRP A 218 20.09 -1.38 -13.59
CA TRP A 218 19.49 -1.76 -14.87
C TRP A 218 19.55 -3.26 -15.11
N PHE A 219 20.55 -3.94 -14.58
CA PHE A 219 20.69 -5.38 -14.80
C PHE A 219 19.51 -6.14 -14.22
N HIS A 220 19.03 -5.73 -13.05
CA HIS A 220 17.88 -6.36 -12.43
C HIS A 220 16.56 -5.92 -13.05
N ASP A 221 16.56 -4.85 -13.84
CA ASP A 221 15.34 -4.38 -14.47
C ASP A 221 14.99 -5.19 -15.71
N LEU A 222 15.94 -5.94 -16.26
CA LEU A 222 15.71 -6.68 -17.49
C LEU A 222 14.64 -7.75 -17.29
N SER A 223 13.77 -7.90 -18.29
CA SER A 223 12.63 -8.81 -18.22
C SER A 223 12.93 -10.06 -19.05
N LEU A 224 13.58 -11.03 -18.41
CA LEU A 224 13.92 -12.30 -19.03
C LEU A 224 13.99 -13.34 -17.92
N PRO A 225 13.92 -14.63 -18.25
CA PRO A 225 14.10 -15.65 -17.21
C PRO A 225 15.46 -15.59 -16.55
N TRP A 226 15.48 -15.93 -15.25
CA TRP A 226 16.69 -15.85 -14.46
C TRP A 226 16.66 -16.90 -13.36
N HIS A 227 17.84 -17.31 -12.93
CA HIS A 227 18.06 -18.39 -11.97
C HIS A 227 18.68 -17.82 -10.70
N THR A 228 18.86 -18.69 -9.72
CA THR A 228 19.54 -18.28 -8.50
C THR A 228 21.04 -18.26 -8.75
N GLY A 229 21.77 -17.57 -7.87
CA GLY A 229 23.20 -17.43 -8.01
C GLY A 229 24.04 -18.57 -7.49
N ALA A 230 23.97 -19.71 -8.19
CA ALA A 230 24.73 -20.90 -7.84
C ALA A 230 25.13 -21.61 -9.12
N THR A 231 26.16 -22.45 -9.02
CA THR A 231 26.66 -23.21 -10.16
C THR A 231 26.03 -24.60 -10.12
N SER A 232 25.12 -24.84 -11.06
CA SER A 232 24.40 -26.11 -11.20
C SER A 232 24.22 -26.40 -12.69
N ASN A 233 24.26 -27.68 -13.05
CA ASN A 233 24.07 -28.04 -14.46
C ASN A 233 22.69 -27.60 -14.93
N ASN A 234 21.67 -27.82 -14.10
CA ASN A 234 20.30 -27.43 -14.41
C ASN A 234 19.76 -26.75 -13.16
N HIS A 235 19.40 -25.49 -13.27
CA HIS A 235 18.90 -24.70 -12.15
C HIS A 235 17.47 -24.24 -12.39
N HIS A 236 16.71 -24.20 -11.30
CA HIS A 236 15.31 -23.79 -11.31
C HIS A 236 15.15 -22.37 -11.85
N TRP A 237 14.71 -22.24 -13.10
CA TRP A 237 14.53 -20.93 -13.70
C TRP A 237 13.32 -20.22 -13.11
N ASN A 238 13.28 -18.90 -13.28
CA ASN A 238 12.17 -18.10 -12.78
C ASN A 238 11.73 -17.14 -13.88
N ASN A 239 10.43 -16.85 -13.91
CA ASN A 239 9.84 -15.89 -14.84
C ASN A 239 10.16 -16.27 -16.28
N LYS A 240 9.88 -17.52 -16.62
CA LYS A 240 10.09 -18.00 -17.98
C LYS A 240 8.89 -17.76 -18.90
N GLU A 241 7.74 -17.39 -18.34
CA GLU A 241 6.58 -17.08 -19.17
C GLU A 241 6.84 -15.95 -20.14
N ALA A 242 7.84 -15.09 -19.86
CA ALA A 242 8.21 -14.00 -20.75
C ALA A 242 8.81 -14.46 -22.07
N LEU A 243 9.21 -15.73 -22.17
CA LEU A 243 9.77 -16.26 -23.41
C LEU A 243 8.86 -17.27 -24.09
N VAL A 244 7.74 -17.65 -23.48
CA VAL A 244 6.80 -18.61 -24.05
C VAL A 244 5.47 -17.90 -24.25
N GLU A 245 5.03 -17.81 -25.49
CA GLU A 245 3.79 -17.13 -25.84
C GLU A 245 2.69 -18.16 -26.06
N PHE A 246 1.58 -18.00 -25.34
CA PHE A 246 0.42 -18.86 -25.48
C PHE A 246 -0.63 -18.20 -26.36
N ARG A 247 -1.36 -19.02 -27.09
CA ARG A 247 -2.42 -18.52 -27.97
C ARG A 247 -3.59 -18.01 -27.12
N GLU A 248 -4.59 -17.44 -27.81
CA GLU A 248 -5.72 -16.84 -27.12
C GLU A 248 -6.46 -17.90 -26.30
N ALA A 249 -7.07 -18.86 -26.98
CA ALA A 249 -7.81 -19.94 -26.33
C ALA A 249 -8.31 -20.90 -27.39
N HIS A 250 -8.66 -22.11 -26.94
CA HIS A 250 -9.24 -23.13 -27.80
C HIS A 250 -10.11 -24.01 -26.93
N ALA A 251 -11.14 -24.61 -27.55
CA ALA A 251 -12.08 -25.41 -26.78
C ALA A 251 -11.49 -26.70 -26.22
N LYS A 252 -10.33 -27.14 -26.72
CA LYS A 252 -9.78 -28.41 -26.27
C LYS A 252 -8.28 -28.42 -26.02
N LYS A 253 -7.52 -27.42 -26.48
CA LYS A 253 -6.08 -27.47 -26.37
C LYS A 253 -5.54 -26.04 -26.37
N GLN A 254 -4.21 -25.93 -26.24
CA GLN A 254 -3.54 -24.65 -26.34
C GLN A 254 -2.12 -24.89 -26.83
N THR A 255 -1.76 -24.27 -27.95
CA THR A 255 -0.46 -24.47 -28.59
C THR A 255 0.45 -23.30 -28.23
N ALA A 256 1.51 -23.58 -27.49
CA ALA A 256 2.49 -22.57 -27.12
C ALA A 256 3.55 -22.43 -28.20
N VAL A 257 4.21 -21.27 -28.22
CA VAL A 257 5.32 -21.02 -29.13
C VAL A 257 6.44 -20.34 -28.35
N VAL A 258 7.65 -20.45 -28.90
CA VAL A 258 8.84 -19.89 -28.29
C VAL A 258 9.32 -18.72 -29.14
N LEU A 259 9.86 -17.70 -28.48
CA LEU A 259 10.37 -16.53 -29.18
C LEU A 259 11.70 -16.85 -29.85
N GLY A 260 12.06 -16.02 -30.83
CA GLY A 260 13.28 -16.20 -31.57
C GLY A 260 14.48 -15.65 -30.82
N SER A 261 15.58 -15.54 -31.54
CA SER A 261 16.82 -15.03 -30.95
C SER A 261 16.64 -13.56 -30.59
N GLN A 262 16.85 -13.23 -29.32
CA GLN A 262 16.79 -11.85 -28.84
C GLN A 262 18.15 -11.17 -28.85
N GLU A 263 19.09 -11.67 -29.65
CA GLU A 263 20.41 -11.06 -29.71
C GLU A 263 20.34 -9.64 -30.26
N GLY A 264 19.48 -9.42 -31.25
CA GLY A 264 19.36 -8.09 -31.82
C GLY A 264 18.86 -7.06 -30.82
N ALA A 265 17.90 -7.44 -29.98
CA ALA A 265 17.38 -6.52 -28.97
C ALA A 265 18.47 -6.12 -27.98
N VAL A 266 19.27 -7.09 -27.54
CA VAL A 266 20.34 -6.78 -26.59
C VAL A 266 21.41 -5.93 -27.26
N HIS A 267 21.74 -6.23 -28.52
CA HIS A 267 22.73 -5.42 -29.23
C HIS A 267 22.25 -3.98 -29.42
N ALA A 268 20.95 -3.80 -29.65
CA ALA A 268 20.41 -2.46 -29.80
C ALA A 268 20.36 -1.73 -28.46
N ALA A 269 20.03 -2.44 -27.38
CA ALA A 269 19.96 -1.79 -26.07
C ALA A 269 21.33 -1.39 -25.54
N LEU A 270 22.36 -2.18 -25.86
CA LEU A 270 23.72 -1.92 -25.39
C LEU A 270 24.51 -1.02 -26.34
N ALA A 271 23.83 -0.20 -27.14
CA ALA A 271 24.53 0.67 -28.07
C ALA A 271 25.38 1.70 -27.34
N GLY A 272 24.80 2.38 -26.36
CA GLY A 272 25.53 3.39 -25.62
C GLY A 272 26.21 2.87 -24.37
N ALA A 273 26.82 1.69 -24.48
CA ALA A 273 27.48 1.05 -23.36
C ALA A 273 28.99 0.99 -23.60
N LEU A 274 29.73 0.88 -22.50
CA LEU A 274 31.18 0.72 -22.57
C LEU A 274 31.55 -0.71 -22.89
N GLU A 275 32.64 -0.88 -23.63
CA GLU A 275 33.11 -2.19 -24.04
C GLU A 275 34.48 -2.47 -23.44
N ALA A 276 34.89 -3.73 -23.52
CA ALA A 276 36.19 -4.15 -23.01
C ALA A 276 36.63 -5.39 -23.79
N GLU A 277 37.76 -5.97 -23.35
CA GLU A 277 38.30 -7.18 -23.94
C GLU A 277 38.55 -8.20 -22.86
N SER A 278 38.73 -9.46 -23.28
CA SER A 278 38.94 -10.54 -22.32
C SER A 278 39.85 -11.59 -22.92
N ASP A 279 40.62 -12.25 -22.05
CA ASP A 279 41.46 -13.37 -22.41
C ASP A 279 41.18 -14.51 -21.46
N GLY A 280 40.68 -15.62 -22.00
CA GLY A 280 40.29 -16.74 -21.16
C GLY A 280 39.17 -16.37 -20.21
N HIS A 281 39.50 -16.25 -18.92
CA HIS A 281 38.55 -15.82 -17.91
C HIS A 281 38.88 -14.45 -17.34
N LYS A 282 39.97 -13.82 -17.77
CA LYS A 282 40.36 -12.52 -17.26
C LYS A 282 39.84 -11.42 -18.18
N ALA A 283 39.58 -10.26 -17.60
CA ALA A 283 39.04 -9.12 -18.32
C ALA A 283 40.02 -7.94 -18.23
N THR A 284 39.97 -7.07 -19.24
CA THR A 284 40.85 -5.92 -19.33
C THR A 284 40.03 -4.65 -19.36
N ILE A 285 40.34 -3.72 -18.46
CA ILE A 285 39.66 -2.43 -18.35
C ILE A 285 40.69 -1.34 -18.63
N TYR A 286 40.26 -0.34 -19.41
CA TYR A 286 41.14 0.75 -19.82
C TYR A 286 40.83 2.06 -19.10
N SER A 287 40.10 2.01 -17.99
CA SER A 287 39.75 3.19 -17.22
C SER A 287 40.12 2.99 -15.76
N GLY A 288 40.70 4.02 -15.16
CA GLY A 288 41.10 3.97 -13.77
C GLY A 288 42.50 4.50 -13.52
N HIS A 289 42.64 5.39 -12.55
CA HIS A 289 43.93 5.97 -12.22
C HIS A 289 44.49 5.31 -10.95
N LEU A 290 45.68 5.74 -10.54
CA LEU A 290 46.36 5.11 -9.43
C LEU A 290 47.27 6.14 -8.75
N LYS A 291 47.45 5.97 -7.45
CA LYS A 291 48.37 6.78 -6.67
C LYS A 291 49.49 5.89 -6.13
N CYS A 292 50.73 6.37 -6.20
CA CYS A 292 51.87 5.57 -5.78
C CYS A 292 52.87 6.45 -5.04
N ARG A 293 53.73 5.78 -4.27
CA ARG A 293 54.83 6.41 -3.56
C ARG A 293 56.08 5.59 -3.82
N LEU A 294 57.13 6.25 -4.31
CA LEU A 294 58.37 5.62 -4.69
C LEU A 294 59.47 5.95 -3.69
N LYS A 295 60.25 4.93 -3.32
CA LYS A 295 61.42 5.07 -2.47
C LYS A 295 62.64 4.75 -3.32
N LEU A 296 63.49 5.75 -3.53
CA LEU A 296 64.67 5.65 -4.38
C LEU A 296 65.90 5.78 -3.49
N ASP A 297 66.36 4.65 -2.95
CA ASP A 297 67.50 4.62 -2.05
C ASP A 297 68.74 4.01 -2.68
N LYS A 298 68.62 2.85 -3.31
CA LYS A 298 69.75 2.15 -3.89
C LYS A 298 69.91 2.43 -5.38
N LEU A 299 69.18 3.40 -5.92
CA LEU A 299 69.29 3.72 -7.34
C LEU A 299 70.48 4.63 -7.58
N ARG A 300 71.32 4.27 -8.55
CA ARG A 300 72.52 5.02 -8.88
C ARG A 300 72.61 5.16 -10.39
N LEU A 301 73.67 5.82 -10.85
CA LEU A 301 73.94 5.93 -12.27
C LEU A 301 74.77 4.74 -12.76
N LYS A 302 74.93 4.66 -14.07
CA LYS A 302 75.70 3.60 -14.70
C LYS A 302 77.01 4.08 -15.29
N GLY A 303 77.02 5.26 -15.91
CA GLY A 303 78.22 5.76 -16.55
C GLY A 303 78.77 7.02 -15.92
N MET A 304 78.63 7.15 -14.60
CA MET A 304 79.16 8.32 -13.92
C MET A 304 80.68 8.30 -13.85
N SER A 305 81.28 7.11 -13.76
CA SER A 305 82.72 6.97 -13.64
C SER A 305 83.42 6.83 -14.99
N TYR A 306 82.67 6.80 -16.09
CA TYR A 306 83.29 6.65 -17.40
C TYR A 306 84.09 7.89 -17.78
N ALA A 307 84.92 7.74 -18.80
CA ALA A 307 85.74 8.82 -19.30
C ALA A 307 85.01 9.56 -20.42
N LEU A 308 85.69 10.53 -21.03
CA LEU A 308 85.13 11.30 -22.12
C LEU A 308 85.36 10.58 -23.45
N CYS A 309 84.60 11.01 -24.46
CA CYS A 309 84.70 10.43 -25.80
C CYS A 309 85.67 11.25 -26.62
N THR A 310 86.73 10.61 -27.10
CA THR A 310 87.74 11.26 -27.94
C THR A 310 87.61 10.87 -29.41
N GLY A 311 86.41 10.52 -29.85
CA GLY A 311 86.17 10.12 -31.22
C GLY A 311 85.50 11.21 -32.03
N ALA A 312 84.62 10.80 -32.94
CA ALA A 312 83.92 11.73 -33.83
C ALA A 312 82.42 11.60 -33.63
N PHE A 313 81.77 12.70 -33.27
CA PHE A 313 80.32 12.73 -33.12
C PHE A 313 79.69 13.38 -34.35
N THR A 314 78.55 12.82 -34.79
CA THR A 314 77.87 13.34 -35.96
C THR A 314 76.36 13.21 -35.76
N PHE A 315 75.61 14.15 -36.33
CA PHE A 315 74.16 14.07 -36.27
C PHE A 315 73.66 13.03 -37.28
N ALA A 316 72.63 12.28 -36.87
CA ALA A 316 72.04 11.29 -37.75
C ALA A 316 70.88 11.84 -38.57
N ARG A 317 70.24 12.91 -38.10
CA ARG A 317 69.17 13.59 -38.82
C ARG A 317 68.92 14.91 -38.12
N THR A 318 68.01 15.69 -38.68
CA THR A 318 67.62 16.95 -38.04
C THR A 318 66.93 16.64 -36.72
N PRO A 319 67.36 17.22 -35.61
CA PRO A 319 66.72 16.93 -34.32
C PRO A 319 65.25 17.33 -34.34
N SER A 320 64.40 16.42 -33.87
CA SER A 320 62.97 16.65 -33.85
C SER A 320 62.56 17.44 -32.61
N GLU A 321 61.28 17.81 -32.58
CA GLU A 321 60.73 18.58 -31.46
C GLU A 321 59.37 17.99 -31.10
N THR A 322 59.15 17.77 -29.81
CA THR A 322 57.92 17.18 -29.32
C THR A 322 56.95 18.27 -28.89
N ILE A 323 55.75 17.86 -28.50
CA ILE A 323 54.72 18.83 -28.13
C ILE A 323 55.04 19.54 -26.82
N HIS A 324 55.89 18.94 -25.98
CA HIS A 324 56.24 19.52 -24.69
C HIS A 324 57.53 20.34 -24.75
N GLY A 325 57.90 20.82 -25.94
CA GLY A 325 59.10 21.63 -26.07
C GLY A 325 60.40 20.92 -25.79
N THR A 326 60.42 19.59 -25.88
CA THR A 326 61.62 18.81 -25.65
C THR A 326 62.26 18.41 -26.98
N ALA A 327 63.58 18.39 -27.02
CA ALA A 327 64.33 18.11 -28.24
C ALA A 327 65.05 16.77 -28.10
N THR A 328 64.80 15.87 -29.04
CA THR A 328 65.51 14.60 -29.11
C THR A 328 66.67 14.72 -30.09
N VAL A 329 67.85 14.27 -29.67
CA VAL A 329 69.06 14.32 -30.48
C VAL A 329 69.55 12.91 -30.68
N GLU A 330 69.79 12.53 -31.93
CA GLU A 330 70.26 11.19 -32.29
C GLU A 330 71.68 11.31 -32.83
N LEU A 331 72.64 10.78 -32.08
CA LEU A 331 74.06 10.93 -32.39
C LEU A 331 74.63 9.62 -32.91
N GLN A 332 75.63 9.75 -33.78
CA GLN A 332 76.41 8.62 -34.27
C GLN A 332 77.87 8.88 -33.92
N TYR A 333 78.48 7.91 -33.24
CA TYR A 333 79.85 8.02 -32.76
C TYR A 333 80.75 7.11 -33.57
N ALA A 334 81.88 7.66 -34.02
CA ALA A 334 82.90 6.92 -34.75
C ALA A 334 84.17 6.88 -33.90
N GLY A 335 84.80 5.72 -33.88
CA GLY A 335 85.94 5.45 -33.02
C GLY A 335 85.69 4.26 -32.11
N GLU A 336 86.79 3.80 -31.51
CA GLU A 336 86.77 2.66 -30.58
C GLU A 336 87.44 3.05 -29.27
N ASP A 337 86.66 3.68 -28.39
CA ASP A 337 87.12 4.07 -27.06
C ASP A 337 86.32 3.41 -25.95
N GLY A 338 85.38 2.54 -26.27
CA GLY A 338 84.54 1.92 -25.27
C GLY A 338 83.48 2.87 -24.77
N PRO A 339 82.72 2.44 -23.76
CA PRO A 339 81.69 3.32 -23.18
C PRO A 339 82.32 4.57 -22.58
N CYS A 340 81.95 5.73 -23.15
CA CYS A 340 82.48 7.01 -22.69
C CYS A 340 81.34 8.01 -22.59
N LYS A 341 81.53 8.99 -21.71
CA LYS A 341 80.51 10.01 -21.50
C LYS A 341 80.44 10.97 -22.67
N VAL A 342 79.23 11.37 -23.04
CA VAL A 342 79.00 12.20 -24.22
C VAL A 342 79.08 13.66 -23.78
N PRO A 343 80.09 14.41 -24.21
CA PRO A 343 80.17 15.83 -23.88
C PRO A 343 79.24 16.67 -24.74
N ILE A 344 78.17 17.18 -24.14
CA ILE A 344 77.19 17.99 -24.85
C ILE A 344 76.86 19.20 -23.97
N VAL A 345 76.78 20.37 -24.60
CA VAL A 345 76.47 21.61 -23.90
C VAL A 345 75.42 22.38 -24.69
N ILE A 346 74.70 23.24 -23.98
CA ILE A 346 73.67 24.10 -24.55
C ILE A 346 73.97 25.52 -24.09
N THR A 347 74.13 26.43 -25.05
CA THR A 347 74.52 27.80 -24.73
C THR A 347 73.75 28.76 -25.64
N SER A 348 74.13 30.03 -25.58
CA SER A 348 73.51 31.08 -26.38
C SER A 348 74.36 31.52 -27.56
N ASP A 349 75.68 31.35 -27.48
CA ASP A 349 76.56 31.68 -28.59
C ASP A 349 77.71 30.70 -28.60
N THR A 350 78.31 30.52 -29.78
CA THR A 350 79.37 29.54 -29.94
C THR A 350 80.60 29.87 -29.10
N ASN A 351 80.80 31.15 -28.80
CA ASN A 351 81.95 31.56 -27.98
C ASN A 351 81.62 31.65 -26.50
N SER A 352 80.34 31.69 -26.13
CA SER A 352 79.96 31.79 -24.73
C SER A 352 80.32 30.51 -23.98
N MET A 353 79.80 29.38 -24.44
CA MET A 353 80.04 28.07 -23.80
C MET A 353 79.62 28.11 -22.33
N ALA A 354 78.33 28.37 -22.12
CA ALA A 354 77.75 28.42 -20.78
C ALA A 354 76.44 27.67 -20.78
N SER A 355 76.29 26.74 -19.84
CA SER A 355 75.07 25.95 -19.74
C SER A 355 73.88 26.84 -19.40
N THR A 356 72.90 26.88 -20.30
CA THR A 356 71.71 27.70 -20.13
C THR A 356 70.44 26.88 -19.91
N GLY A 357 70.47 25.58 -20.22
CA GLY A 357 69.32 24.72 -20.04
C GLY A 357 69.70 23.45 -19.30
N ARG A 358 68.69 22.63 -19.04
CA ARG A 358 68.86 21.37 -18.36
C ARG A 358 68.63 20.21 -19.33
N LEU A 359 68.95 19.00 -18.86
CA LEU A 359 68.82 17.80 -19.65
C LEU A 359 67.78 16.88 -19.01
N ILE A 360 66.89 16.34 -19.83
CA ILE A 360 65.90 15.39 -19.32
C ILE A 360 66.54 14.04 -19.07
N THR A 361 67.56 13.67 -19.84
CA THR A 361 68.28 12.42 -19.68
C THR A 361 69.61 12.71 -18.99
N ALA A 362 69.80 12.16 -17.80
CA ALA A 362 71.00 12.40 -17.03
C ALA A 362 72.12 11.47 -17.46
N ASN A 363 73.34 12.02 -17.55
CA ASN A 363 74.54 11.29 -17.91
C ASN A 363 74.38 10.59 -19.26
N PRO A 364 74.33 11.32 -20.37
CA PRO A 364 74.27 10.66 -21.68
C PRO A 364 75.57 9.92 -21.97
N VAL A 365 75.44 8.67 -22.40
CA VAL A 365 76.58 7.79 -22.58
C VAL A 365 76.33 6.88 -23.79
N VAL A 366 77.41 6.35 -24.34
CA VAL A 366 77.34 5.35 -25.40
C VAL A 366 77.36 3.97 -24.77
N THR A 367 76.54 3.07 -25.30
CA THR A 367 76.30 1.78 -24.65
C THR A 367 77.28 0.70 -25.10
N GLU A 368 77.67 0.69 -26.37
CA GLU A 368 78.55 -0.35 -26.89
C GLU A 368 79.94 0.24 -27.18
N SER A 369 80.87 -0.66 -27.46
CA SER A 369 82.25 -0.30 -27.81
C SER A 369 82.53 -0.48 -29.30
N GLY A 370 81.50 -0.50 -30.14
CA GLY A 370 81.69 -0.68 -31.56
C GLY A 370 82.35 0.52 -32.21
N ALA A 371 82.79 0.30 -33.45
CA ALA A 371 83.45 1.36 -34.22
C ALA A 371 82.48 2.49 -34.52
N ASN A 372 81.40 2.18 -35.24
CA ASN A 372 80.37 3.15 -35.60
C ASN A 372 79.10 2.77 -34.84
N SER A 373 78.84 3.47 -33.75
CA SER A 373 77.68 3.21 -32.90
C SER A 373 76.72 4.37 -32.96
N LYS A 374 75.53 4.17 -32.39
CA LYS A 374 74.49 5.20 -32.37
C LYS A 374 73.88 5.30 -30.99
N MET A 375 73.33 6.47 -30.68
CA MET A 375 72.72 6.71 -29.38
C MET A 375 71.71 7.85 -29.53
N MET A 376 70.94 8.07 -28.46
CA MET A 376 69.92 9.11 -28.46
C MET A 376 69.87 9.75 -27.08
N VAL A 377 69.48 11.03 -27.05
CA VAL A 377 69.33 11.78 -25.82
C VAL A 377 68.15 12.72 -25.97
N GLU A 378 67.60 13.16 -24.82
CA GLU A 378 66.47 14.07 -24.80
C GLU A 378 66.79 15.22 -23.86
N ILE A 379 66.68 16.45 -24.37
CA ILE A 379 67.03 17.65 -23.62
C ILE A 379 65.88 18.64 -23.69
N ASP A 380 65.99 19.68 -22.87
CA ASP A 380 65.00 20.76 -22.82
C ASP A 380 65.70 22.08 -23.15
N PRO A 381 65.49 22.64 -24.33
CA PRO A 381 66.19 23.87 -24.70
C PRO A 381 65.56 25.08 -24.04
N PRO A 382 66.33 26.13 -23.81
CA PRO A 382 65.75 27.35 -23.21
C PRO A 382 64.89 28.10 -24.20
N PHE A 383 63.97 28.89 -23.66
CA PHE A 383 63.06 29.67 -24.50
C PHE A 383 63.83 30.70 -25.31
N GLY A 384 63.57 30.74 -26.61
CA GLY A 384 64.30 31.62 -27.49
C GLY A 384 65.20 30.87 -28.44
N ASP A 385 66.34 31.45 -28.78
CA ASP A 385 67.32 30.81 -29.63
C ASP A 385 68.45 30.25 -28.79
N SER A 386 69.02 29.13 -29.25
CA SER A 386 70.08 28.46 -28.50
C SER A 386 70.96 27.67 -29.46
N TYR A 387 72.13 27.30 -28.97
CA TYR A 387 73.11 26.52 -29.72
C TYR A 387 73.46 25.27 -28.93
N ILE A 388 73.32 24.12 -29.58
CA ILE A 388 73.71 22.82 -29.04
C ILE A 388 75.08 22.47 -29.59
N ILE A 389 76.05 22.22 -28.70
CA ILE A 389 77.41 21.89 -29.10
C ILE A 389 77.73 20.49 -28.59
N VAL A 390 78.30 19.66 -29.45
CA VAL A 390 78.63 18.28 -29.15
C VAL A 390 80.09 18.05 -29.47
N GLY A 391 80.84 17.55 -28.49
CA GLY A 391 82.24 17.26 -28.66
C GLY A 391 83.14 18.39 -28.22
N THR A 392 84.44 18.13 -28.31
CA THR A 392 85.48 19.10 -27.95
C THR A 392 86.46 19.23 -29.11
N GLY A 393 87.51 20.03 -28.88
CA GLY A 393 88.56 20.19 -29.86
C GLY A 393 88.08 20.88 -31.12
N THR A 394 88.78 20.61 -32.22
CA THR A 394 88.45 21.16 -33.53
C THR A 394 87.41 20.35 -34.26
N THR A 395 86.90 19.27 -33.66
CA THR A 395 85.91 18.40 -34.28
C THR A 395 84.52 18.56 -33.67
N LYS A 396 84.36 19.45 -32.70
CA LYS A 396 83.04 19.66 -32.09
C LYS A 396 82.09 20.28 -33.09
N ILE A 397 80.85 19.81 -33.08
CA ILE A 397 79.82 20.28 -34.00
C ILE A 397 78.83 21.14 -33.24
N THR A 398 78.21 22.08 -33.96
CA THR A 398 77.24 23.00 -33.39
C THR A 398 75.96 22.96 -34.21
N HIS A 399 74.85 23.28 -33.55
CA HIS A 399 73.55 23.29 -34.21
C HIS A 399 72.67 24.36 -33.59
N HIS A 400 71.93 25.08 -34.42
CA HIS A 400 71.01 26.11 -33.97
C HIS A 400 69.65 25.49 -33.62
N TRP A 401 68.98 26.11 -32.64
CA TRP A 401 67.66 25.64 -32.24
C TRP A 401 66.85 26.84 -31.78
N HIS A 402 65.53 26.77 -31.98
CA HIS A 402 64.63 27.82 -31.56
C HIS A 402 63.41 27.21 -30.90
N ARG A 403 62.87 27.92 -29.90
CA ARG A 403 61.70 27.47 -29.17
C ARG A 403 60.87 28.69 -28.79
N ALA A 404 59.58 28.65 -29.13
CA ALA A 404 58.68 29.76 -28.85
C ALA A 404 58.16 29.66 -27.42
N GLY A 405 57.33 30.63 -27.05
CA GLY A 405 56.77 30.70 -25.71
C GLY A 405 57.53 31.64 -24.80
N SER A 406 57.16 31.59 -23.52
CA SER A 406 57.77 32.44 -22.51
C SER A 406 58.05 31.61 -21.27
N SER A 407 59.11 31.99 -20.55
CA SER A 407 59.47 31.29 -19.33
C SER A 407 58.39 31.44 -18.26
N ILE A 408 57.81 32.64 -18.13
CA ILE A 408 56.76 32.86 -17.16
C ILE A 408 55.53 32.04 -17.49
N GLY A 409 55.21 31.90 -18.79
CA GLY A 409 54.07 31.09 -19.18
C GLY A 409 54.23 29.63 -18.79
N ARG A 410 55.39 29.06 -19.12
CA ARG A 410 55.66 27.68 -18.73
C ARG A 410 55.68 27.51 -17.23
N ALA A 411 56.24 28.49 -16.51
CA ALA A 411 56.27 28.42 -15.05
C ALA A 411 54.86 28.39 -14.48
N PHE A 412 53.99 29.26 -15.00
CA PHE A 412 52.61 29.31 -14.49
C PHE A 412 51.86 28.03 -14.84
N GLU A 413 52.06 27.51 -16.05
CA GLU A 413 51.41 26.26 -16.43
C GLU A 413 51.85 25.12 -15.55
N ALA A 414 53.16 25.02 -15.29
CA ALA A 414 53.67 23.95 -14.42
C ALA A 414 53.18 24.12 -12.99
N THR A 415 53.08 25.37 -12.51
CA THR A 415 52.56 25.59 -11.17
C THR A 415 51.10 25.17 -11.06
N MET A 416 50.30 25.51 -12.07
CA MET A 416 48.88 25.11 -12.05
C MET A 416 48.75 23.59 -12.14
N ARG A 417 49.59 22.95 -12.96
CA ARG A 417 49.54 21.50 -13.05
C ARG A 417 49.93 20.85 -11.74
N GLY A 418 50.96 21.37 -11.07
CA GLY A 418 51.35 20.85 -9.77
C GLY A 418 50.29 21.06 -8.72
N ALA A 419 49.60 22.20 -8.77
CA ALA A 419 48.50 22.44 -7.83
C ALA A 419 47.36 21.45 -8.07
N LYS A 420 47.02 21.22 -9.34
CA LYS A 420 46.00 20.23 -9.66
C LYS A 420 46.41 18.84 -9.18
N ARG A 421 47.68 18.49 -9.35
CA ARG A 421 48.17 17.18 -8.92
C ARG A 421 48.08 17.05 -7.40
N MET A 422 48.51 18.08 -6.68
CA MET A 422 48.43 18.05 -5.22
C MET A 422 46.97 18.03 -4.74
N ALA A 423 46.06 18.61 -5.52
CA ALA A 423 44.65 18.52 -5.17
C ALA A 423 44.11 17.12 -5.41
N VAL A 424 44.60 16.44 -6.46
CA VAL A 424 44.20 15.05 -6.69
C VAL A 424 44.70 14.17 -5.55
N LEU A 425 45.92 14.43 -5.07
CA LEU A 425 46.50 13.71 -3.94
C LEU A 425 45.91 14.27 -2.64
N GLY A 426 44.63 13.99 -2.44
CA GLY A 426 43.94 14.46 -1.26
C GLY A 426 44.35 13.72 0.00
N ASP A 427 44.17 12.41 -0.01
CA ASP A 427 44.58 11.55 1.09
C ASP A 427 45.96 10.96 0.81
N THR A 428 46.56 10.39 1.86
CA THR A 428 47.87 9.75 1.80
C THR A 428 48.94 10.70 1.26
N ALA A 429 48.79 12.00 1.49
CA ALA A 429 49.79 12.97 1.07
C ALA A 429 50.80 13.24 2.18
N TRP A 430 50.33 13.49 3.39
CA TRP A 430 51.18 13.71 4.55
C TRP A 430 51.05 12.53 5.51
N ASP A 431 51.91 12.52 6.53
CA ASP A 431 51.87 11.51 7.58
C ASP A 431 51.73 12.19 8.93
N PHE A 432 50.70 11.78 9.69
CA PHE A 432 50.45 12.31 11.03
C PHE A 432 50.88 11.33 12.11
N GLY A 433 51.83 10.44 11.82
CA GLY A 433 52.30 9.48 12.78
C GLY A 433 53.46 10.00 13.61
N SER A 434 54.61 9.32 13.51
CA SER A 434 55.79 9.77 14.24
C SER A 434 56.23 11.14 13.75
N VAL A 435 56.81 11.92 14.67
CA VAL A 435 57.25 13.27 14.34
C VAL A 435 58.62 13.20 13.68
N GLY A 436 58.92 14.19 12.85
CA GLY A 436 60.12 14.23 12.05
C GLY A 436 59.88 14.09 10.57
N GLY A 437 58.70 13.60 10.17
CA GLY A 437 58.35 13.50 8.78
C GLY A 437 57.26 14.47 8.37
N MET A 438 56.73 15.22 9.34
CA MET A 438 55.72 16.22 9.04
C MET A 438 56.35 17.44 8.38
N PHE A 439 57.44 17.95 8.96
CA PHE A 439 58.20 19.00 8.30
C PHE A 439 58.74 18.54 6.96
N ASN A 440 59.21 17.29 6.91
CA ASN A 440 59.64 16.72 5.64
C ASN A 440 58.51 16.71 4.63
N SER A 441 57.29 16.38 5.07
CA SER A 441 56.16 16.33 4.14
C SER A 441 55.77 17.71 3.64
N VAL A 442 55.72 18.71 4.53
CA VAL A 442 55.35 20.06 4.10
C VAL A 442 56.42 20.62 3.16
N GLY A 443 57.70 20.39 3.47
CA GLY A 443 58.74 20.82 2.56
C GLY A 443 58.67 20.10 1.22
N LYS A 444 58.39 18.80 1.25
CA LYS A 444 58.31 18.04 0.00
C LYS A 444 57.20 18.55 -0.90
N PHE A 445 56.01 18.84 -0.33
CA PHE A 445 54.95 19.25 -1.25
C PHE A 445 55.10 20.71 -1.65
N VAL A 446 55.62 21.57 -0.77
CA VAL A 446 55.88 22.94 -1.22
C VAL A 446 56.94 22.95 -2.31
N HIS A 447 57.92 22.04 -2.23
CA HIS A 447 58.88 21.91 -3.31
C HIS A 447 58.21 21.44 -4.59
N GLN A 448 57.45 20.35 -4.52
CA GLN A 448 56.79 19.82 -5.71
C GLN A 448 55.79 20.80 -6.31
N VAL A 449 55.34 21.80 -5.55
CA VAL A 449 54.40 22.78 -6.09
C VAL A 449 55.06 24.07 -6.57
N PHE A 450 56.25 24.42 -6.05
CA PHE A 450 56.85 25.70 -6.39
C PHE A 450 58.22 25.63 -7.06
N GLY A 451 58.84 24.45 -7.15
CA GLY A 451 60.18 24.38 -7.72
C GLY A 451 60.21 24.66 -9.21
N SER A 452 59.14 24.32 -9.92
CA SER A 452 59.09 24.58 -11.36
C SER A 452 59.17 26.08 -11.65
N ALA A 453 58.59 26.90 -10.77
CA ALA A 453 58.70 28.35 -10.94
C ALA A 453 59.97 28.89 -10.32
N PHE A 454 60.44 28.30 -9.21
CA PHE A 454 61.69 28.75 -8.60
C PHE A 454 62.85 28.59 -9.57
N LYS A 455 62.94 27.45 -10.25
CA LYS A 455 64.01 27.22 -11.20
C LYS A 455 63.90 28.15 -12.41
N ALA A 456 62.67 28.46 -12.82
CA ALA A 456 62.48 29.29 -14.01
C ALA A 456 62.72 30.76 -13.74
N LEU A 457 62.50 31.22 -12.51
CA LEU A 457 62.51 32.65 -12.21
C LEU A 457 63.86 33.13 -11.68
N PHE A 458 64.32 32.57 -10.56
CA PHE A 458 65.39 33.20 -9.78
C PHE A 458 66.76 33.10 -10.44
N GLY A 459 66.94 33.81 -11.56
CA GLY A 459 68.25 33.97 -12.16
C GLY A 459 68.84 32.68 -12.71
N GLY A 460 70.17 32.58 -12.61
CA GLY A 460 70.91 31.47 -13.18
C GLY A 460 71.28 30.36 -12.22
N MET A 461 70.53 30.25 -11.12
CA MET A 461 70.75 29.20 -10.11
C MET A 461 72.18 29.27 -9.55
N SER A 462 72.52 30.45 -9.02
CA SER A 462 73.84 30.65 -8.44
C SER A 462 73.96 30.06 -7.05
N TRP A 463 72.84 29.92 -6.33
CA TRP A 463 72.76 29.29 -5.01
C TRP A 463 73.40 30.17 -3.94
N PHE A 464 74.03 31.26 -4.35
CA PHE A 464 74.65 32.20 -3.43
C PHE A 464 73.89 33.51 -3.30
N THR A 465 73.44 34.09 -4.42
CA THR A 465 72.66 35.32 -4.35
C THR A 465 71.29 35.09 -3.75
N GLN A 466 70.67 33.95 -4.07
CA GLN A 466 69.31 33.68 -3.59
C GLN A 466 69.28 33.60 -2.06
N LEU A 467 70.33 33.04 -1.45
CA LEU A 467 70.40 33.01 0.00
C LEU A 467 70.44 34.41 0.58
N LEU A 468 71.20 35.32 -0.06
CA LEU A 468 71.26 36.69 0.42
C LEU A 468 69.92 37.40 0.26
N ILE A 469 69.22 37.15 -0.86
CA ILE A 469 67.90 37.73 -1.04
C ILE A 469 66.94 37.22 0.03
N GLY A 470 66.99 35.92 0.32
CA GLY A 470 66.14 35.38 1.37
C GLY A 470 66.45 35.99 2.72
N PHE A 471 67.73 36.17 3.03
CA PHE A 471 68.13 36.76 4.31
C PHE A 471 67.63 38.19 4.43
N LEU A 472 67.82 38.99 3.37
CA LEU A 472 67.34 40.37 3.41
C LEU A 472 65.82 40.44 3.46
N LEU A 473 65.12 39.50 2.82
CA LEU A 473 63.67 39.51 2.91
C LEU A 473 63.20 39.13 4.31
N ILE A 474 63.86 38.17 4.95
CA ILE A 474 63.56 37.83 6.34
C ILE A 474 63.80 39.03 7.24
N TRP A 475 64.89 39.76 7.01
CA TRP A 475 65.18 40.94 7.81
C TRP A 475 64.12 42.02 7.61
N MET A 476 63.73 42.25 6.35
CA MET A 476 62.70 43.25 6.07
C MET A 476 61.37 42.88 6.73
N GLY A 477 61.03 41.59 6.71
CA GLY A 477 59.82 41.14 7.38
C GLY A 477 59.90 41.15 8.89
N LEU A 478 61.11 41.07 9.44
CA LEU A 478 61.28 41.04 10.89
C LEU A 478 61.12 42.44 11.48
N ASN A 479 61.73 43.45 10.88
CA ASN A 479 61.66 44.82 11.37
C ASN A 479 60.41 45.50 10.82
N ALA A 480 59.27 44.99 11.27
CA ALA A 480 57.96 45.53 10.86
C ALA A 480 56.96 45.23 11.97
N ARG A 481 56.49 46.28 12.63
CA ARG A 481 55.56 46.15 13.74
C ARG A 481 54.12 45.93 13.28
N GLY A 482 53.82 46.16 12.01
CA GLY A 482 52.44 46.03 11.56
C GLY A 482 52.01 44.58 11.41
N GLY A 483 50.73 44.34 11.65
CA GLY A 483 50.18 43.02 11.43
C GLY A 483 49.98 42.69 9.96
N THR A 484 49.93 41.39 9.69
CA THR A 484 49.68 40.82 8.36
C THR A 484 50.77 41.19 7.36
N VAL A 485 51.85 41.82 7.81
CA VAL A 485 52.98 42.13 6.94
C VAL A 485 54.26 41.40 7.35
N ALA A 486 54.39 40.97 8.61
CA ALA A 486 55.58 40.24 9.04
C ALA A 486 55.43 38.74 8.86
N MET A 487 54.23 38.20 9.09
CA MET A 487 54.03 36.76 8.97
C MET A 487 54.18 36.30 7.53
N SER A 488 53.52 36.97 6.59
CA SER A 488 53.59 36.58 5.19
C SER A 488 55.01 36.76 4.64
N PHE A 489 55.66 37.86 5.00
CA PHE A 489 57.01 38.09 4.52
C PHE A 489 57.99 37.05 5.06
N MET A 490 57.89 36.73 6.36
CA MET A 490 58.76 35.71 6.92
C MET A 490 58.48 34.34 6.31
N GLY A 491 57.20 34.04 6.04
CA GLY A 491 56.87 32.79 5.39
C GLY A 491 57.45 32.67 4.00
N ILE A 492 57.33 33.74 3.21
CA ILE A 492 57.90 33.74 1.86
C ILE A 492 59.42 33.64 1.92
N GLY A 493 60.03 34.32 2.88
CA GLY A 493 61.48 34.22 3.04
C GLY A 493 61.94 32.81 3.35
N ALA A 494 61.26 32.16 4.30
CA ALA A 494 61.61 30.78 4.64
C ALA A 494 61.36 29.85 3.45
N MET A 495 60.28 30.09 2.71
CA MET A 495 59.99 29.29 1.52
C MET A 495 61.13 29.40 0.51
N LEU A 496 61.61 30.63 0.27
CA LEU A 496 62.68 30.82 -0.70
C LEU A 496 63.99 30.21 -0.20
N ILE A 497 64.27 30.34 1.10
CA ILE A 497 65.47 29.73 1.67
C ILE A 497 65.43 28.22 1.50
N PHE A 498 64.27 27.61 1.74
CA PHE A 498 64.17 26.16 1.60
C PHE A 498 64.27 25.74 0.15
N LEU A 499 63.64 26.48 -0.76
CA LEU A 499 63.70 26.13 -2.18
C LEU A 499 65.11 26.29 -2.74
N ALA A 500 65.88 27.23 -2.20
CA ALA A 500 67.30 27.33 -2.57
C ALA A 500 68.13 26.24 -1.91
N THR A 501 67.73 25.78 -0.73
CA THR A 501 68.44 24.69 -0.08
C THR A 501 68.31 23.38 -0.85
N SER A 502 67.21 23.19 -1.56
CA SER A 502 67.00 21.99 -2.35
C SER A 502 67.81 22.06 -3.64
N VAL A 503 67.58 21.13 -4.54
CA VAL A 503 68.29 21.10 -5.81
C VAL A 503 67.66 22.08 -6.78
N SER A 504 68.48 22.75 -7.57
CA SER A 504 68.00 23.70 -8.56
C SER A 504 68.16 23.16 -9.97
N VAL B 1 -1.19 -45.26 -38.27
CA VAL B 1 -0.76 -44.66 -37.01
C VAL B 1 -0.59 -45.75 -35.95
N GLU B 2 0.30 -45.50 -35.00
CA GLU B 2 0.52 -46.45 -33.90
C GLU B 2 -0.50 -46.21 -32.80
N VAL B 3 -1.03 -47.29 -32.24
CA VAL B 3 -2.02 -47.22 -31.17
C VAL B 3 -1.50 -48.04 -30.00
N THR B 4 -1.28 -47.39 -28.86
CA THR B 4 -0.79 -48.06 -27.67
C THR B 4 -1.64 -47.65 -26.47
N LYS B 5 -1.42 -48.33 -25.35
CA LYS B 5 -2.12 -48.02 -24.11
C LYS B 5 -1.14 -48.10 -22.95
N LYS B 6 -0.96 -46.99 -22.25
CA LYS B 6 -0.06 -46.91 -21.10
C LYS B 6 -0.87 -46.40 -19.90
N GLY B 7 -1.27 -47.32 -19.03
CA GLY B 7 -2.03 -46.94 -17.85
C GLY B 7 -3.50 -46.69 -18.11
N ASP B 8 -4.14 -47.58 -18.86
CA ASP B 8 -5.58 -47.51 -19.14
C ASP B 8 -5.95 -46.23 -19.88
N THR B 9 -5.08 -45.76 -20.76
CA THR B 9 -5.36 -44.61 -21.61
C THR B 9 -4.68 -44.83 -22.96
N TYR B 10 -5.38 -44.50 -24.04
CA TYR B 10 -4.93 -44.81 -25.38
C TYR B 10 -4.16 -43.64 -25.98
N TYR B 11 -2.97 -43.93 -26.50
CA TYR B 11 -2.14 -42.95 -27.19
C TYR B 11 -2.07 -43.32 -28.67
N MET B 12 -2.26 -42.32 -29.53
CA MET B 12 -2.23 -42.50 -30.98
C MET B 12 -1.06 -41.73 -31.55
N PHE B 13 0.06 -42.43 -31.79
CA PHE B 13 1.21 -41.85 -32.46
C PHE B 13 0.89 -41.70 -33.94
N ALA B 14 0.54 -40.48 -34.35
CA ALA B 14 0.23 -40.19 -35.74
C ALA B 14 1.34 -39.37 -36.36
N ASP B 15 1.86 -39.83 -37.49
CA ASP B 15 2.93 -39.13 -38.19
C ASP B 15 2.33 -38.06 -39.10
N LYS B 16 3.15 -37.47 -39.97
CA LYS B 16 2.67 -36.43 -40.87
C LYS B 16 1.82 -37.01 -42.00
N LYS B 17 2.13 -38.21 -42.46
CA LYS B 17 1.45 -38.77 -43.63
C LYS B 17 -0.03 -38.98 -43.37
N ASP B 18 -0.39 -39.44 -42.16
CA ASP B 18 -1.79 -39.65 -41.80
C ASP B 18 -2.37 -38.35 -41.25
N ALA B 19 -2.66 -37.43 -42.17
CA ALA B 19 -3.24 -36.14 -41.83
C ALA B 19 -4.52 -35.94 -42.61
N GLY B 20 -5.65 -35.81 -41.90
CA GLY B 20 -6.93 -35.62 -42.54
C GLY B 20 -7.69 -36.88 -42.87
N LYS B 21 -7.28 -38.03 -42.34
CA LYS B 21 -7.95 -39.30 -42.59
C LYS B 21 -8.33 -39.96 -41.27
N VAL B 22 -9.34 -40.82 -41.34
CA VAL B 22 -9.83 -41.53 -40.17
C VAL B 22 -9.03 -42.83 -40.00
N VAL B 23 -9.15 -43.42 -38.82
CA VAL B 23 -8.47 -44.69 -38.55
C VAL B 23 -9.32 -45.49 -37.57
N THR B 24 -9.33 -46.81 -37.74
CA THR B 24 -10.11 -47.71 -36.92
C THR B 24 -9.17 -48.61 -36.13
N PHE B 25 -9.39 -48.70 -34.82
CA PHE B 25 -8.64 -49.59 -33.95
C PHE B 25 -9.60 -50.29 -33.01
N GLU B 26 -9.06 -51.02 -32.04
CA GLU B 26 -9.86 -51.83 -31.12
C GLU B 26 -9.62 -51.38 -29.69
N THR B 27 -10.69 -51.34 -28.91
CA THR B 27 -10.63 -51.03 -27.49
C THR B 27 -11.38 -52.11 -26.72
N GLU B 28 -11.37 -52.00 -25.39
CA GLU B 28 -12.07 -52.97 -24.55
C GLU B 28 -13.58 -52.97 -24.81
N SER B 29 -14.12 -51.85 -25.29
CA SER B 29 -15.55 -51.80 -25.62
C SER B 29 -15.83 -52.44 -26.97
N GLY B 30 -14.94 -52.25 -27.94
CA GLY B 30 -15.12 -52.82 -29.25
C GLY B 30 -14.34 -52.05 -30.30
N PRO B 31 -14.83 -52.07 -31.54
CA PRO B 31 -14.16 -51.28 -32.60
C PRO B 31 -14.43 -49.80 -32.44
N ASN B 32 -13.40 -48.99 -32.73
CA ASN B 32 -13.49 -47.55 -32.61
C ASN B 32 -12.95 -46.91 -33.89
N ARG B 33 -13.80 -46.12 -34.54
CA ARG B 33 -13.41 -45.33 -35.70
C ARG B 33 -13.21 -43.89 -35.23
N CYS B 34 -12.00 -43.37 -35.40
CA CYS B 34 -11.65 -42.05 -34.88
C CYS B 34 -11.11 -41.20 -36.01
N SER B 35 -11.65 -39.99 -36.14
CA SER B 35 -11.26 -39.06 -37.18
C SER B 35 -10.33 -38.00 -36.61
N ILE B 36 -9.35 -37.60 -37.43
CA ILE B 36 -8.32 -36.64 -37.05
C ILE B 36 -8.34 -35.50 -38.06
N GLN B 37 -8.50 -34.28 -37.56
CA GLN B 37 -8.53 -33.07 -38.36
C GLN B 37 -7.44 -32.10 -37.88
N ALA B 38 -6.28 -32.65 -37.55
CA ALA B 38 -5.17 -31.84 -37.06
C ALA B 38 -4.67 -30.93 -38.17
N MET B 39 -4.71 -29.62 -37.92
CA MET B 39 -4.28 -28.60 -38.85
C MET B 39 -2.81 -28.21 -38.69
N ASP B 40 -2.30 -28.18 -37.45
CA ASP B 40 -0.92 -27.84 -37.18
C ASP B 40 -0.03 -29.06 -37.04
N ILE B 41 -0.40 -30.18 -37.67
CA ILE B 41 0.40 -31.39 -37.53
C ILE B 41 1.70 -31.26 -38.31
N GLY B 42 2.78 -31.79 -37.74
CA GLY B 42 4.09 -31.72 -38.33
C GLY B 42 4.74 -33.08 -38.49
N HIS B 43 6.03 -33.09 -38.81
CA HIS B 43 6.78 -34.32 -39.00
C HIS B 43 7.17 -34.90 -37.64
N MET B 44 7.83 -36.05 -37.66
CA MET B 44 8.24 -36.69 -36.41
C MET B 44 9.53 -36.07 -35.90
N CYS B 45 9.51 -35.61 -34.66
CA CYS B 45 10.64 -34.92 -34.04
C CYS B 45 10.30 -34.71 -32.56
N PRO B 46 11.32 -34.44 -31.73
CA PRO B 46 11.08 -34.36 -30.27
C PRO B 46 9.97 -33.43 -29.84
N ALA B 47 9.77 -32.31 -30.54
CA ALA B 47 8.68 -31.40 -30.21
C ALA B 47 7.36 -32.08 -30.55
N THR B 48 6.66 -32.56 -29.52
CA THR B 48 5.45 -33.36 -29.68
C THR B 48 4.30 -32.71 -28.93
N MET B 49 3.26 -32.32 -29.67
CA MET B 49 2.03 -31.83 -29.08
C MET B 49 1.11 -33.01 -28.80
N SER B 50 0.57 -33.06 -27.58
CA SER B 50 -0.30 -34.14 -27.15
C SER B 50 -1.51 -33.56 -26.44
N TYR B 51 -2.70 -33.98 -26.87
CA TYR B 51 -3.93 -33.51 -26.24
C TYR B 51 -5.02 -34.56 -26.37
N GLU B 52 -5.76 -34.76 -25.29
CA GLU B 52 -6.91 -35.66 -25.32
C GLU B 52 -8.01 -35.06 -26.18
N CYS B 53 -8.58 -35.86 -27.07
CA CYS B 53 -9.75 -35.45 -27.83
C CYS B 53 -10.91 -36.35 -27.45
N PRO B 54 -12.09 -35.79 -27.21
CA PRO B 54 -13.13 -36.54 -26.48
C PRO B 54 -14.13 -37.26 -27.37
N VAL B 55 -14.79 -38.26 -26.78
CA VAL B 55 -15.90 -38.93 -27.45
C VAL B 55 -17.12 -38.01 -27.46
N LEU B 56 -17.93 -38.14 -28.51
CA LEU B 56 -19.16 -37.38 -28.64
C LEU B 56 -20.16 -38.18 -29.46
N GLU B 57 -21.41 -37.73 -29.41
CA GLU B 57 -22.50 -38.41 -30.12
C GLU B 57 -22.51 -38.01 -31.59
N PRO B 58 -22.73 -38.97 -32.50
CA PRO B 58 -22.72 -38.64 -33.94
C PRO B 58 -23.79 -37.65 -34.35
N GLN B 59 -24.75 -37.34 -33.48
CA GLN B 59 -25.85 -36.43 -33.79
C GLN B 59 -25.47 -34.96 -33.58
N TYR B 60 -24.17 -34.67 -33.41
CA TYR B 60 -23.69 -33.31 -33.20
C TYR B 60 -22.52 -33.04 -34.13
N GLU B 61 -22.43 -31.79 -34.62
CA GLU B 61 -21.32 -31.46 -35.47
C GLU B 61 -20.14 -30.97 -34.63
N PRO B 62 -18.91 -31.24 -35.04
CA PRO B 62 -17.76 -30.79 -34.23
C PRO B 62 -17.62 -29.28 -34.27
N GLU B 63 -17.38 -28.70 -33.10
CA GLU B 63 -17.20 -27.27 -32.95
C GLU B 63 -15.86 -27.00 -32.28
N ASP B 64 -14.97 -26.32 -33.00
CA ASP B 64 -13.65 -25.95 -32.47
C ASP B 64 -12.91 -27.18 -31.95
N VAL B 65 -13.02 -28.29 -32.70
CA VAL B 65 -12.41 -29.56 -32.34
C VAL B 65 -11.83 -30.18 -33.61
N ASP B 66 -10.58 -30.67 -33.52
CA ASP B 66 -9.90 -31.28 -34.65
C ASP B 66 -9.57 -32.75 -34.42
N CYS B 67 -10.20 -33.40 -33.45
CA CYS B 67 -9.99 -34.81 -33.19
C CYS B 67 -11.23 -35.36 -32.50
N TRP B 68 -11.80 -36.44 -33.03
CA TRP B 68 -12.89 -37.05 -32.29
C TRP B 68 -13.06 -38.52 -32.67
N CYS B 69 -13.30 -39.34 -31.66
CA CYS B 69 -13.47 -40.78 -31.80
C CYS B 69 -14.75 -41.16 -31.09
N ASN B 70 -15.27 -42.36 -31.38
CA ASN B 70 -16.46 -42.83 -30.68
C ASN B 70 -16.23 -44.24 -30.15
N SER B 71 -15.45 -44.34 -29.07
CA SER B 71 -15.59 -45.40 -28.07
C SER B 71 -15.47 -44.76 -26.71
N THR B 72 -14.52 -43.84 -26.60
CA THR B 72 -14.08 -43.16 -25.37
C THR B 72 -13.30 -41.93 -25.80
N ALA B 73 -12.68 -41.25 -24.83
CA ALA B 73 -11.78 -40.15 -25.13
C ALA B 73 -10.39 -40.70 -25.43
N ALA B 74 -9.79 -40.24 -26.52
CA ALA B 74 -8.50 -40.75 -26.98
C ALA B 74 -7.46 -39.64 -26.98
N TRP B 75 -6.28 -39.93 -26.46
CA TRP B 75 -5.18 -38.97 -26.41
C TRP B 75 -4.39 -39.04 -27.71
N ILE B 76 -4.29 -37.92 -28.41
CA ILE B 76 -3.53 -37.87 -29.66
C ILE B 76 -2.22 -37.15 -29.39
N VAL B 77 -1.18 -37.55 -30.13
CA VAL B 77 0.14 -36.94 -30.01
C VAL B 77 0.80 -36.96 -31.39
N TYR B 78 1.48 -35.87 -31.72
CA TYR B 78 2.15 -35.76 -33.01
C TYR B 78 3.22 -34.68 -32.94
N GLY B 79 4.27 -34.87 -33.75
CA GLY B 79 5.35 -33.90 -33.78
C GLY B 79 4.96 -32.61 -34.47
N THR B 80 5.74 -31.56 -34.20
CA THR B 80 5.49 -30.23 -34.76
C THR B 80 6.84 -29.58 -35.08
N CYS B 81 7.28 -29.75 -36.33
CA CYS B 81 8.51 -29.13 -36.82
C CYS B 81 8.48 -29.11 -38.34
N THR B 82 9.52 -28.54 -38.94
CA THR B 82 9.54 -28.20 -40.36
C THR B 82 10.62 -29.00 -41.08
N HIS B 83 10.22 -29.74 -42.11
CA HIS B 83 11.14 -30.46 -43.01
C HIS B 83 12.11 -31.35 -42.23
N LYS B 84 11.69 -31.83 -41.07
CA LYS B 84 12.50 -32.76 -40.26
C LYS B 84 13.90 -32.21 -39.99
N THR B 85 14.03 -30.88 -39.92
CA THR B 85 15.30 -30.23 -39.65
C THR B 85 15.53 -30.02 -38.15
N THR B 86 14.80 -30.73 -37.29
CA THR B 86 14.92 -30.61 -35.85
C THR B 86 14.74 -29.16 -35.38
N GLY B 87 13.86 -28.44 -36.06
CA GLY B 87 13.61 -27.06 -35.72
C GLY B 87 12.15 -26.68 -35.69
N GLU B 88 11.72 -26.07 -34.59
CA GLU B 88 10.35 -25.62 -34.43
C GLU B 88 10.06 -24.41 -35.31
N THR B 89 8.78 -24.09 -35.45
CA THR B 89 8.37 -22.95 -36.27
C THR B 89 8.75 -21.64 -35.60
N ARG B 90 8.54 -21.53 -34.29
CA ARG B 90 8.87 -20.37 -33.45
C ARG B 90 8.54 -19.03 -34.11
N ARG B 91 7.45 -18.97 -34.87
CA ARG B 91 7.07 -17.73 -35.56
C ARG B 91 6.06 -16.98 -34.69
N SER B 92 6.61 -16.31 -33.67
CA SER B 92 5.83 -15.51 -32.74
C SER B 92 5.85 -14.02 -33.08
N ARG B 93 7.01 -13.50 -33.45
CA ARG B 93 7.16 -12.10 -33.83
C ARG B 93 6.71 -11.16 -32.72
N ARG B 94 7.02 -11.52 -31.48
CA ARG B 94 6.67 -10.66 -30.35
C ARG B 94 7.54 -9.41 -30.34
N SER B 95 8.84 -9.57 -30.59
CA SER B 95 9.81 -8.48 -30.64
C SER B 95 9.78 -7.67 -29.35
N ILE B 96 10.15 -8.36 -28.26
CA ILE B 96 10.21 -7.72 -26.95
C ILE B 96 11.33 -6.69 -26.94
N THR B 97 11.05 -5.53 -26.35
CA THR B 97 12.02 -4.44 -26.30
C THR B 97 12.52 -4.26 -24.87
N LEU B 98 13.76 -3.82 -24.76
CA LEU B 98 14.43 -3.60 -23.49
C LEU B 98 14.74 -2.12 -23.29
N PRO B 99 14.81 -1.66 -22.04
CA PRO B 99 15.20 -0.27 -21.81
C PRO B 99 16.63 -0.02 -22.27
N SER B 100 16.86 1.17 -22.81
CA SER B 100 18.17 1.52 -23.35
C SER B 100 19.24 1.52 -22.25
N HIS B 101 19.10 2.42 -21.27
CA HIS B 101 20.06 2.52 -20.17
C HIS B 101 19.50 3.39 -19.05
N ILE C 1 12.50 -26.12 53.93
CA ILE C 1 13.71 -26.03 53.13
C ILE C 1 13.36 -25.85 51.66
N ARG C 2 12.06 -25.77 51.38
CA ARG C 2 11.56 -25.61 50.02
C ARG C 2 11.83 -24.21 49.46
N CYS C 3 12.25 -23.27 50.30
CA CYS C 3 12.41 -21.88 49.92
C CYS C 3 13.88 -21.49 49.71
N ILE C 4 14.77 -22.47 49.73
CA ILE C 4 16.21 -22.16 49.59
C ILE C 4 16.53 -21.77 48.16
N GLY C 5 16.28 -22.68 47.21
CA GLY C 5 16.60 -22.43 45.82
C GLY C 5 15.50 -21.74 45.02
N ILE C 6 15.18 -20.50 45.40
CA ILE C 6 14.16 -19.72 44.72
C ILE C 6 14.73 -18.34 44.44
N GLY C 7 14.57 -17.87 43.20
CA GLY C 7 15.10 -16.57 42.84
C GLY C 7 14.36 -15.43 43.51
N ASN C 8 13.03 -15.49 43.51
CA ASN C 8 12.19 -14.42 44.07
C ASN C 8 11.81 -14.86 45.48
N ARG C 9 12.66 -14.52 46.45
CA ARG C 9 12.44 -14.87 47.84
C ARG C 9 12.38 -13.60 48.68
N ASP C 10 11.41 -13.55 49.60
CA ASP C 10 11.22 -12.43 50.50
C ASP C 10 11.49 -12.86 51.94
N PHE C 11 11.35 -11.89 52.85
CA PHE C 11 11.50 -12.14 54.27
C PHE C 11 10.47 -11.31 55.02
N ILE C 12 9.63 -11.98 55.81
CA ILE C 12 8.57 -11.32 56.57
C ILE C 12 8.79 -11.59 58.04
N GLU C 13 8.81 -10.53 58.84
CA GLU C 13 8.94 -10.64 60.29
C GLU C 13 7.80 -9.85 60.93
N GLY C 14 7.13 -10.46 61.90
CA GLY C 14 6.04 -9.82 62.60
C GLY C 14 6.43 -9.35 63.98
N MET C 15 5.49 -8.63 64.61
CA MET C 15 5.71 -8.14 65.97
C MET C 15 5.83 -9.30 66.94
N SER C 16 6.52 -9.04 68.06
CA SER C 16 6.69 -10.06 69.08
C SER C 16 5.34 -10.53 69.62
N GLY C 17 4.52 -9.60 70.09
CA GLY C 17 3.17 -9.91 70.54
C GLY C 17 2.12 -9.98 69.46
N GLY C 18 2.47 -9.67 68.22
CA GLY C 18 1.51 -9.70 67.14
C GLY C 18 1.27 -11.08 66.58
N THR C 19 0.08 -11.64 66.81
CA THR C 19 -0.22 -12.98 66.35
C THR C 19 -0.55 -13.00 64.86
N TRP C 20 -1.35 -12.05 64.40
CA TRP C 20 -1.75 -12.01 62.99
C TRP C 20 -0.64 -11.39 62.15
N VAL C 21 -0.54 -11.82 60.90
CA VAL C 21 0.43 -11.24 59.98
C VAL C 21 -0.03 -11.51 58.55
N ASP C 22 0.07 -10.50 57.70
CA ASP C 22 -0.36 -10.60 56.32
C ASP C 22 0.83 -10.84 55.40
N ILE C 23 0.58 -11.58 54.31
CA ILE C 23 1.61 -11.90 53.33
C ILE C 23 0.99 -11.92 51.94
N VAL C 24 1.86 -11.87 50.93
CA VAL C 24 1.46 -11.98 49.54
C VAL C 24 2.32 -13.05 48.88
N LEU C 25 1.69 -13.94 48.13
CA LEU C 25 2.34 -15.06 47.47
C LEU C 25 2.25 -14.88 45.97
N GLU C 26 3.39 -14.98 45.28
CA GLU C 26 3.43 -14.95 43.83
C GLU C 26 3.60 -16.36 43.29
N HIS C 27 3.09 -16.58 42.09
CA HIS C 27 3.12 -17.92 41.51
C HIS C 27 4.52 -18.36 41.12
N GLY C 28 5.47 -17.43 41.01
CA GLY C 28 6.84 -17.76 40.71
C GLY C 28 7.83 -17.56 41.83
N GLY C 29 7.36 -17.34 43.06
CA GLY C 29 8.26 -17.07 44.17
C GLY C 29 7.94 -17.84 45.43
N CYS C 30 8.42 -17.32 46.56
CA CYS C 30 8.27 -17.99 47.85
C CYS C 30 8.24 -16.92 48.94
N VAL C 31 7.80 -17.32 50.13
CA VAL C 31 7.75 -16.41 51.29
C VAL C 31 8.31 -17.14 52.50
N THR C 32 9.22 -16.47 53.21
CA THR C 32 9.78 -16.98 54.46
C THR C 32 9.28 -16.13 55.62
N VAL C 33 8.68 -16.78 56.61
CA VAL C 33 8.12 -16.11 57.78
C VAL C 33 8.89 -16.56 59.02
N MET C 34 9.42 -15.61 59.77
CA MET C 34 10.19 -15.89 60.97
C MET C 34 9.68 -15.03 62.11
N SER C 35 10.00 -15.45 63.34
CA SER C 35 9.57 -14.74 64.53
C SER C 35 10.64 -14.95 65.61
N ASN C 36 10.33 -14.49 66.82
CA ASN C 36 11.29 -14.61 67.92
C ASN C 36 11.21 -15.98 68.59
N ASN C 37 10.01 -16.43 68.93
CA ASN C 37 9.80 -17.71 69.59
C ASN C 37 9.14 -18.74 68.69
N LYS C 38 8.73 -18.37 67.49
CA LYS C 38 8.07 -19.31 66.60
C LYS C 38 9.05 -19.86 65.58
N PRO C 39 8.86 -21.11 65.14
CA PRO C 39 9.76 -21.68 64.13
C PRO C 39 9.50 -21.06 62.77
N THR C 40 10.55 -21.05 61.95
CA THR C 40 10.48 -20.46 60.63
C THR C 40 9.60 -21.30 59.72
N LEU C 41 8.70 -20.63 58.98
CA LEU C 41 7.84 -21.30 58.02
C LEU C 41 8.15 -20.81 56.61
N ASP C 42 7.87 -21.64 55.63
CA ASP C 42 8.14 -21.32 54.23
C ASP C 42 6.90 -21.67 53.41
N PHE C 43 6.29 -20.64 52.80
CA PHE C 43 5.07 -20.80 52.02
C PHE C 43 5.39 -20.66 50.54
N GLU C 44 4.80 -21.54 49.73
CA GLU C 44 4.93 -21.45 48.29
C GLU C 44 3.60 -21.80 47.64
N LEU C 45 3.34 -21.21 46.47
CA LEU C 45 2.15 -21.48 45.68
C LEU C 45 2.58 -22.27 44.45
N VAL C 46 2.02 -23.48 44.28
CA VAL C 46 2.52 -24.36 43.23
C VAL C 46 1.77 -24.16 41.91
N THR C 47 0.46 -24.38 41.91
CA THR C 47 -0.32 -24.38 40.68
C THR C 47 -1.70 -23.80 40.96
N THR C 48 -2.26 -23.11 39.96
CA THR C 48 -3.66 -22.72 39.99
C THR C 48 -4.50 -23.79 39.30
N THR C 49 -5.49 -24.32 40.01
CA THR C 49 -6.32 -25.41 39.51
C THR C 49 -7.70 -24.88 39.16
N ALA C 50 -8.17 -25.18 37.95
CA ALA C 50 -9.51 -24.83 37.51
C ALA C 50 -10.29 -26.10 37.22
N SER C 51 -11.44 -26.27 37.87
CA SER C 51 -12.24 -27.47 37.72
C SER C 51 -13.71 -27.08 37.62
N ASN C 52 -14.49 -28.00 37.05
CA ASN C 52 -15.94 -27.82 36.88
C ASN C 52 -16.24 -26.56 36.07
N MET C 53 -15.57 -26.42 34.94
CA MET C 53 -15.76 -25.26 34.09
C MET C 53 -16.98 -25.45 33.18
N ALA C 54 -17.82 -24.43 33.09
CA ALA C 54 -18.98 -24.49 32.23
C ALA C 54 -18.59 -24.24 30.78
N GLU C 55 -19.45 -24.70 29.87
CA GLU C 55 -19.23 -24.57 28.44
C GLU C 55 -20.10 -23.46 27.90
N VAL C 56 -19.54 -22.63 27.01
CA VAL C 56 -20.24 -21.45 26.48
C VAL C 56 -20.57 -21.62 25.00
N ARG C 57 -19.62 -22.10 24.20
CA ARG C 57 -19.84 -22.21 22.76
C ARG C 57 -18.87 -23.24 22.20
N SER C 58 -19.28 -23.87 21.11
CA SER C 58 -18.47 -24.87 20.43
C SER C 58 -18.49 -24.61 18.93
N TYR C 59 -17.32 -24.65 18.31
CA TYR C 59 -17.16 -24.45 16.88
C TYR C 59 -16.82 -25.78 16.20
N CYS C 60 -17.05 -25.82 14.89
CA CYS C 60 -16.81 -27.02 14.09
C CYS C 60 -15.89 -26.65 12.94
N TYR C 61 -14.63 -27.09 13.01
CA TYR C 61 -13.67 -26.73 11.97
C TYR C 61 -13.80 -27.67 10.76
N GLU C 62 -13.85 -28.97 10.99
CA GLU C 62 -13.96 -29.95 9.92
C GLU C 62 -15.35 -30.56 9.95
N ALA C 63 -16.01 -30.57 8.79
CA ALA C 63 -17.38 -31.06 8.67
C ALA C 63 -17.52 -31.91 7.41
N ASN C 64 -18.60 -32.67 7.36
CA ASN C 64 -18.94 -33.48 6.19
C ASN C 64 -20.36 -33.16 5.75
N ILE C 65 -20.69 -33.56 4.52
CA ILE C 65 -22.02 -33.38 3.97
C ILE C 65 -22.45 -34.68 3.30
N SER C 66 -23.76 -34.81 3.11
CA SER C 66 -24.33 -35.99 2.48
C SER C 66 -25.75 -35.69 2.04
N GLU C 67 -26.23 -36.46 1.07
CA GLU C 67 -27.61 -36.39 0.58
C GLU C 67 -27.94 -35.00 0.03
N MET C 68 -27.13 -34.55 -0.92
CA MET C 68 -27.38 -33.28 -1.59
C MET C 68 -28.57 -33.41 -2.53
N ALA C 69 -29.53 -32.49 -2.40
CA ALA C 69 -30.71 -32.48 -3.26
C ALA C 69 -30.99 -31.06 -3.72
N SER C 70 -31.64 -30.96 -4.88
CA SER C 70 -31.96 -29.69 -5.51
C SER C 70 -33.31 -29.79 -6.21
N ASP C 71 -33.93 -28.63 -6.44
CA ASP C 71 -35.21 -28.57 -7.13
C ASP C 71 -35.30 -27.24 -7.87
N SER C 72 -35.71 -27.30 -9.14
CA SER C 72 -35.77 -26.13 -10.00
C SER C 72 -37.17 -25.98 -10.60
N ARG C 73 -37.67 -24.74 -10.62
CA ARG C 73 -38.93 -24.41 -11.27
C ARG C 73 -38.68 -23.24 -12.20
N CYS C 74 -39.20 -23.30 -13.42
CA CYS C 74 -39.06 -22.21 -14.37
C CYS C 74 -40.26 -21.28 -14.26
N PRO C 75 -40.20 -20.08 -14.89
CA PRO C 75 -41.28 -19.09 -14.71
C PRO C 75 -42.69 -19.61 -14.89
N THR C 76 -43.66 -18.87 -14.35
CA THR C 76 -45.07 -19.26 -14.32
C THR C 76 -45.26 -20.54 -13.51
N GLN C 77 -44.42 -20.75 -12.51
CA GLN C 77 -44.58 -21.88 -11.60
C GLN C 77 -44.38 -21.52 -10.13
N GLY C 78 -43.85 -20.34 -9.82
CA GLY C 78 -43.66 -19.93 -8.44
C GLY C 78 -42.32 -20.34 -7.89
N GLU C 79 -42.21 -20.25 -6.57
CA GLU C 79 -40.98 -20.60 -5.88
C GLU C 79 -40.82 -22.11 -5.78
N ALA C 80 -39.56 -22.55 -5.82
CA ALA C 80 -39.28 -23.98 -5.67
C ALA C 80 -39.53 -24.41 -4.22
N TYR C 81 -39.82 -25.69 -4.06
CA TYR C 81 -40.13 -26.24 -2.74
C TYR C 81 -39.43 -27.59 -2.58
N LEU C 82 -39.02 -27.87 -1.35
CA LEU C 82 -38.43 -29.16 -0.98
C LEU C 82 -38.85 -29.51 0.43
N ASP C 83 -39.08 -30.81 0.66
CA ASP C 83 -39.53 -31.25 1.98
C ASP C 83 -38.43 -31.10 3.03
N LYS C 84 -37.17 -31.16 2.62
CA LYS C 84 -36.06 -31.07 3.56
C LYS C 84 -35.75 -29.64 3.99
N MET C 85 -36.52 -28.66 3.50
CA MET C 85 -36.28 -27.27 3.88
C MET C 85 -36.62 -27.03 5.34
N ALA C 86 -37.71 -27.64 5.82
CA ALA C 86 -38.17 -27.41 7.19
C ALA C 86 -37.26 -28.05 8.23
N ASP C 87 -36.35 -28.94 7.84
CA ASP C 87 -35.48 -29.61 8.78
C ASP C 87 -34.29 -28.72 9.13
N SER C 88 -33.94 -28.69 10.41
CA SER C 88 -32.85 -27.84 10.87
C SER C 88 -31.47 -28.39 10.52
N GLN C 89 -31.37 -29.66 10.19
CA GLN C 89 -30.08 -30.26 9.86
C GLN C 89 -29.72 -30.13 8.39
N PHE C 90 -30.62 -29.61 7.56
CA PHE C 90 -30.38 -29.46 6.13
C PHE C 90 -30.33 -27.97 5.78
N VAL C 91 -29.24 -27.56 5.15
CA VAL C 91 -29.04 -26.17 4.74
C VAL C 91 -29.23 -26.07 3.23
N CYS C 92 -30.08 -25.12 2.80
CA CYS C 92 -30.24 -24.79 1.40
C CYS C 92 -30.12 -23.32 1.09
N LYS C 93 -29.86 -23.09 -0.20
CA LYS C 93 -29.71 -21.77 -0.79
C LYS C 93 -30.61 -21.69 -2.01
N ARG C 94 -31.13 -20.49 -2.25
CA ARG C 94 -31.98 -20.19 -3.40
C ARG C 94 -31.22 -19.37 -4.43
N GLY C 95 -31.73 -19.40 -5.65
CA GLY C 95 -31.11 -18.68 -6.75
C GLY C 95 -32.03 -18.65 -7.95
N TYR C 96 -31.60 -17.90 -8.96
CA TYR C 96 -32.37 -17.74 -10.19
C TYR C 96 -31.48 -18.11 -11.36
N VAL C 97 -31.95 -19.03 -12.18
CA VAL C 97 -31.18 -19.54 -13.31
C VAL C 97 -31.97 -19.41 -14.60
N ASP C 98 -31.27 -19.14 -15.70
CA ASP C 98 -31.92 -18.97 -16.99
C ASP C 98 -32.42 -20.32 -17.52
N ARG C 99 -33.64 -20.31 -18.06
CA ARG C 99 -34.30 -21.52 -18.55
C ARG C 99 -34.79 -21.31 -19.98
N GLY C 100 -35.09 -22.44 -20.63
CA GLY C 100 -35.60 -22.40 -21.99
C GLY C 100 -36.19 -23.73 -22.40
N TRP C 101 -36.36 -23.89 -23.70
CA TRP C 101 -36.89 -25.15 -24.23
C TRP C 101 -35.94 -26.32 -23.99
N GLY C 102 -34.65 -26.03 -23.90
CA GLY C 102 -33.66 -27.06 -23.62
C GLY C 102 -33.71 -27.60 -22.20
N ASN C 103 -34.44 -26.94 -21.30
CA ASN C 103 -34.52 -27.33 -19.90
C ASN C 103 -35.87 -27.92 -19.53
N GLY C 104 -36.84 -27.95 -20.44
CA GLY C 104 -38.08 -28.65 -20.15
C GLY C 104 -39.36 -27.90 -20.42
N CYS C 105 -39.39 -26.59 -20.15
CA CYS C 105 -40.60 -25.80 -20.31
C CYS C 105 -40.38 -24.73 -21.37
N GLY C 106 -41.48 -24.10 -21.79
CA GLY C 106 -41.48 -23.27 -22.97
C GLY C 106 -41.07 -21.82 -22.76
N LEU C 107 -41.65 -21.15 -21.77
CA LEU C 107 -41.45 -19.72 -21.60
C LEU C 107 -39.98 -19.38 -21.38
N PHE C 108 -39.53 -18.32 -22.04
CA PHE C 108 -38.12 -17.92 -22.02
C PHE C 108 -37.89 -16.93 -20.89
N GLY C 109 -37.60 -17.45 -19.70
CA GLY C 109 -37.31 -16.60 -18.56
C GLY C 109 -36.50 -17.36 -17.55
N LYS C 110 -36.05 -16.65 -16.52
CA LYS C 110 -35.28 -17.28 -15.48
C LYS C 110 -36.18 -17.78 -14.36
N GLY C 111 -35.80 -18.91 -13.77
CA GLY C 111 -36.59 -19.56 -12.75
C GLY C 111 -35.90 -19.53 -11.40
N SER C 112 -36.55 -20.21 -10.44
CA SER C 112 -36.10 -20.31 -9.07
C SER C 112 -35.61 -21.73 -8.80
N ILE C 113 -34.38 -21.86 -8.34
CA ILE C 113 -33.78 -23.14 -8.00
C ILE C 113 -33.31 -23.08 -6.54
N VAL C 114 -33.57 -24.16 -5.81
CA VAL C 114 -33.17 -24.28 -4.41
C VAL C 114 -32.36 -25.56 -4.27
N THR C 115 -31.38 -25.53 -3.36
CA THR C 115 -30.51 -26.68 -3.17
C THR C 115 -30.09 -26.79 -1.72
N CYS C 116 -30.45 -27.91 -1.07
CA CYS C 116 -30.00 -28.20 0.29
C CYS C 116 -29.43 -29.60 0.47
N ALA C 117 -28.66 -29.70 1.55
CA ALA C 117 -27.90 -30.88 1.90
C ALA C 117 -27.75 -30.96 3.41
N LYS C 118 -27.49 -32.16 3.89
CA LYS C 118 -27.29 -32.41 5.31
C LYS C 118 -25.96 -31.81 5.77
N PHE C 119 -25.81 -31.73 7.10
CA PHE C 119 -24.61 -31.16 7.71
C PHE C 119 -24.30 -31.96 8.97
N THR C 120 -23.13 -32.60 9.00
CA THR C 120 -22.71 -33.42 10.12
C THR C 120 -21.30 -33.02 10.53
N CYS C 121 -21.13 -32.68 11.80
CA CYS C 121 -19.85 -32.20 12.32
C CYS C 121 -19.03 -33.39 12.81
N VAL C 122 -17.99 -33.74 12.05
CA VAL C 122 -17.16 -34.90 12.41
C VAL C 122 -16.19 -34.55 13.53
N LYS C 123 -15.62 -33.35 13.51
CA LYS C 123 -14.68 -32.92 14.53
C LYS C 123 -15.01 -31.50 14.96
N LYS C 124 -14.81 -31.22 16.25
CA LYS C 124 -15.18 -29.92 16.80
C LYS C 124 -14.25 -29.55 17.95
N LEU C 125 -14.24 -28.26 18.26
CA LEU C 125 -13.50 -27.71 19.39
C LEU C 125 -14.49 -27.00 20.31
N THR C 126 -14.09 -26.81 21.56
CA THR C 126 -15.01 -26.32 22.58
C THR C 126 -14.42 -25.10 23.28
N GLY C 127 -15.32 -24.29 23.84
CA GLY C 127 -14.94 -23.12 24.60
C GLY C 127 -15.60 -23.08 25.96
N LYS C 128 -14.81 -22.90 27.01
CA LYS C 128 -15.31 -22.88 28.36
C LYS C 128 -15.04 -21.52 29.01
N SER C 129 -15.88 -21.18 29.98
CA SER C 129 -15.71 -19.99 30.80
C SER C 129 -15.11 -20.36 32.16
N ILE C 130 -14.55 -19.35 32.82
CA ILE C 130 -13.89 -19.54 34.10
C ILE C 130 -14.53 -18.59 35.11
N GLN C 131 -15.07 -19.14 36.18
CA GLN C 131 -15.71 -18.39 37.25
C GLN C 131 -14.82 -18.38 38.49
N PRO C 132 -14.88 -17.31 39.29
CA PRO C 132 -14.03 -17.25 40.48
C PRO C 132 -14.28 -18.37 41.47
N GLU C 133 -15.53 -18.85 41.57
CA GLU C 133 -15.84 -19.91 42.52
C GLU C 133 -15.30 -21.27 42.08
N ASN C 134 -14.82 -21.40 40.85
CA ASN C 134 -14.24 -22.65 40.38
C ASN C 134 -12.75 -22.77 40.67
N LEU C 135 -12.05 -21.66 40.85
CA LEU C 135 -10.61 -21.69 41.04
C LEU C 135 -10.25 -22.32 42.38
N GLU C 136 -9.10 -22.98 42.41
CA GLU C 136 -8.61 -23.60 43.64
C GLU C 136 -7.10 -23.56 43.63
N TYR C 137 -6.51 -22.88 44.61
CA TYR C 137 -5.07 -22.72 44.69
C TYR C 137 -4.47 -23.78 45.62
N ARG C 138 -3.21 -24.12 45.38
CA ARG C 138 -2.50 -25.09 46.20
C ARG C 138 -1.21 -24.45 46.72
N VAL C 139 -1.05 -24.47 48.04
CA VAL C 139 0.11 -23.88 48.70
C VAL C 139 0.77 -24.95 49.56
N LEU C 140 2.08 -25.10 49.39
CA LEU C 140 2.88 -25.98 50.22
C LEU C 140 3.56 -25.18 51.33
N VAL C 141 3.56 -25.78 52.52
CA VAL C 141 4.12 -25.17 53.72
C VAL C 141 5.23 -26.09 54.22
N SER C 142 6.43 -25.54 54.37
CA SER C 142 7.57 -26.26 54.90
C SER C 142 8.02 -25.61 56.21
N VAL C 143 8.67 -26.40 57.06
CA VAL C 143 9.14 -25.94 58.35
C VAL C 143 10.63 -26.20 58.44
N HIS C 144 11.40 -25.20 58.83
CA HIS C 144 12.83 -25.38 59.06
C HIS C 144 13.05 -26.17 60.34
N ALA C 145 13.13 -27.49 60.23
CA ALA C 145 13.33 -28.38 61.36
C ALA C 145 14.71 -29.03 61.33
N SER C 146 15.71 -28.30 60.83
CA SER C 146 17.07 -28.82 60.66
C SER C 146 17.08 -30.12 59.87
N GLN C 147 16.25 -30.17 58.83
CA GLN C 147 16.15 -31.36 57.98
C GLN C 147 17.45 -31.57 57.22
N HIS C 148 17.62 -32.79 56.72
CA HIS C 148 18.83 -33.12 55.97
C HIS C 148 18.98 -32.29 54.70
N GLY C 149 17.88 -31.79 54.14
CA GLY C 149 17.97 -30.95 52.97
C GLY C 149 18.30 -31.68 51.68
N GLY C 150 18.03 -32.98 51.61
CA GLY C 150 18.29 -33.74 50.39
C GLY C 150 17.09 -33.70 49.46
N MET C 151 17.38 -33.51 48.17
CA MET C 151 16.35 -33.43 47.14
C MET C 151 16.21 -34.81 46.49
N ILE C 152 15.51 -35.70 47.20
CA ILE C 152 15.28 -37.05 46.72
C ILE C 152 13.77 -37.30 46.75
N ASN C 153 13.05 -36.41 47.41
CA ASN C 153 11.59 -36.51 47.57
C ASN C 153 10.93 -35.42 46.72
N ASN C 154 10.69 -35.74 45.45
CA ASN C 154 10.08 -34.81 44.52
C ASN C 154 8.55 -34.87 44.56
N ASP C 155 7.99 -36.07 44.43
CA ASP C 155 6.54 -36.23 44.44
C ASP C 155 6.04 -36.26 45.88
N THR C 156 4.76 -36.61 46.05
CA THR C 156 4.13 -36.66 47.36
C THR C 156 3.87 -38.10 47.83
N ASN C 157 4.64 -39.06 47.33
CA ASN C 157 4.41 -40.46 47.68
C ASN C 157 4.93 -40.78 49.08
N HIS C 158 6.20 -40.48 49.34
CA HIS C 158 6.82 -40.79 50.62
C HIS C 158 8.01 -39.86 50.81
N GLN C 159 8.85 -40.15 51.81
CA GLN C 159 10.00 -39.33 52.16
C GLN C 159 9.60 -37.90 52.49
N HIS C 160 8.38 -37.71 53.00
CA HIS C 160 7.88 -36.42 53.43
C HIS C 160 7.24 -36.60 54.80
N ASP C 161 7.99 -36.28 55.85
CA ASP C 161 7.46 -36.37 57.21
C ASP C 161 6.29 -35.41 57.37
N LYS C 162 5.14 -35.95 57.78
CA LYS C 162 3.91 -35.15 57.84
C LYS C 162 3.97 -34.03 58.88
N GLU C 163 4.95 -34.06 59.78
CA GLU C 163 5.12 -32.97 60.74
C GLU C 163 6.09 -31.89 60.25
N ASN C 164 6.68 -32.08 59.08
CA ASN C 164 7.63 -31.10 58.54
C ASN C 164 7.14 -30.41 57.28
N ARG C 165 6.20 -31.00 56.55
CA ARG C 165 5.66 -30.41 55.34
C ARG C 165 4.15 -30.63 55.31
N ALA C 166 3.46 -29.76 54.57
CA ALA C 166 2.01 -29.88 54.45
C ALA C 166 1.55 -29.18 53.18
N ARG C 167 0.36 -29.57 52.72
CA ARG C 167 -0.27 -28.98 51.54
C ARG C 167 -1.64 -28.45 51.92
N ILE C 168 -2.02 -27.31 51.34
CA ILE C 168 -3.27 -26.65 51.65
C ILE C 168 -3.95 -26.25 50.36
N ASP C 169 -5.25 -26.54 50.25
CA ASP C 169 -6.07 -26.21 49.09
C ASP C 169 -6.98 -25.05 49.46
N ILE C 170 -6.68 -23.87 48.94
CA ILE C 170 -7.47 -22.67 49.18
C ILE C 170 -8.55 -22.59 48.11
N THR C 171 -9.80 -22.59 48.54
CA THR C 171 -10.95 -22.52 47.65
C THR C 171 -11.73 -21.23 47.92
N ALA C 172 -12.52 -20.82 46.93
CA ALA C 172 -13.34 -19.63 47.06
C ALA C 172 -14.54 -19.87 47.99
N SER C 173 -14.93 -21.13 48.19
CA SER C 173 -16.05 -21.43 49.08
C SER C 173 -15.69 -21.16 50.53
N ALA C 174 -14.61 -21.77 51.01
CA ALA C 174 -14.17 -21.58 52.40
C ALA C 174 -12.74 -21.07 52.41
N PRO C 175 -12.53 -19.74 52.53
CA PRO C 175 -11.17 -19.21 52.55
C PRO C 175 -10.46 -19.35 53.89
N ARG C 176 -11.15 -19.82 54.93
CA ARG C 176 -10.56 -20.01 56.25
C ARG C 176 -10.18 -21.47 56.43
N VAL C 177 -8.90 -21.74 56.66
CA VAL C 177 -8.40 -23.09 56.81
C VAL C 177 -7.55 -23.19 58.08
N GLU C 178 -7.57 -24.37 58.68
CA GLU C 178 -6.79 -24.65 59.88
C GLU C 178 -5.75 -25.71 59.53
N VAL C 179 -4.48 -25.36 59.68
CA VAL C 179 -3.38 -26.23 59.29
C VAL C 179 -2.79 -26.87 60.53
N GLU C 180 -2.61 -28.19 60.49
CA GLU C 180 -2.01 -28.95 61.59
C GLU C 180 -0.62 -29.40 61.15
N LEU C 181 0.40 -29.01 61.91
CA LEU C 181 1.78 -29.39 61.63
C LEU C 181 2.30 -30.44 62.60
N GLY C 182 1.40 -31.14 63.30
CA GLY C 182 1.80 -32.17 64.24
C GLY C 182 2.35 -31.65 65.54
N SER C 183 3.61 -31.98 65.83
CA SER C 183 4.21 -31.58 67.10
C SER C 183 4.47 -30.07 67.15
N PHE C 184 4.66 -29.44 65.99
CA PHE C 184 4.94 -28.00 65.98
C PHE C 184 3.74 -27.20 66.47
N GLY C 185 2.53 -27.59 66.07
CA GLY C 185 1.32 -26.94 66.49
C GLY C 185 0.37 -26.77 65.33
N SER C 186 -0.54 -25.81 65.46
CA SER C 186 -1.52 -25.52 64.45
C SER C 186 -1.52 -24.03 64.14
N ILE C 187 -1.80 -23.69 62.88
CA ILE C 187 -1.91 -22.31 62.43
C ILE C 187 -3.25 -22.13 61.72
N SER C 188 -3.60 -20.88 61.47
CA SER C 188 -4.82 -20.54 60.74
C SER C 188 -4.47 -19.67 59.55
N MET C 189 -5.15 -19.89 58.42
CA MET C 189 -4.89 -19.13 57.21
C MET C 189 -6.20 -18.64 56.61
N GLU C 190 -6.25 -17.37 56.25
CA GLU C 190 -7.38 -16.79 55.53
C GLU C 190 -6.83 -16.11 54.27
N CYS C 191 -7.10 -16.70 53.11
CA CYS C 191 -6.59 -16.20 51.85
C CYS C 191 -7.72 -15.66 51.00
N GLU C 192 -7.49 -14.53 50.35
CA GLU C 192 -8.51 -13.88 49.51
C GLU C 192 -8.06 -13.88 48.07
N PRO C 193 -8.64 -14.71 47.20
CA PRO C 193 -8.22 -14.73 45.79
C PRO C 193 -8.69 -13.48 45.06
N ARG C 194 -7.99 -12.37 45.25
CA ARG C 194 -8.35 -11.11 44.63
C ARG C 194 -7.14 -10.52 43.90
N SER C 195 -7.41 -9.51 43.08
CA SER C 195 -6.39 -8.78 42.32
C SER C 195 -5.54 -9.71 41.45
N GLY C 196 -6.11 -10.84 41.04
CA GLY C 196 -5.43 -11.77 40.16
C GLY C 196 -5.65 -11.41 38.70
N LEU C 197 -5.27 -12.35 37.84
CA LEU C 197 -5.48 -12.17 36.40
C LEU C 197 -6.98 -12.16 36.11
N ASN C 198 -7.42 -11.18 35.32
CA ASN C 198 -8.84 -11.05 35.02
C ASN C 198 -9.34 -12.25 34.23
N PHE C 199 -10.45 -12.84 34.68
CA PHE C 199 -11.06 -13.99 34.03
C PHE C 199 -12.44 -13.66 33.48
N GLY C 200 -12.74 -12.38 33.29
CA GLY C 200 -13.95 -11.95 32.63
C GLY C 200 -13.79 -11.63 31.17
N ASP C 201 -12.57 -11.73 30.63
CA ASP C 201 -12.31 -11.47 29.22
C ASP C 201 -11.39 -12.56 28.67
N LEU C 202 -11.56 -13.77 29.17
CA LEU C 202 -10.74 -14.91 28.76
C LEU C 202 -11.61 -16.14 28.59
N TYR C 203 -11.35 -16.90 27.53
CA TYR C 203 -12.04 -18.16 27.27
C TYR C 203 -11.03 -19.29 27.15
N TYR C 204 -11.38 -20.43 27.73
CA TYR C 204 -10.51 -21.61 27.75
C TYR C 204 -10.87 -22.47 26.56
N LEU C 205 -9.99 -22.51 25.56
CA LEU C 205 -10.25 -23.18 24.29
C LEU C 205 -9.65 -24.58 24.31
N THR C 206 -10.48 -25.59 24.10
CA THR C 206 -10.05 -26.98 24.02
C THR C 206 -10.18 -27.46 22.59
N MET C 207 -9.11 -28.03 22.05
CA MET C 207 -9.07 -28.44 20.65
C MET C 207 -8.00 -29.51 20.47
N ASN C 208 -8.42 -30.69 20.01
CA ASN C 208 -7.51 -31.78 19.64
C ASN C 208 -6.56 -32.13 20.79
N ASN C 209 -7.14 -32.36 21.96
CA ASN C 209 -6.40 -32.71 23.18
C ASN C 209 -5.36 -31.66 23.56
N LYS C 210 -5.53 -30.42 23.07
CA LYS C 210 -4.68 -29.31 23.44
C LYS C 210 -5.55 -28.17 23.96
N HIS C 211 -4.92 -27.22 24.64
CA HIS C 211 -5.66 -26.18 25.33
C HIS C 211 -4.95 -24.84 25.18
N TRP C 212 -5.74 -23.78 25.09
CA TRP C 212 -5.24 -22.42 24.99
C TRP C 212 -6.17 -21.48 25.76
N LEU C 213 -5.75 -20.23 25.85
CA LEU C 213 -6.60 -19.15 26.37
C LEU C 213 -6.72 -18.07 25.31
N VAL C 214 -7.95 -17.59 25.10
CA VAL C 214 -8.23 -16.63 24.05
C VAL C 214 -9.04 -15.48 24.63
N ASN C 215 -9.17 -14.41 23.84
CA ASN C 215 -9.93 -13.23 24.26
C ASN C 215 -11.40 -13.40 23.88
N ARG C 216 -12.29 -12.89 24.74
CA ARG C 216 -13.71 -13.03 24.48
C ARG C 216 -14.16 -12.19 23.30
N ASP C 217 -13.55 -11.03 23.09
CA ASP C 217 -13.91 -10.21 21.94
C ASP C 217 -13.41 -10.81 20.64
N TRP C 218 -12.42 -11.69 20.69
CA TRP C 218 -11.93 -12.36 19.49
C TRP C 218 -12.62 -13.70 19.25
N PHE C 219 -13.05 -14.37 20.33
CA PHE C 219 -13.70 -15.67 20.17
C PHE C 219 -15.01 -15.55 19.40
N HIS C 220 -15.78 -14.49 19.65
CA HIS C 220 -17.02 -14.27 18.94
C HIS C 220 -16.81 -13.69 17.54
N ASP C 221 -15.60 -13.20 17.23
CA ASP C 221 -15.33 -12.64 15.92
C ASP C 221 -15.06 -13.71 14.88
N LEU C 222 -14.72 -14.94 15.32
CA LEU C 222 -14.37 -16.00 14.39
C LEU C 222 -15.55 -16.34 13.49
N SER C 223 -15.27 -16.58 12.21
CA SER C 223 -16.30 -16.85 11.22
C SER C 223 -16.29 -18.34 10.91
N LEU C 224 -17.02 -19.10 11.72
CA LEU C 224 -17.14 -20.54 11.57
C LEU C 224 -18.48 -20.96 12.17
N PRO C 225 -18.97 -22.15 11.83
CA PRO C 225 -20.20 -22.64 12.47
C PRO C 225 -20.01 -22.78 13.97
N TRP C 226 -21.09 -22.53 14.72
CA TRP C 226 -21.02 -22.52 16.17
C TRP C 226 -22.35 -22.97 16.74
N HIS C 227 -22.31 -23.41 17.99
CA HIS C 227 -23.54 -23.69 18.73
C HIS C 227 -23.24 -23.65 20.23
N THR C 228 -24.22 -23.19 21.00
CA THR C 228 -24.04 -23.05 22.43
C THR C 228 -23.99 -24.42 23.10
N GLY C 229 -23.71 -24.40 24.41
CA GLY C 229 -23.58 -25.63 25.17
C GLY C 229 -24.88 -26.19 25.67
N ALA C 230 -25.41 -27.21 25.01
CA ALA C 230 -26.66 -27.85 25.39
C ALA C 230 -26.45 -29.37 25.35
N THR C 231 -26.69 -30.02 26.49
CA THR C 231 -26.51 -31.47 26.58
C THR C 231 -27.53 -32.17 25.69
N SER C 232 -27.06 -32.73 24.58
CA SER C 232 -27.93 -33.44 23.65
C SER C 232 -27.07 -34.24 22.69
N ASN C 233 -27.72 -35.18 21.99
CA ASN C 233 -27.01 -36.00 21.03
C ASN C 233 -26.90 -35.31 19.67
N ASN C 234 -27.93 -34.56 19.28
CA ASN C 234 -27.94 -33.81 18.04
C ASN C 234 -28.18 -32.33 18.36
N HIS C 235 -27.30 -31.47 17.87
CA HIS C 235 -27.34 -30.05 18.15
C HIS C 235 -27.72 -29.27 16.91
N HIS C 236 -28.40 -28.15 17.12
CA HIS C 236 -28.74 -27.23 16.03
C HIS C 236 -27.58 -26.26 15.82
N TRP C 237 -27.19 -26.07 14.57
CA TRP C 237 -26.07 -25.22 14.21
C TRP C 237 -26.55 -23.94 13.55
N ASN C 238 -25.69 -22.92 13.55
CA ASN C 238 -25.98 -21.65 12.94
C ASN C 238 -24.80 -21.21 12.09
N ASN C 239 -25.11 -20.50 11.00
CA ASN C 239 -24.09 -19.92 10.11
C ASN C 239 -23.14 -21.01 9.59
N LYS C 240 -23.73 -22.08 9.06
CA LYS C 240 -22.96 -23.16 8.48
C LYS C 240 -22.61 -22.95 7.01
N GLU C 241 -23.22 -21.95 6.35
CA GLU C 241 -22.90 -21.66 4.96
C GLU C 241 -21.44 -21.30 4.76
N ALA C 242 -20.74 -20.85 5.81
CA ALA C 242 -19.32 -20.52 5.72
C ALA C 242 -18.44 -21.73 5.47
N LEU C 243 -18.95 -22.96 5.64
CA LEU C 243 -18.17 -24.16 5.39
C LEU C 243 -18.64 -24.96 4.18
N VAL C 244 -19.75 -24.57 3.55
CA VAL C 244 -20.28 -25.27 2.39
C VAL C 244 -20.28 -24.30 1.22
N GLU C 245 -19.53 -24.64 0.17
CA GLU C 245 -19.40 -23.81 -1.02
C GLU C 245 -20.29 -24.34 -2.13
N PHE C 246 -21.15 -23.47 -2.65
CA PHE C 246 -22.02 -23.80 -3.77
C PHE C 246 -21.43 -23.28 -5.08
N ARG C 247 -21.70 -24.00 -6.16
CA ARG C 247 -21.21 -23.61 -7.47
C ARG C 247 -21.95 -22.36 -7.96
N GLU C 248 -21.52 -21.87 -9.12
CA GLU C 248 -22.08 -20.64 -9.69
C GLU C 248 -23.56 -20.81 -9.98
N ALA C 249 -23.89 -21.39 -11.14
CA ALA C 249 -25.27 -21.44 -11.57
C ALA C 249 -25.47 -22.55 -12.60
N HIS C 250 -26.46 -23.41 -12.37
CA HIS C 250 -26.83 -24.45 -13.32
C HIS C 250 -28.34 -24.45 -13.42
N ALA C 251 -28.84 -24.73 -14.63
CA ALA C 251 -30.28 -24.67 -14.87
C ALA C 251 -31.07 -25.68 -14.05
N LYS C 252 -30.61 -26.92 -13.96
CA LYS C 252 -31.38 -27.95 -13.28
C LYS C 252 -30.89 -28.38 -11.90
N LYS C 253 -29.65 -28.07 -11.51
CA LYS C 253 -29.18 -28.52 -10.20
C LYS C 253 -28.03 -27.64 -9.75
N GLN C 254 -27.49 -27.97 -8.57
CA GLN C 254 -26.38 -27.25 -7.98
C GLN C 254 -25.64 -28.21 -7.06
N THR C 255 -24.35 -28.39 -7.31
CA THR C 255 -23.54 -29.34 -6.55
C THR C 255 -22.73 -28.59 -5.51
N ALA C 256 -23.02 -28.84 -4.24
CA ALA C 256 -22.29 -28.23 -3.14
C ALA C 256 -21.06 -29.05 -2.81
N VAL C 257 -20.08 -28.40 -2.17
CA VAL C 257 -18.89 -29.07 -1.69
C VAL C 257 -18.58 -28.57 -0.29
N VAL C 258 -17.82 -29.38 0.45
CA VAL C 258 -17.46 -29.09 1.83
C VAL C 258 -15.96 -28.76 1.88
N LEU C 259 -15.60 -27.83 2.76
CA LEU C 259 -14.21 -27.45 2.93
C LEU C 259 -13.46 -28.53 3.70
N GLY C 260 -12.12 -28.48 3.56
CA GLY C 260 -11.27 -29.45 4.21
C GLY C 260 -11.02 -29.11 5.68
N SER C 261 -10.06 -29.79 6.25
CA SER C 261 -9.71 -29.57 7.65
C SER C 261 -9.11 -28.18 7.82
N GLN C 262 -9.72 -27.38 8.69
CA GLN C 262 -9.23 -26.05 9.02
C GLN C 262 -8.32 -26.05 10.24
N GLU C 263 -7.72 -27.18 10.58
CA GLU C 263 -6.84 -27.24 11.74
C GLU C 263 -5.60 -26.36 11.54
N GLY C 264 -5.07 -26.34 10.32
CA GLY C 264 -3.90 -25.52 10.05
C GLY C 264 -4.17 -24.04 10.23
N ALA C 265 -5.35 -23.59 9.80
CA ALA C 265 -5.70 -22.18 9.96
C ALA C 265 -5.80 -21.80 11.43
N VAL C 266 -6.40 -22.66 12.25
CA VAL C 266 -6.51 -22.36 13.67
C VAL C 266 -5.14 -22.39 14.35
N HIS C 267 -4.29 -23.35 13.95
CA HIS C 267 -2.95 -23.41 14.53
C HIS C 267 -2.13 -22.19 14.15
N ALA C 268 -2.33 -21.67 12.94
CA ALA C 268 -1.62 -20.46 12.52
C ALA C 268 -2.16 -19.23 13.24
N ALA C 269 -3.48 -19.17 13.44
CA ALA C 269 -4.06 -18.02 14.11
C ALA C 269 -3.72 -17.97 15.59
N LEU C 270 -3.58 -19.13 16.23
CA LEU C 270 -3.28 -19.22 17.65
C LEU C 270 -1.78 -19.24 17.93
N ALA C 271 -0.97 -18.68 17.04
CA ALA C 271 0.48 -18.68 17.24
C ALA C 271 0.86 -17.83 18.44
N GLY C 272 0.33 -16.62 18.54
CA GLY C 272 0.65 -15.73 19.64
C GLY C 272 -0.29 -15.84 20.83
N ALA C 273 -0.67 -17.05 21.19
CA ALA C 273 -1.58 -17.28 22.29
C ALA C 273 -0.88 -17.98 23.45
N LEU C 274 -1.45 -17.82 24.63
CA LEU C 274 -0.95 -18.48 25.83
C LEU C 274 -1.42 -19.93 25.88
N GLU C 275 -0.59 -20.79 26.45
CA GLU C 275 -0.87 -22.21 26.55
C GLU C 275 -0.95 -22.62 28.02
N ALA C 276 -1.48 -23.83 28.24
CA ALA C 276 -1.62 -24.38 29.57
C ALA C 276 -1.61 -25.90 29.48
N GLU C 277 -1.85 -26.57 30.61
CA GLU C 277 -1.91 -28.02 30.66
C GLU C 277 -3.21 -28.43 31.32
N SER C 278 -3.57 -29.70 31.14
CA SER C 278 -4.82 -30.22 31.69
C SER C 278 -4.66 -31.68 32.07
N ASP C 279 -5.42 -32.08 33.09
CA ASP C 279 -5.50 -33.46 33.52
C ASP C 279 -6.98 -33.83 33.63
N GLY C 280 -7.41 -34.79 32.81
CA GLY C 280 -8.81 -35.16 32.77
C GLY C 280 -9.67 -34.00 32.31
N HIS C 281 -10.44 -33.42 33.23
CA HIS C 281 -11.25 -32.24 32.94
C HIS C 281 -10.76 -31.00 33.65
N LYS C 282 -9.72 -31.10 34.46
CA LYS C 282 -9.18 -29.96 35.19
C LYS C 282 -8.04 -29.32 34.41
N ALA C 283 -7.86 -28.02 34.60
CA ALA C 283 -6.85 -27.24 33.91
C ALA C 283 -5.90 -26.62 34.93
N THR C 284 -4.66 -26.38 34.50
CA THR C 284 -3.63 -25.83 35.37
C THR C 284 -3.12 -24.51 34.78
N ILE C 285 -3.14 -23.46 35.60
CA ILE C 285 -2.69 -22.14 35.21
C ILE C 285 -1.51 -21.77 36.10
N TYR C 286 -0.48 -21.17 35.48
CA TYR C 286 0.76 -20.81 36.18
C TYR C 286 0.89 -19.31 36.40
N SER C 287 -0.19 -18.55 36.28
CA SER C 287 -0.17 -17.11 36.48
C SER C 287 -1.24 -16.71 37.49
N GLY C 288 -0.89 -15.81 38.39
CA GLY C 288 -1.82 -15.33 39.39
C GLY C 288 -1.24 -15.31 40.78
N HIS C 289 -1.39 -14.19 41.49
CA HIS C 289 -0.88 -14.03 42.83
C HIS C 289 -2.01 -14.17 43.84
N LEU C 290 -1.67 -14.07 45.12
CA LEU C 290 -2.63 -14.31 46.19
C LEU C 290 -2.24 -13.50 47.42
N LYS C 291 -3.24 -13.10 48.19
CA LYS C 291 -3.03 -12.40 49.45
C LYS C 291 -3.58 -13.27 50.59
N CYS C 292 -2.83 -13.36 51.68
CA CYS C 292 -3.23 -14.23 52.78
C CYS C 292 -2.93 -13.54 54.11
N ARG C 293 -3.62 -14.02 55.15
CA ARG C 293 -3.39 -13.56 56.52
C ARG C 293 -3.27 -14.80 57.40
N LEU C 294 -2.17 -14.87 58.15
CA LEU C 294 -1.86 -16.03 59.00
C LEU C 294 -2.05 -15.66 60.46
N LYS C 295 -2.66 -16.58 61.20
CA LYS C 295 -2.83 -16.48 62.64
C LYS C 295 -2.00 -17.59 63.27
N LEU C 296 -0.97 -17.19 64.03
CA LEU C 296 -0.02 -18.11 64.64
C LEU C 296 -0.20 -18.01 66.15
N ASP C 297 -1.11 -18.83 66.69
CA ASP C 297 -1.42 -18.83 68.11
C ASP C 297 -0.90 -20.06 68.82
N LYS C 298 -1.17 -21.26 68.29
CA LYS C 298 -0.78 -22.51 68.93
C LYS C 298 0.53 -23.06 68.39
N LEU C 299 1.27 -22.27 67.61
CA LEU C 299 2.54 -22.72 67.05
C LEU C 299 3.65 -22.53 68.07
N ARG C 300 4.43 -23.59 68.30
CA ARG C 300 5.51 -23.55 69.28
C ARG C 300 6.75 -24.19 68.66
N LEU C 301 7.82 -24.24 69.44
CA LEU C 301 9.05 -24.91 69.02
C LEU C 301 9.00 -26.38 69.40
N LYS C 302 9.99 -27.14 68.91
CA LYS C 302 10.10 -28.56 69.20
C LYS C 302 11.27 -28.90 70.12
N GLY C 303 12.41 -28.24 69.95
CA GLY C 303 13.59 -28.55 70.74
C GLY C 303 14.04 -27.42 71.66
N MET C 304 13.08 -26.65 72.18
CA MET C 304 13.44 -25.56 73.08
C MET C 304 13.91 -26.07 74.44
N SER C 305 13.36 -27.20 74.89
CA SER C 305 13.70 -27.74 76.20
C SER C 305 14.86 -28.71 76.16
N TYR C 306 15.40 -29.02 74.98
CA TYR C 306 16.50 -29.97 74.88
C TYR C 306 17.78 -29.41 75.49
N ALA C 307 18.74 -30.29 75.72
CA ALA C 307 20.03 -29.92 76.27
C ALA C 307 21.02 -29.61 75.15
N LEU C 308 22.27 -29.33 75.54
CA LEU C 308 23.32 -29.05 74.58
C LEU C 308 23.98 -30.34 74.09
N CYS C 309 24.70 -30.22 72.97
CA CYS C 309 25.39 -31.35 72.37
C CYS C 309 26.82 -31.41 72.89
N THR C 310 27.18 -32.52 73.53
CA THR C 310 28.52 -32.74 74.05
C THR C 310 29.32 -33.73 73.19
N GLY C 311 29.02 -33.81 71.89
CA GLY C 311 29.72 -34.72 71.00
C GLY C 311 30.73 -34.01 70.12
N ALA C 312 30.85 -34.47 68.88
CA ALA C 312 31.81 -33.91 67.92
C ALA C 312 31.07 -33.41 66.69
N PHE C 313 31.24 -32.13 66.38
CA PHE C 313 30.64 -31.53 65.19
C PHE C 313 31.70 -31.39 64.11
N THR C 314 31.31 -31.67 62.87
CA THR C 314 32.23 -31.58 61.74
C THR C 314 31.48 -31.08 60.51
N PHE C 315 32.19 -30.34 59.66
CA PHE C 315 31.59 -29.89 58.41
C PHE C 315 31.55 -31.04 57.41
N ALA C 316 30.46 -31.11 56.65
CA ALA C 316 30.31 -32.14 55.62
C ALA C 316 30.84 -31.69 54.26
N ARG C 317 30.88 -30.39 54.02
CA ARG C 317 31.42 -29.82 52.78
C ARG C 317 31.60 -28.32 53.01
N THR C 318 32.15 -27.65 52.01
CA THR C 318 32.28 -26.20 52.08
C THR C 318 30.89 -25.57 52.09
N PRO C 319 30.58 -24.72 53.06
CA PRO C 319 29.25 -24.09 53.10
C PRO C 319 28.99 -23.27 51.85
N SER C 320 27.82 -23.46 51.26
CA SER C 320 27.46 -22.76 50.04
C SER C 320 26.89 -21.38 50.37
N GLU C 321 26.65 -20.60 49.31
CA GLU C 321 26.12 -19.26 49.45
C GLU C 321 25.04 -19.06 48.38
N THR C 322 23.90 -18.53 48.80
CA THR C 322 22.78 -18.32 47.90
C THR C 322 22.79 -16.88 47.38
N ILE C 323 21.85 -16.59 46.47
CA ILE C 323 21.80 -15.27 45.85
C ILE C 323 21.37 -14.19 46.83
N HIS C 324 20.68 -14.57 47.91
CA HIS C 324 20.20 -13.61 48.89
C HIS C 324 21.17 -13.43 50.06
N GLY C 325 22.45 -13.75 49.87
CA GLY C 325 23.41 -13.59 50.94
C GLY C 325 23.22 -14.47 52.14
N THR C 326 22.51 -15.59 52.00
CA THR C 326 22.29 -16.52 53.09
C THR C 326 23.25 -17.70 52.97
N ALA C 327 23.72 -18.20 54.11
CA ALA C 327 24.70 -19.27 54.15
C ALA C 327 24.06 -20.53 54.72
N THR C 328 24.13 -21.62 53.96
CA THR C 328 23.68 -22.93 54.42
C THR C 328 24.86 -23.70 54.97
N VAL C 329 24.69 -24.29 56.16
CA VAL C 329 25.72 -25.05 56.84
C VAL C 329 25.20 -26.48 57.03
N GLU C 330 25.99 -27.46 56.60
CA GLU C 330 25.62 -28.86 56.72
C GLU C 330 26.57 -29.52 57.70
N LEU C 331 26.04 -29.93 58.86
CA LEU C 331 26.85 -30.45 59.95
C LEU C 331 26.68 -31.95 60.07
N GLN C 332 27.72 -32.61 60.54
CA GLN C 332 27.71 -34.01 60.89
C GLN C 332 28.11 -34.15 62.34
N TYR C 333 27.26 -34.82 63.12
CA TYR C 333 27.46 -34.99 64.55
C TYR C 333 27.84 -36.43 64.85
N ALA C 334 28.89 -36.59 65.66
CA ALA C 334 29.34 -37.88 66.13
C ALA C 334 29.15 -37.97 67.64
N GLY C 335 28.66 -39.11 68.09
CA GLY C 335 28.28 -39.32 69.48
C GLY C 335 26.83 -39.76 69.59
N GLU C 336 26.50 -40.24 70.80
CA GLU C 336 25.15 -40.71 71.12
C GLU C 336 24.66 -39.99 72.38
N ASP C 337 24.11 -38.81 72.18
CA ASP C 337 23.54 -38.02 73.27
C ASP C 337 22.05 -37.73 73.08
N GLY C 338 21.44 -38.26 72.03
CA GLY C 338 20.05 -37.97 71.75
C GLY C 338 19.85 -36.59 71.18
N PRO C 339 18.59 -36.19 70.99
CA PRO C 339 18.31 -34.85 70.47
C PRO C 339 18.82 -33.77 71.41
N CYS C 340 19.78 -32.98 70.93
CA CYS C 340 20.38 -31.92 71.72
C CYS C 340 20.49 -30.65 70.89
N LYS C 341 20.47 -29.51 71.57
CA LYS C 341 20.56 -28.23 70.89
C LYS C 341 21.95 -27.99 70.36
N VAL C 342 22.04 -27.40 69.17
CA VAL C 342 23.31 -27.21 68.47
C VAL C 342 23.87 -25.85 68.90
N PRO C 343 24.97 -25.81 69.64
CA PRO C 343 25.58 -24.52 70.01
C PRO C 343 26.37 -23.94 68.86
N ILE C 344 25.86 -22.87 68.26
CA ILE C 344 26.52 -22.21 67.14
C ILE C 344 26.48 -20.70 67.36
N VAL C 345 27.60 -20.04 67.09
CA VAL C 345 27.74 -18.60 67.24
C VAL C 345 28.40 -18.03 66.00
N ILE C 346 28.15 -16.74 65.77
CA ILE C 346 28.73 -16.00 64.66
C ILE C 346 29.35 -14.74 65.25
N THR C 347 30.64 -14.53 64.99
CA THR C 347 31.37 -13.40 65.58
C THR C 347 32.32 -12.83 64.53
N SER C 348 33.16 -11.90 64.98
CA SER C 348 34.14 -11.26 64.12
C SER C 348 35.56 -11.77 64.32
N ASP C 349 35.87 -12.30 65.50
CA ASP C 349 37.19 -12.87 65.76
C ASP C 349 37.04 -14.04 66.71
N THR C 350 38.01 -14.95 66.65
CA THR C 350 37.92 -16.18 67.44
C THR C 350 37.96 -15.89 68.94
N ASN C 351 38.55 -14.77 69.35
CA ASN C 351 38.61 -14.43 70.75
C ASN C 351 37.47 -13.52 71.20
N SER C 352 36.77 -12.89 70.26
CA SER C 352 35.67 -12.00 70.63
C SER C 352 34.50 -12.78 71.22
N MET C 353 33.97 -13.76 70.47
CA MET C 353 32.84 -14.57 70.89
C MET C 353 31.64 -13.69 71.25
N ALA C 354 31.17 -12.95 70.26
CA ALA C 354 30.02 -12.07 70.40
C ALA C 354 29.11 -12.24 69.20
N SER C 355 27.83 -12.48 69.46
CA SER C 355 26.86 -12.66 68.38
C SER C 355 26.71 -11.39 67.56
N THR C 356 27.05 -11.47 66.28
CA THR C 356 26.98 -10.33 65.38
C THR C 356 25.90 -10.46 64.32
N GLY C 357 25.37 -11.67 64.09
CA GLY C 357 24.34 -11.88 63.10
C GLY C 357 23.18 -12.69 63.68
N ARG C 358 22.17 -12.88 62.84
CA ARG C 358 20.97 -13.63 63.21
C ARG C 358 20.93 -14.94 62.45
N LEU C 359 19.98 -15.79 62.85
CA LEU C 359 19.78 -17.10 62.26
C LEU C 359 18.43 -17.15 61.59
N ILE C 360 18.40 -17.69 60.36
CA ILE C 360 17.13 -17.85 59.67
C ILE C 360 16.35 -19.03 60.23
N THR C 361 17.05 -20.05 60.73
CA THR C 361 16.40 -21.21 61.34
C THR C 361 16.53 -21.09 62.86
N ALA C 362 15.38 -21.00 63.53
CA ALA C 362 15.37 -20.84 64.97
C ALA C 362 15.50 -22.19 65.67
N ASN C 363 16.31 -22.20 66.74
CA ASN C 363 16.56 -23.37 67.56
C ASN C 363 17.09 -24.54 66.73
N PRO C 364 18.31 -24.45 66.21
CA PRO C 364 18.88 -25.59 65.48
C PRO C 364 19.11 -26.78 66.41
N VAL C 365 18.65 -27.96 65.98
CA VAL C 365 18.67 -29.15 66.81
C VAL C 365 18.94 -30.35 65.92
N VAL C 366 19.42 -31.43 66.54
CA VAL C 366 19.60 -32.71 65.86
C VAL C 366 18.34 -33.54 66.06
N THR C 367 17.90 -34.21 65.00
CA THR C 367 16.60 -34.86 64.99
C THR C 367 16.65 -36.29 65.51
N GLU C 368 17.70 -37.04 65.21
CA GLU C 368 17.81 -38.43 65.62
C GLU C 368 18.86 -38.60 66.72
N SER C 369 18.87 -39.80 67.30
CA SER C 369 19.84 -40.16 68.34
C SER C 369 20.91 -41.10 67.83
N GLY C 370 21.14 -41.16 66.52
CA GLY C 370 22.13 -42.04 65.97
C GLY C 370 23.56 -41.62 66.32
N ALA C 371 24.48 -42.54 66.08
CA ALA C 371 25.89 -42.29 66.36
C ALA C 371 26.44 -41.19 65.47
N ASN C 372 26.41 -41.40 64.16
CA ASN C 372 26.86 -40.43 63.18
C ASN C 372 25.65 -39.92 62.42
N SER C 373 25.15 -38.75 62.79
CA SER C 373 23.97 -38.15 62.18
C SER C 373 24.37 -36.90 61.40
N LYS C 374 23.41 -36.38 60.63
CA LYS C 374 23.64 -35.18 59.84
C LYS C 374 22.46 -34.22 59.99
N MET C 375 22.73 -32.95 59.77
CA MET C 375 21.71 -31.91 59.88
C MET C 375 22.13 -30.72 59.04
N MET C 376 21.22 -29.76 58.90
CA MET C 376 21.47 -28.57 58.11
C MET C 376 20.83 -27.37 58.78
N VAL C 377 21.42 -26.20 58.57
CA VAL C 377 20.90 -24.95 59.11
C VAL C 377 21.18 -23.84 58.09
N GLU C 378 20.41 -22.75 58.19
CA GLU C 378 20.56 -21.61 57.30
C GLU C 378 20.65 -20.36 58.15
N ILE C 379 21.71 -19.57 57.92
CA ILE C 379 21.98 -18.38 58.71
C ILE C 379 22.24 -17.21 57.77
N ASP C 380 22.31 -16.03 58.35
CA ASP C 380 22.58 -14.78 57.62
C ASP C 380 23.84 -14.13 58.19
N PRO C 381 24.97 -14.20 57.50
CA PRO C 381 26.20 -13.63 58.05
C PRO C 381 26.22 -12.13 57.91
N PRO C 382 26.94 -11.42 58.79
CA PRO C 382 27.03 -9.96 58.67
C PRO C 382 27.90 -9.56 57.50
N PHE C 383 27.65 -8.35 57.01
CA PHE C 383 28.41 -7.83 55.88
C PHE C 383 29.89 -7.68 56.25
N GLY C 384 30.76 -8.19 55.39
CA GLY C 384 32.18 -8.18 55.67
C GLY C 384 32.73 -9.56 55.95
N ASP C 385 33.71 -9.66 56.83
CA ASP C 385 34.28 -10.94 57.22
C ASP C 385 33.72 -11.36 58.57
N SER C 386 33.58 -12.68 58.75
CA SER C 386 33.00 -13.21 59.97
C SER C 386 33.53 -14.63 60.21
N TYR C 387 33.33 -15.08 61.45
CA TYR C 387 33.75 -16.42 61.87
C TYR C 387 32.56 -17.15 62.45
N ILE C 388 32.28 -18.34 61.92
CA ILE C 388 31.23 -19.22 62.41
C ILE C 388 31.89 -20.26 63.32
N ILE C 389 31.43 -20.34 64.56
CA ILE C 389 31.98 -21.28 65.53
C ILE C 389 30.87 -22.25 65.94
N VAL C 390 31.20 -23.53 65.96
CA VAL C 390 30.25 -24.59 66.28
C VAL C 390 30.84 -25.45 67.38
N GLY C 391 30.09 -25.62 68.46
CA GLY C 391 30.52 -26.42 69.58
C GLY C 391 31.20 -25.62 70.67
N THR C 392 31.56 -26.32 71.74
CA THR C 392 32.23 -25.74 72.89
C THR C 392 33.48 -26.56 73.20
N GLY C 393 34.16 -26.19 74.28
CA GLY C 393 35.33 -26.92 74.73
C GLY C 393 36.49 -26.83 73.75
N THR C 394 37.35 -27.84 73.83
CA THR C 394 38.51 -27.93 72.94
C THR C 394 38.18 -28.59 71.61
N THR C 395 36.92 -28.97 71.37
CA THR C 395 36.51 -29.61 70.14
C THR C 395 35.69 -28.70 69.24
N LYS C 396 35.47 -27.44 69.64
CA LYS C 396 34.71 -26.52 68.81
C LYS C 396 35.48 -26.19 67.54
N ILE C 397 34.75 -26.12 66.43
CA ILE C 397 35.35 -25.85 65.13
C ILE C 397 34.99 -24.43 64.71
N THR C 398 35.88 -23.84 63.91
CA THR C 398 35.69 -22.48 63.41
C THR C 398 35.81 -22.47 61.90
N HIS C 399 35.17 -21.49 61.27
CA HIS C 399 35.22 -21.36 59.83
C HIS C 399 35.11 -19.89 59.45
N HIS C 400 35.90 -19.48 58.46
CA HIS C 400 35.87 -18.11 57.98
C HIS C 400 34.81 -17.95 56.90
N TRP C 401 34.24 -16.76 56.83
CA TRP C 401 33.23 -16.45 55.82
C TRP C 401 33.33 -14.99 55.44
N HIS C 402 32.99 -14.69 54.19
CA HIS C 402 33.02 -13.33 53.69
C HIS C 402 31.75 -13.07 52.89
N ARG C 403 31.26 -11.84 52.97
CA ARG C 403 30.05 -11.45 52.23
C ARG C 403 30.20 -9.99 51.80
N ALA C 404 30.00 -9.74 50.51
CA ALA C 404 30.14 -8.40 49.96
C ALA C 404 28.85 -7.61 50.16
N GLY C 405 28.86 -6.37 49.70
CA GLY C 405 27.73 -5.48 49.84
C GLY C 405 27.88 -4.56 51.03
N SER C 406 26.79 -3.83 51.32
CA SER C 406 26.77 -2.88 52.42
C SER C 406 25.47 -3.03 53.19
N SER C 407 25.54 -2.76 54.50
CA SER C 407 24.36 -2.85 55.34
C SER C 407 23.31 -1.81 54.95
N ILE C 408 23.75 -0.59 54.61
CA ILE C 408 22.81 0.44 54.21
C ILE C 408 22.13 0.07 52.90
N GLY C 409 22.88 -0.55 51.98
CA GLY C 409 22.29 -0.97 50.72
C GLY C 409 21.19 -2.01 50.91
N ARG C 410 21.49 -3.04 51.70
CA ARG C 410 20.49 -4.07 51.99
C ARG C 410 19.30 -3.47 52.73
N ALA C 411 19.56 -2.56 53.67
CA ALA C 411 18.48 -1.93 54.42
C ALA C 411 17.56 -1.15 53.49
N PHE C 412 18.13 -0.38 52.56
CA PHE C 412 17.32 0.40 51.64
C PHE C 412 16.55 -0.50 50.69
N GLU C 413 17.19 -1.58 50.20
CA GLU C 413 16.49 -2.50 49.33
C GLU C 413 15.33 -3.17 50.04
N ALA C 414 15.53 -3.59 51.29
CA ALA C 414 14.45 -4.22 52.05
C ALA C 414 13.34 -3.23 52.35
N THR C 415 13.70 -1.97 52.61
CA THR C 415 12.67 -0.96 52.85
C THR C 415 11.84 -0.71 51.60
N MET C 416 12.49 -0.64 50.43
CA MET C 416 11.75 -0.45 49.19
C MET C 416 10.87 -1.65 48.88
N ARG C 417 11.38 -2.86 49.13
CA ARG C 417 10.57 -4.06 48.91
C ARG C 417 9.36 -4.10 49.84
N GLY C 418 9.55 -3.73 51.11
CA GLY C 418 8.43 -3.68 52.03
C GLY C 418 7.42 -2.62 51.65
N ALA C 419 7.88 -1.48 51.15
CA ALA C 419 6.96 -0.45 50.69
C ALA C 419 6.15 -0.94 49.49
N LYS C 420 6.81 -1.61 48.55
CA LYS C 420 6.09 -2.18 47.41
C LYS C 420 5.08 -3.22 47.87
N ARG C 421 5.45 -4.05 48.84
CA ARG C 421 4.53 -5.06 49.35
C ARG C 421 3.31 -4.42 50.01
N MET C 422 3.54 -3.40 50.85
CA MET C 422 2.43 -2.71 51.48
C MET C 422 1.57 -1.98 50.47
N ALA C 423 2.16 -1.55 49.34
CA ALA C 423 1.34 -0.95 48.29
C ALA C 423 0.51 -1.99 47.57
N VAL C 424 1.04 -3.20 47.40
CA VAL C 424 0.26 -4.29 46.81
C VAL C 424 -0.91 -4.64 47.73
N LEU C 425 -0.67 -4.64 49.04
CA LEU C 425 -1.72 -4.89 50.03
C LEU C 425 -2.54 -3.62 50.22
N GLY C 426 -3.31 -3.29 49.18
CA GLY C 426 -4.15 -2.11 49.19
C GLY C 426 -5.35 -2.25 50.09
N ASP C 427 -6.18 -3.25 49.82
CA ASP C 427 -7.34 -3.56 50.64
C ASP C 427 -6.99 -4.65 51.66
N THR C 428 -7.88 -4.81 52.64
CA THR C 428 -7.74 -5.80 53.71
C THR C 428 -6.42 -5.65 54.46
N ALA C 429 -5.90 -4.43 54.54
CA ALA C 429 -4.67 -4.18 55.29
C ALA C 429 -4.96 -3.78 56.73
N TRP C 430 -5.87 -2.83 56.92
CA TRP C 430 -6.30 -2.36 58.22
C TRP C 430 -7.74 -2.80 58.49
N ASP C 431 -8.18 -2.59 59.73
CA ASP C 431 -9.55 -2.86 60.13
C ASP C 431 -10.17 -1.59 60.71
N PHE C 432 -11.31 -1.20 60.15
CA PHE C 432 -12.04 -0.02 60.61
C PHE C 432 -13.25 -0.37 61.46
N GLY C 433 -13.24 -1.55 62.11
CA GLY C 433 -14.35 -1.96 62.94
C GLY C 433 -14.21 -1.51 64.38
N SER C 434 -14.16 -2.48 65.29
CA SER C 434 -13.99 -2.18 66.70
C SER C 434 -12.64 -1.50 66.95
N VAL C 435 -12.61 -0.63 67.94
CA VAL C 435 -11.38 0.09 68.27
C VAL C 435 -10.49 -0.79 69.13
N GLY C 436 -9.18 -0.56 69.04
CA GLY C 436 -8.19 -1.37 69.70
C GLY C 436 -7.32 -2.16 68.74
N GLY C 437 -7.76 -2.32 67.50
CA GLY C 437 -6.97 -3.00 66.49
C GLY C 437 -6.46 -2.05 65.42
N MET C 438 -6.86 -0.77 65.52
CA MET C 438 -6.37 0.23 64.59
C MET C 438 -4.93 0.61 64.91
N PHE C 439 -4.65 0.88 66.18
CA PHE C 439 -3.27 1.09 66.61
C PHE C 439 -2.44 -0.15 66.36
N ASN C 440 -3.01 -1.33 66.61
CA ASN C 440 -2.32 -2.57 66.30
C ASN C 440 -1.98 -2.65 64.81
N SER C 441 -2.92 -2.23 63.95
CA SER C 441 -2.67 -2.32 62.51
C SER C 441 -1.59 -1.34 62.07
N VAL C 442 -1.64 -0.09 62.57
CA VAL C 442 -0.62 0.89 62.16
C VAL C 442 0.75 0.46 62.67
N GLY C 443 0.81 -0.03 63.91
CA GLY C 443 2.08 -0.54 64.42
C GLY C 443 2.58 -1.73 63.64
N LYS C 444 1.67 -2.65 63.27
CA LYS C 444 2.07 -3.83 62.53
C LYS C 444 2.66 -3.47 61.17
N PHE C 445 2.03 -2.53 60.44
CA PHE C 445 2.59 -2.27 59.12
C PHE C 445 3.82 -1.38 59.19
N VAL C 446 3.89 -0.44 60.15
CA VAL C 446 5.13 0.32 60.29
C VAL C 446 6.28 -0.60 60.69
N HIS C 447 5.99 -1.63 61.49
CA HIS C 447 7.01 -2.62 61.80
C HIS C 447 7.43 -3.39 60.56
N GLN C 448 6.46 -3.94 59.83
CA GLN C 448 6.78 -4.72 58.65
C GLN C 448 7.48 -3.89 57.56
N VAL C 449 7.38 -2.56 57.64
CA VAL C 449 8.04 -1.73 56.63
C VAL C 449 9.39 -1.16 57.10
N PHE C 450 9.62 -1.05 58.42
CA PHE C 450 10.84 -0.41 58.90
C PHE C 450 11.73 -1.28 59.78
N GLY C 451 11.31 -2.49 60.16
CA GLY C 451 12.13 -3.29 61.05
C GLY C 451 13.40 -3.79 60.41
N SER C 452 13.37 -4.04 59.09
CA SER C 452 14.56 -4.51 58.41
C SER C 452 15.69 -3.48 58.48
N ALA C 453 15.35 -2.20 58.47
CA ALA C 453 16.35 -1.15 58.64
C ALA C 453 16.64 -0.87 60.10
N PHE C 454 15.63 -0.97 60.97
CA PHE C 454 15.85 -0.76 62.39
C PHE C 454 16.86 -1.75 62.95
N LYS C 455 16.71 -3.03 62.60
CA LYS C 455 17.64 -4.04 63.10
C LYS C 455 19.03 -3.85 62.52
N ALA C 456 19.13 -3.38 61.27
CA ALA C 456 20.44 -3.25 60.62
C ALA C 456 21.19 -2.01 61.10
N LEU C 457 20.48 -0.96 61.50
CA LEU C 457 21.10 0.33 61.78
C LEU C 457 21.42 0.53 63.26
N PHE C 458 20.40 0.48 64.12
CA PHE C 458 20.54 1.01 65.47
C PHE C 458 21.40 0.14 66.38
N GLY C 459 22.70 0.10 66.09
CA GLY C 459 23.68 -0.50 66.98
C GLY C 459 23.52 -2.00 67.14
N GLY C 460 23.83 -2.49 68.34
CA GLY C 460 23.85 -3.90 68.63
C GLY C 460 22.59 -4.45 69.30
N MET C 461 21.46 -3.75 69.17
CA MET C 461 20.19 -4.19 69.75
C MET C 461 20.31 -4.34 71.27
N SER C 462 20.74 -3.26 71.91
CA SER C 462 20.89 -3.26 73.37
C SER C 462 19.57 -3.09 74.11
N TRP C 463 18.58 -2.47 73.46
CA TRP C 463 17.22 -2.30 73.99
C TRP C 463 17.20 -1.29 75.13
N PHE C 464 18.38 -0.84 75.56
CA PHE C 464 18.51 0.16 76.62
C PHE C 464 18.95 1.53 76.11
N THR C 465 19.93 1.58 75.21
CA THR C 465 20.36 2.85 74.66
C THR C 465 19.32 3.44 73.74
N GLN C 466 18.64 2.60 72.96
CA GLN C 466 17.65 3.09 72.00
C GLN C 466 16.51 3.81 72.69
N LEU C 467 16.10 3.31 73.87
CA LEU C 467 15.06 3.99 74.64
C LEU C 467 15.52 5.37 75.07
N LEU C 468 16.78 5.50 75.48
CA LEU C 468 17.29 6.80 75.89
C LEU C 468 17.38 7.75 74.70
N ILE C 469 17.79 7.25 73.52
CA ILE C 469 17.81 8.08 72.34
C ILE C 469 16.41 8.56 71.98
N GLY C 470 15.43 7.66 72.06
CA GLY C 470 14.06 8.06 71.80
C GLY C 470 13.55 9.09 72.77
N PHE C 471 13.89 8.93 74.05
CA PHE C 471 13.46 9.90 75.06
C PHE C 471 14.08 11.27 74.81
N LEU C 472 15.38 11.31 74.54
CA LEU C 472 16.04 12.59 74.26
C LEU C 472 15.52 13.22 72.97
N LEU C 473 15.17 12.41 71.96
CA LEU C 473 14.62 12.99 70.74
C LEU C 473 13.23 13.55 70.99
N ILE C 474 12.42 12.86 71.79
CA ILE C 474 11.11 13.39 72.16
C ILE C 474 11.26 14.70 72.92
N TRP C 475 12.24 14.77 73.82
CA TRP C 475 12.46 16.00 74.58
C TRP C 475 12.90 17.14 73.66
N MET C 476 13.82 16.84 72.73
CA MET C 476 14.27 17.87 71.78
C MET C 476 13.13 18.36 70.91
N GLY C 477 12.24 17.45 70.48
CA GLY C 477 11.09 17.86 69.70
C GLY C 477 10.04 18.60 70.50
N LEU C 478 9.98 18.38 71.82
CA LEU C 478 8.98 19.02 72.64
C LEU C 478 9.32 20.49 72.91
N ASN C 479 10.58 20.75 73.27
CA ASN C 479 11.03 22.12 73.57
C ASN C 479 11.44 22.82 72.27
N ALA C 480 10.44 23.06 71.43
CA ALA C 480 10.65 23.74 70.15
C ALA C 480 9.35 24.42 69.75
N ARG C 481 9.35 25.75 69.76
CA ARG C 481 8.15 26.51 69.43
C ARG C 481 7.90 26.63 67.93
N GLY C 482 8.88 26.29 67.10
CA GLY C 482 8.72 26.44 65.67
C GLY C 482 7.82 25.37 65.07
N GLY C 483 7.11 25.76 64.01
CA GLY C 483 6.30 24.81 63.28
C GLY C 483 7.12 23.90 62.40
N THR C 484 6.53 22.76 62.07
CA THR C 484 7.08 21.74 61.17
C THR C 484 8.39 21.15 61.69
N VAL C 485 8.78 21.47 62.92
CA VAL C 485 9.95 20.87 63.54
C VAL C 485 9.60 20.02 64.76
N ALA C 486 8.46 20.25 65.40
CA ALA C 486 8.06 19.46 66.56
C ALA C 486 7.25 18.24 66.18
N MET C 487 6.39 18.37 65.16
CA MET C 487 5.54 17.24 64.76
C MET C 487 6.39 16.11 64.18
N SER C 488 7.27 16.42 63.24
CA SER C 488 8.07 15.38 62.61
C SER C 488 9.02 14.74 63.61
N PHE C 489 9.63 15.55 64.49
CA PHE C 489 10.55 15.01 65.48
C PHE C 489 9.82 14.11 66.48
N MET C 490 8.65 14.54 66.95
CA MET C 490 7.88 13.70 67.86
C MET C 490 7.43 12.41 67.18
N GLY C 491 7.03 12.50 65.91
CA GLY C 491 6.64 11.30 65.19
C GLY C 491 7.78 10.31 65.03
N ILE C 492 8.96 10.81 64.67
CA ILE C 492 10.12 9.94 64.52
C ILE C 492 10.51 9.34 65.87
N GLY C 493 10.41 10.14 66.94
CA GLY C 493 10.72 9.63 68.26
C GLY C 493 9.78 8.51 68.68
N ALA C 494 8.48 8.70 68.47
CA ALA C 494 7.52 7.66 68.80
C ALA C 494 7.72 6.42 67.94
N MET C 495 8.05 6.62 66.66
CA MET C 495 8.32 5.49 65.77
C MET C 495 9.51 4.68 66.29
N LEU C 496 10.58 5.35 66.69
CA LEU C 496 11.75 4.64 67.19
C LEU C 496 11.47 3.95 68.52
N ILE C 497 10.71 4.60 69.40
CA ILE C 497 10.34 3.97 70.66
C ILE C 497 9.53 2.71 70.41
N PHE C 498 8.59 2.76 69.47
CA PHE C 498 7.78 1.58 69.18
C PHE C 498 8.62 0.48 68.53
N LEU C 499 9.51 0.84 67.61
CA LEU C 499 10.34 -0.16 66.97
C LEU C 499 11.31 -0.82 67.94
N ALA C 500 11.76 -0.07 68.95
CA ALA C 500 12.56 -0.69 70.01
C ALA C 500 11.71 -1.52 70.97
N THR C 501 10.45 -1.14 71.16
CA THR C 501 9.56 -1.93 72.01
C THR C 501 9.27 -3.30 71.41
N SER C 502 9.27 -3.40 70.08
CA SER C 502 9.01 -4.67 69.41
C SER C 502 10.25 -5.55 69.46
N VAL C 503 10.24 -6.66 68.73
CA VAL C 503 11.37 -7.58 68.70
C VAL C 503 12.42 -7.04 67.74
N SER C 504 13.68 -7.23 68.11
CA SER C 504 14.80 -6.79 67.27
C SER C 504 15.51 -7.97 66.64
N VAL D 1 -29.35 -50.29 -14.27
CA VAL D 1 -29.68 -49.40 -13.17
C VAL D 1 -31.01 -49.82 -12.54
N GLU D 2 -31.17 -49.56 -11.25
CA GLU D 2 -32.40 -49.89 -10.57
C GLU D 2 -33.43 -48.78 -10.77
N VAL D 3 -34.68 -49.19 -10.99
CA VAL D 3 -35.78 -48.25 -11.21
C VAL D 3 -36.89 -48.58 -10.23
N THR D 4 -37.20 -47.62 -9.34
CA THR D 4 -38.25 -47.81 -8.35
C THR D 4 -39.18 -46.62 -8.35
N LYS D 5 -40.28 -46.74 -7.60
CA LYS D 5 -41.24 -45.65 -7.48
C LYS D 5 -41.71 -45.59 -6.03
N LYS D 6 -41.48 -44.45 -5.39
CA LYS D 6 -41.88 -44.22 -4.00
C LYS D 6 -42.72 -42.95 -3.95
N GLY D 7 -44.04 -43.12 -3.89
CA GLY D 7 -44.95 -41.98 -3.84
C GLY D 7 -45.19 -41.33 -5.18
N ASP D 8 -45.46 -42.14 -6.21
CA ASP D 8 -45.79 -41.67 -7.55
C ASP D 8 -44.66 -40.85 -8.17
N THR D 9 -43.42 -41.21 -7.87
CA THR D 9 -42.26 -40.57 -8.50
C THR D 9 -41.17 -41.62 -8.67
N TYR D 10 -40.51 -41.59 -9.83
CA TYR D 10 -39.56 -42.62 -10.20
C TYR D 10 -38.14 -42.24 -9.81
N TYR D 11 -37.45 -43.14 -9.12
CA TYR D 11 -36.06 -42.98 -8.74
C TYR D 11 -35.22 -43.99 -9.54
N MET D 12 -34.11 -43.52 -10.09
CA MET D 12 -33.21 -44.34 -10.89
C MET D 12 -31.86 -44.42 -10.17
N PHE D 13 -31.65 -45.51 -9.43
CA PHE D 13 -30.36 -45.80 -8.80
C PHE D 13 -29.38 -46.24 -9.86
N ALA D 14 -28.51 -45.33 -10.29
CA ALA D 14 -27.49 -45.61 -11.30
C ALA D 14 -26.13 -45.65 -10.64
N ASP D 15 -25.40 -46.74 -10.86
CA ASP D 15 -24.06 -46.90 -10.30
C ASP D 15 -23.04 -46.21 -11.23
N LYS D 16 -21.75 -46.44 -10.96
CA LYS D 16 -20.71 -45.82 -11.78
C LYS D 16 -20.61 -46.46 -13.15
N LYS D 17 -20.85 -47.78 -13.24
CA LYS D 17 -20.63 -48.48 -14.50
C LYS D 17 -21.56 -47.99 -15.60
N ASP D 18 -22.81 -47.69 -15.26
CA ASP D 18 -23.77 -47.18 -16.24
C ASP D 18 -23.65 -45.66 -16.31
N ALA D 19 -22.58 -45.21 -16.99
CA ALA D 19 -22.31 -43.80 -17.18
C ALA D 19 -22.17 -43.52 -18.67
N GLY D 20 -23.04 -42.66 -19.19
CA GLY D 20 -23.01 -42.32 -20.60
C GLY D 20 -23.83 -43.20 -21.51
N LYS D 21 -24.75 -43.99 -20.95
CA LYS D 21 -25.58 -44.89 -21.73
C LYS D 21 -27.04 -44.71 -21.35
N VAL D 22 -27.92 -45.03 -22.30
CA VAL D 22 -29.36 -44.88 -22.13
C VAL D 22 -29.92 -46.13 -21.47
N VAL D 23 -31.14 -46.04 -20.96
CA VAL D 23 -31.81 -47.18 -20.35
C VAL D 23 -33.31 -47.07 -20.59
N THR D 24 -33.95 -48.22 -20.79
CA THR D 24 -35.38 -48.29 -21.07
C THR D 24 -36.07 -49.00 -19.92
N PHE D 25 -37.15 -48.40 -19.42
CA PHE D 25 -37.97 -49.00 -18.38
C PHE D 25 -39.44 -48.80 -18.75
N GLU D 26 -40.33 -49.15 -17.82
CA GLU D 26 -41.76 -49.11 -18.06
C GLU D 26 -42.43 -48.18 -17.07
N THR D 27 -43.40 -47.40 -17.56
CA THR D 27 -44.22 -46.53 -16.73
C THR D 27 -45.69 -46.81 -17.05
N GLU D 28 -46.57 -46.11 -16.34
CA GLU D 28 -48.00 -46.28 -16.56
C GLU D 28 -48.41 -45.87 -17.97
N SER D 29 -47.64 -44.99 -18.61
CA SER D 29 -47.94 -44.59 -19.99
C SER D 29 -47.43 -45.63 -20.99
N GLY D 30 -46.27 -46.22 -20.72
CA GLY D 30 -45.70 -47.22 -21.60
C GLY D 30 -44.21 -47.33 -21.44
N PRO D 31 -43.51 -47.73 -22.51
CA PRO D 31 -42.05 -47.81 -22.44
C PRO D 31 -41.43 -46.42 -22.48
N ASN D 32 -40.36 -46.25 -21.72
CA ASN D 32 -39.65 -44.97 -21.63
C ASN D 32 -38.16 -45.23 -21.80
N ARG D 33 -37.56 -44.59 -22.81
CA ARG D 33 -36.13 -44.63 -23.02
C ARG D 33 -35.56 -43.30 -22.51
N CYS D 34 -34.66 -43.37 -21.53
CA CYS D 34 -34.14 -42.19 -20.87
C CYS D 34 -32.63 -42.20 -20.96
N SER D 35 -32.05 -41.09 -21.40
CA SER D 35 -30.62 -40.97 -21.56
C SER D 35 -30.00 -40.20 -20.40
N ILE D 36 -28.80 -40.62 -20.01
CA ILE D 36 -28.04 -40.07 -18.88
C ILE D 36 -26.68 -39.66 -19.41
N GLN D 37 -26.31 -38.40 -19.21
CA GLN D 37 -25.01 -37.89 -19.63
C GLN D 37 -24.25 -37.31 -18.46
N ALA D 38 -24.36 -37.97 -17.30
CA ALA D 38 -23.68 -37.54 -16.09
C ALA D 38 -22.18 -37.68 -16.25
N MET D 39 -21.44 -36.57 -16.09
CA MET D 39 -19.99 -36.62 -16.23
C MET D 39 -19.32 -36.86 -14.88
N ASP D 40 -19.78 -36.20 -13.82
CA ASP D 40 -19.19 -36.30 -12.50
C ASP D 40 -19.76 -37.44 -11.67
N ILE D 41 -20.27 -38.49 -12.31
CA ILE D 41 -20.86 -39.60 -11.58
C ILE D 41 -19.77 -40.41 -10.89
N GLY D 42 -20.07 -40.89 -9.69
CA GLY D 42 -19.13 -41.65 -8.90
C GLY D 42 -19.63 -43.01 -8.46
N HIS D 43 -18.92 -43.65 -7.54
CA HIS D 43 -19.27 -44.96 -7.05
C HIS D 43 -20.38 -44.86 -6.01
N MET D 44 -20.82 -46.01 -5.50
CA MET D 44 -21.88 -46.04 -4.50
C MET D 44 -21.31 -45.78 -3.12
N CYS D 45 -21.88 -44.78 -2.44
CA CYS D 45 -21.42 -44.34 -1.13
C CYS D 45 -22.42 -43.34 -0.59
N PRO D 46 -22.39 -43.08 0.73
CA PRO D 46 -23.43 -42.23 1.34
C PRO D 46 -23.62 -40.86 0.68
N ALA D 47 -22.55 -40.25 0.18
CA ALA D 47 -22.67 -38.97 -0.52
C ALA D 47 -23.40 -39.19 -1.84
N THR D 48 -24.68 -38.82 -1.87
CA THR D 48 -25.54 -39.10 -3.02
C THR D 48 -26.13 -37.80 -3.54
N MET D 49 -25.82 -37.46 -4.79
CA MET D 49 -26.43 -36.33 -5.48
C MET D 49 -27.71 -36.80 -6.15
N SER D 50 -28.80 -36.06 -5.96
CA SER D 50 -30.10 -36.40 -6.51
C SER D 50 -30.73 -35.16 -7.12
N TYR D 51 -31.17 -35.27 -8.37
CA TYR D 51 -31.82 -34.15 -9.05
C TYR D 51 -32.82 -34.67 -10.09
N GLU D 52 -33.97 -34.01 -10.14
CA GLU D 52 -34.98 -34.33 -11.14
C GLU D 52 -34.48 -33.89 -12.51
N CYS D 53 -34.62 -34.76 -13.52
CA CYS D 53 -34.34 -34.39 -14.89
C CYS D 53 -35.64 -34.50 -15.69
N PRO D 54 -35.96 -33.51 -16.52
CA PRO D 54 -37.33 -33.36 -17.02
C PRO D 54 -37.61 -34.00 -18.37
N VAL D 55 -38.89 -34.26 -18.62
CA VAL D 55 -39.35 -34.69 -19.93
C VAL D 55 -39.31 -33.52 -20.90
N LEU D 56 -39.05 -33.81 -22.17
CA LEU D 56 -39.03 -32.79 -23.21
C LEU D 56 -39.44 -33.41 -24.53
N GLU D 57 -39.75 -32.55 -25.50
CA GLU D 57 -40.17 -33.06 -26.80
C GLU D 57 -38.96 -33.43 -27.64
N PRO D 58 -39.00 -34.56 -28.35
CA PRO D 58 -37.84 -34.98 -29.14
C PRO D 58 -37.46 -34.02 -30.26
N GLN D 59 -38.32 -33.06 -30.62
CA GLN D 59 -38.02 -32.12 -31.68
C GLN D 59 -37.16 -30.94 -31.21
N TYR D 60 -36.61 -31.00 -30.00
CA TYR D 60 -35.77 -29.93 -29.47
C TYR D 60 -34.47 -30.50 -28.93
N GLU D 61 -33.37 -29.75 -29.10
CA GLU D 61 -32.10 -30.23 -28.58
C GLU D 61 -31.91 -29.77 -27.13
N PRO D 62 -31.24 -30.58 -26.30
CA PRO D 62 -31.05 -30.19 -24.90
C PRO D 62 -30.10 -29.03 -24.76
N GLU D 63 -30.46 -28.09 -23.87
CA GLU D 63 -29.68 -26.89 -23.59
C GLU D 63 -29.52 -26.79 -22.08
N ASP D 64 -28.57 -27.56 -21.52
CA ASP D 64 -27.90 -27.34 -20.24
C ASP D 64 -28.30 -28.47 -19.32
N VAL D 65 -28.75 -29.58 -19.92
CA VAL D 65 -29.39 -30.69 -19.24
C VAL D 65 -28.61 -31.95 -19.60
N ASP D 66 -28.33 -32.78 -18.59
CA ASP D 66 -27.57 -34.02 -18.75
C ASP D 66 -28.38 -35.28 -18.49
N CYS D 67 -29.70 -35.15 -18.36
CA CYS D 67 -30.58 -36.29 -18.09
C CYS D 67 -31.91 -36.00 -18.75
N TRP D 68 -32.39 -36.88 -19.62
CA TRP D 68 -33.68 -36.63 -20.23
C TRP D 68 -34.39 -37.91 -20.66
N CYS D 69 -35.61 -38.07 -20.18
CA CYS D 69 -36.47 -39.21 -20.46
C CYS D 69 -37.73 -38.69 -21.13
N ASN D 70 -38.50 -39.58 -21.77
CA ASN D 70 -39.78 -39.13 -22.36
C ASN D 70 -40.88 -40.07 -21.91
N SER D 71 -41.31 -39.92 -20.66
CA SER D 71 -42.68 -40.21 -20.26
C SER D 71 -43.16 -39.10 -19.34
N THR D 72 -42.27 -38.67 -18.46
CA THR D 72 -42.49 -37.71 -17.37
C THR D 72 -41.12 -37.23 -16.91
N ALA D 73 -41.09 -36.46 -15.82
CA ALA D 73 -39.84 -36.06 -15.20
C ALA D 73 -39.38 -37.16 -14.25
N ALA D 74 -38.11 -37.55 -14.35
CA ALA D 74 -37.57 -38.64 -13.56
C ALA D 74 -36.45 -38.13 -12.65
N TRP D 75 -36.48 -38.54 -11.40
CA TRP D 75 -35.47 -38.16 -10.42
C TRP D 75 -34.30 -39.12 -10.50
N ILE D 76 -33.10 -38.60 -10.75
CA ILE D 76 -31.90 -39.42 -10.80
C ILE D 76 -31.10 -39.18 -9.53
N VAL D 77 -30.39 -40.22 -9.09
CA VAL D 77 -29.55 -40.16 -7.90
C VAL D 77 -28.35 -41.06 -8.10
N TYR D 78 -27.19 -40.59 -7.65
CA TYR D 78 -25.96 -41.36 -7.80
C TYR D 78 -24.93 -40.85 -6.79
N GLY D 79 -24.06 -41.76 -6.37
CA GLY D 79 -23.02 -41.40 -5.43
C GLY D 79 -21.93 -40.55 -6.04
N THR D 80 -21.18 -39.87 -5.16
CA THR D 80 -20.08 -38.98 -5.56
C THR D 80 -18.95 -39.15 -4.54
N CYS D 81 -18.02 -40.03 -4.85
CA CYS D 81 -16.84 -40.26 -4.02
C CYS D 81 -15.79 -40.96 -4.85
N THR D 82 -14.62 -41.20 -4.25
CA THR D 82 -13.43 -41.62 -4.96
C THR D 82 -13.03 -43.03 -4.52
N HIS D 83 -13.05 -43.97 -5.46
CA HIS D 83 -12.47 -45.31 -5.28
C HIS D 83 -13.10 -46.08 -4.12
N LYS D 84 -14.36 -45.77 -3.80
CA LYS D 84 -15.11 -46.48 -2.76
C LYS D 84 -14.39 -46.48 -1.42
N THR D 85 -13.62 -45.43 -1.15
CA THR D 85 -12.90 -45.29 0.10
C THR D 85 -13.71 -44.57 1.18
N THR D 86 -15.03 -44.48 1.00
CA THR D 86 -15.91 -43.81 1.95
C THR D 86 -15.47 -42.37 2.21
N GLY D 87 -14.95 -41.72 1.18
CA GLY D 87 -14.48 -40.35 1.29
C GLY D 87 -14.92 -39.47 0.15
N GLU D 88 -15.51 -38.33 0.47
CA GLU D 88 -15.95 -37.38 -0.53
C GLU D 88 -14.76 -36.66 -1.16
N THR D 89 -15.03 -35.98 -2.28
CA THR D 89 -13.96 -35.27 -2.98
C THR D 89 -13.52 -34.04 -2.19
N ARG D 90 -14.48 -33.30 -1.62
CA ARG D 90 -14.27 -32.10 -0.80
C ARG D 90 -13.16 -31.20 -1.33
N ARG D 91 -13.05 -31.07 -2.65
CA ARG D 91 -12.01 -30.25 -3.27
C ARG D 91 -12.58 -28.87 -3.56
N SER D 92 -12.67 -28.07 -2.49
CA SER D 92 -13.16 -26.69 -2.56
C SER D 92 -12.03 -25.68 -2.61
N ARG D 93 -10.99 -25.88 -1.81
CA ARG D 93 -9.81 -25.00 -1.78
C ARG D 93 -10.18 -23.56 -1.47
N ARG D 94 -11.14 -23.39 -0.55
CA ARG D 94 -11.53 -22.04 -0.14
C ARG D 94 -10.45 -21.39 0.70
N SER D 95 -9.85 -22.14 1.62
CA SER D 95 -8.77 -21.66 2.49
C SER D 95 -9.20 -20.42 3.26
N ILE D 96 -10.22 -20.59 4.10
CA ILE D 96 -10.73 -19.50 4.92
C ILE D 96 -9.67 -19.11 5.94
N THR D 97 -9.49 -17.81 6.14
CA THR D 97 -8.49 -17.29 7.06
C THR D 97 -9.17 -16.67 8.28
N LEU D 98 -8.48 -16.76 9.42
CA LEU D 98 -8.97 -16.25 10.68
C LEU D 98 -8.09 -15.10 11.17
N PRO D 99 -8.65 -14.16 11.93
CA PRO D 99 -7.82 -13.09 12.50
C PRO D 99 -6.79 -13.65 13.46
N SER D 100 -5.60 -13.04 13.46
CA SER D 100 -4.50 -13.48 14.30
C SER D 100 -4.84 -13.35 15.77
N HIS D 101 -5.02 -12.12 16.24
CA HIS D 101 -5.34 -11.84 17.63
C HIS D 101 -5.82 -10.40 17.80
N ILE E 1 -59.93 23.11 -8.32
CA ILE E 1 -59.74 22.27 -7.16
C ILE E 1 -58.48 21.44 -7.31
N ARG E 2 -57.77 21.66 -8.43
CA ARG E 2 -56.55 20.93 -8.72
C ARG E 2 -55.38 21.37 -7.85
N CYS E 3 -55.53 22.45 -7.08
CA CYS E 3 -54.45 23.04 -6.31
C CYS E 3 -54.55 22.73 -4.83
N ILE E 4 -55.48 21.87 -4.43
CA ILE E 4 -55.69 21.58 -3.02
C ILE E 4 -54.55 20.73 -2.47
N GLY E 5 -54.36 19.55 -3.04
CA GLY E 5 -53.34 18.62 -2.58
C GLY E 5 -51.98 18.81 -3.22
N ILE E 6 -51.35 19.96 -2.97
CA ILE E 6 -50.04 20.27 -3.51
C ILE E 6 -49.16 20.78 -2.37
N GLY E 7 -47.95 20.25 -2.26
CA GLY E 7 -47.07 20.68 -1.19
C GLY E 7 -46.56 22.10 -1.38
N ASN E 8 -46.14 22.43 -2.60
CA ASN E 8 -45.58 23.75 -2.90
C ASN E 8 -46.70 24.59 -3.49
N ARG E 9 -47.45 25.25 -2.61
CA ARG E 9 -48.58 26.08 -3.01
C ARG E 9 -48.35 27.52 -2.55
N ASP E 10 -48.64 28.47 -3.43
CA ASP E 10 -48.51 29.89 -3.15
C ASP E 10 -49.89 30.55 -3.17
N PHE E 11 -49.90 31.86 -2.92
CA PHE E 11 -51.13 32.65 -2.96
C PHE E 11 -50.80 34.00 -3.55
N ILE E 12 -51.48 34.35 -4.63
CA ILE E 12 -51.26 35.60 -5.34
C ILE E 12 -52.56 36.40 -5.34
N GLU E 13 -52.50 37.65 -4.88
CA GLU E 13 -53.62 38.55 -4.89
C GLU E 13 -53.21 39.84 -5.59
N GLY E 14 -54.05 40.31 -6.52
CA GLY E 14 -53.77 41.52 -7.26
C GLY E 14 -54.60 42.70 -6.77
N MET E 15 -54.27 43.86 -7.32
CA MET E 15 -55.01 45.08 -6.99
C MET E 15 -56.46 44.97 -7.45
N SER E 16 -57.33 45.72 -6.78
CA SER E 16 -58.75 45.73 -7.14
C SER E 16 -58.94 46.17 -8.58
N GLY E 17 -58.42 47.35 -8.93
CA GLY E 17 -58.47 47.83 -10.29
C GLY E 17 -57.36 47.35 -11.19
N GLY E 18 -56.41 46.58 -10.66
CA GLY E 18 -55.31 46.09 -11.46
C GLY E 18 -55.65 44.84 -12.26
N THR E 19 -55.73 44.99 -13.58
CA THR E 19 -56.11 43.85 -14.41
C THR E 19 -54.94 42.89 -14.63
N TRP E 20 -53.75 43.43 -14.90
CA TRP E 20 -52.59 42.58 -15.15
C TRP E 20 -51.99 42.10 -13.83
N VAL E 21 -51.41 40.91 -13.87
CA VAL E 21 -50.71 40.36 -12.71
C VAL E 21 -49.73 39.30 -13.19
N ASP E 22 -48.52 39.31 -12.62
CA ASP E 22 -47.48 38.38 -13.01
C ASP E 22 -47.36 37.25 -12.00
N ILE E 23 -46.99 36.07 -12.50
CA ILE E 23 -46.84 34.88 -11.67
C ILE E 23 -45.68 34.04 -12.19
N VAL E 24 -45.23 33.12 -11.34
CA VAL E 24 -44.18 32.16 -11.68
C VAL E 24 -44.69 30.77 -11.34
N LEU E 25 -44.51 29.83 -12.28
CA LEU E 25 -44.96 28.46 -12.15
C LEU E 25 -43.76 27.54 -12.08
N GLU E 26 -43.74 26.66 -11.08
CA GLU E 26 -42.73 25.63 -10.96
C GLU E 26 -43.30 24.28 -11.40
N HIS E 27 -42.42 23.42 -11.90
CA HIS E 27 -42.87 22.14 -12.44
C HIS E 27 -43.37 21.19 -11.36
N GLY E 28 -43.05 21.45 -10.09
CA GLY E 28 -43.53 20.63 -9.00
C GLY E 28 -44.53 21.29 -8.09
N GLY E 29 -45.08 22.44 -8.45
CA GLY E 29 -46.01 23.15 -7.58
C GLY E 29 -47.26 23.65 -8.27
N CYS E 30 -47.89 24.65 -7.67
CA CYS E 30 -49.15 25.19 -8.16
C CYS E 30 -49.24 26.65 -7.77
N VAL E 31 -50.19 27.36 -8.41
CA VAL E 31 -50.43 28.77 -8.11
C VAL E 31 -51.93 29.00 -8.00
N THR E 32 -52.34 29.68 -6.93
CA THR E 32 -53.73 30.06 -6.73
C THR E 32 -53.86 31.58 -6.86
N VAL E 33 -54.76 32.02 -7.74
CA VAL E 33 -54.99 33.44 -7.99
C VAL E 33 -56.40 33.79 -7.58
N MET E 34 -56.53 34.79 -6.72
CA MET E 34 -57.83 35.23 -6.22
C MET E 34 -57.94 36.75 -6.36
N SER E 35 -59.18 37.24 -6.32
CA SER E 35 -59.45 38.66 -6.44
C SER E 35 -60.72 38.98 -5.65
N ASN E 36 -61.20 40.21 -5.77
CA ASN E 36 -62.39 40.62 -5.03
C ASN E 36 -63.67 40.23 -5.75
N ASN E 37 -63.77 40.51 -7.04
CA ASN E 37 -64.95 40.20 -7.83
C ASN E 37 -64.71 39.08 -8.84
N LYS E 38 -63.49 38.61 -8.97
CA LYS E 38 -63.21 37.56 -9.94
C LYS E 38 -63.17 36.20 -9.27
N PRO E 39 -63.55 35.14 -9.97
CA PRO E 39 -63.50 33.81 -9.38
C PRO E 39 -62.06 33.32 -9.24
N THR E 40 -61.85 32.45 -8.26
CA THR E 40 -60.52 31.93 -7.99
C THR E 40 -60.08 30.99 -9.12
N LEU E 41 -58.83 31.17 -9.57
CA LEU E 41 -58.24 30.32 -10.58
C LEU E 41 -57.05 29.56 -10.00
N ASP E 42 -56.77 28.40 -10.58
CA ASP E 42 -55.68 27.55 -10.12
C ASP E 42 -54.86 27.11 -11.33
N PHE E 43 -53.59 27.51 -11.38
CA PHE E 43 -52.71 27.21 -12.49
C PHE E 43 -51.69 26.16 -12.08
N GLU E 44 -51.45 25.19 -12.96
CA GLU E 44 -50.43 24.18 -12.74
C GLU E 44 -49.73 23.87 -14.05
N LEU E 45 -48.46 23.50 -13.96
CA LEU E 45 -47.66 23.09 -15.12
C LEU E 45 -47.44 21.59 -15.05
N VAL E 46 -47.89 20.87 -16.09
CA VAL E 46 -47.86 19.41 -16.00
C VAL E 46 -46.57 18.83 -16.54
N THR E 47 -46.27 19.07 -17.83
CA THR E 47 -45.14 18.43 -18.48
C THR E 47 -44.52 19.40 -19.47
N THR E 48 -43.20 19.30 -19.64
CA THR E 48 -42.51 20.00 -20.72
C THR E 48 -42.41 19.07 -21.93
N THR E 49 -42.89 19.54 -23.07
CA THR E 49 -42.95 18.74 -24.29
C THR E 49 -41.90 19.24 -25.27
N ALA E 50 -41.08 18.33 -25.79
CA ALA E 50 -40.09 18.64 -26.81
C ALA E 50 -40.42 17.86 -28.07
N SER E 51 -40.58 18.57 -29.19
CA SER E 51 -40.97 17.94 -30.45
C SER E 51 -40.14 18.52 -31.58
N ASN E 52 -40.07 17.77 -32.68
CA ASN E 52 -39.34 18.17 -33.87
C ASN E 52 -37.87 18.45 -33.56
N MET E 53 -37.24 17.52 -32.87
CA MET E 53 -35.83 17.67 -32.49
C MET E 53 -34.94 17.23 -33.64
N ALA E 54 -33.91 18.03 -33.92
CA ALA E 54 -32.96 17.71 -34.97
C ALA E 54 -31.96 16.66 -34.48
N GLU E 55 -31.34 15.97 -35.44
CA GLU E 55 -30.37 14.93 -35.17
C GLU E 55 -28.96 15.47 -35.42
N VAL E 56 -28.04 15.14 -34.54
CA VAL E 56 -26.67 15.64 -34.60
C VAL E 56 -25.67 14.54 -34.96
N ARG E 57 -25.78 13.38 -34.34
CA ARG E 57 -24.83 12.30 -34.57
C ARG E 57 -25.48 10.98 -34.18
N SER E 58 -25.05 9.90 -34.82
CA SER E 58 -25.57 8.56 -34.55
C SER E 58 -24.40 7.61 -34.41
N TYR E 59 -24.45 6.77 -33.37
CA TYR E 59 -23.44 5.76 -33.10
C TYR E 59 -23.99 4.37 -33.38
N CYS E 60 -23.06 3.43 -33.57
CA CYS E 60 -23.40 2.05 -33.90
C CYS E 60 -22.71 1.14 -32.88
N TYR E 61 -23.50 0.57 -31.95
CA TYR E 61 -22.91 -0.28 -30.93
C TYR E 61 -22.67 -1.69 -31.44
N GLU E 62 -23.66 -2.28 -32.10
CA GLU E 62 -23.56 -3.64 -32.64
C GLU E 62 -23.49 -3.56 -34.15
N ALA E 63 -22.49 -4.23 -34.73
CA ALA E 63 -22.26 -4.20 -36.17
C ALA E 63 -21.92 -5.59 -36.67
N ASN E 64 -22.00 -5.77 -37.99
CA ASN E 64 -21.65 -7.01 -38.65
C ASN E 64 -20.62 -6.73 -39.74
N ILE E 65 -19.96 -7.79 -40.20
CA ILE E 65 -18.99 -7.70 -41.28
C ILE E 65 -19.22 -8.82 -42.27
N SER E 66 -18.70 -8.63 -43.48
CA SER E 66 -18.83 -9.63 -44.54
C SER E 66 -17.83 -9.33 -45.64
N GLU E 67 -17.50 -10.36 -46.42
CA GLU E 67 -16.62 -10.25 -47.59
C GLU E 67 -15.24 -9.72 -47.22
N MET E 68 -14.59 -10.40 -46.27
CA MET E 68 -13.23 -10.03 -45.91
C MET E 68 -12.25 -10.45 -47.00
N ALA E 69 -11.41 -9.52 -47.43
CA ALA E 69 -10.40 -9.80 -48.44
C ALA E 69 -9.07 -9.17 -48.04
N SER E 70 -7.98 -9.77 -48.52
CA SER E 70 -6.64 -9.31 -48.19
C SER E 70 -5.72 -9.48 -49.39
N ASP E 71 -4.61 -8.75 -49.39
CA ASP E 71 -3.63 -8.83 -50.46
C ASP E 71 -2.26 -8.49 -49.88
N SER E 72 -1.27 -9.33 -50.18
CA SER E 72 0.08 -9.20 -49.65
C SER E 72 1.09 -9.17 -50.79
N ARG E 73 2.08 -8.29 -50.70
CA ARG E 73 3.18 -8.24 -51.64
C ARG E 73 4.49 -8.26 -50.87
N CYS E 74 5.44 -9.08 -51.29
CA CYS E 74 6.74 -9.14 -50.65
C CYS E 74 7.70 -8.19 -51.33
N PRO E 75 8.90 -7.93 -50.73
CA PRO E 75 9.80 -6.89 -51.28
C PRO E 75 10.07 -6.98 -52.78
N THR E 76 10.54 -5.85 -53.33
CA THR E 76 10.76 -5.67 -54.77
C THR E 76 9.44 -5.80 -55.54
N GLN E 77 8.33 -5.42 -54.92
CA GLN E 77 7.05 -5.38 -55.60
C GLN E 77 6.23 -4.13 -55.31
N GLY E 78 6.59 -3.33 -54.32
CA GLY E 78 5.87 -2.12 -54.02
C GLY E 78 4.75 -2.34 -53.03
N GLU E 79 3.88 -1.32 -52.92
CA GLU E 79 2.76 -1.39 -52.01
C GLU E 79 1.65 -2.29 -52.57
N ALA E 80 0.96 -2.95 -51.66
CA ALA E 80 -0.17 -3.79 -52.06
C ALA E 80 -1.35 -2.93 -52.52
N TYR E 81 -2.19 -3.51 -53.38
CA TYR E 81 -3.32 -2.80 -53.94
C TYR E 81 -4.54 -3.71 -53.95
N LEU E 82 -5.71 -3.11 -53.74
CA LEU E 82 -6.98 -3.81 -53.80
C LEU E 82 -8.03 -2.87 -54.39
N ASP E 83 -8.94 -3.44 -55.18
CA ASP E 83 -9.96 -2.61 -55.82
C ASP E 83 -10.95 -2.06 -54.80
N LYS E 84 -11.17 -2.76 -53.69
CA LYS E 84 -12.14 -2.33 -52.69
C LYS E 84 -11.60 -1.24 -51.78
N MET E 85 -10.37 -0.77 -51.99
CA MET E 85 -9.82 0.28 -51.15
C MET E 85 -10.52 1.61 -51.40
N ALA E 86 -10.86 1.91 -52.66
CA ALA E 86 -11.46 3.19 -53.00
C ALA E 86 -12.90 3.31 -52.52
N ASP E 87 -13.53 2.21 -52.12
CA ASP E 87 -14.92 2.23 -51.68
C ASP E 87 -15.01 2.67 -50.22
N SER E 88 -15.99 3.54 -49.94
CA SER E 88 -16.14 4.08 -48.60
C SER E 88 -16.77 3.08 -47.63
N GLN E 89 -17.41 2.02 -48.12
CA GLN E 89 -18.04 1.03 -47.27
C GLN E 89 -17.09 -0.07 -46.83
N PHE E 90 -15.87 -0.10 -47.35
CA PHE E 90 -14.90 -1.14 -47.03
C PHE E 90 -13.73 -0.52 -46.26
N VAL E 91 -13.44 -1.07 -45.09
CA VAL E 91 -12.36 -0.59 -44.24
C VAL E 91 -11.20 -1.59 -44.31
N CYS E 92 -9.99 -1.08 -44.60
CA CYS E 92 -8.77 -1.86 -44.55
C CYS E 92 -7.66 -1.24 -43.73
N LYS E 93 -6.74 -2.12 -43.36
CA LYS E 93 -5.55 -1.81 -42.58
C LYS E 93 -4.33 -2.37 -43.29
N ARG E 94 -3.22 -1.66 -43.17
CA ARG E 94 -1.94 -2.04 -43.73
C ARG E 94 -0.98 -2.51 -42.64
N GLY E 95 0.03 -3.26 -43.07
CA GLY E 95 1.01 -3.79 -42.15
C GLY E 95 2.19 -4.37 -42.92
N TYR E 96 3.21 -4.76 -42.16
CA TYR E 96 4.43 -5.31 -42.73
C TYR E 96 4.70 -6.67 -42.08
N VAL E 97 4.89 -7.69 -42.89
CA VAL E 97 5.09 -9.04 -42.38
C VAL E 97 6.35 -9.66 -42.98
N ASP E 98 7.00 -10.52 -42.17
CA ASP E 98 8.22 -11.17 -42.62
C ASP E 98 7.90 -12.27 -43.63
N ARG E 99 8.70 -12.34 -44.68
CA ARG E 99 8.48 -13.29 -45.77
C ARG E 99 9.76 -14.08 -46.05
N GLY E 100 9.59 -15.18 -46.77
CA GLY E 100 10.71 -16.01 -47.15
C GLY E 100 10.29 -16.99 -48.23
N TRP E 101 11.14 -18.01 -48.43
CA TRP E 101 10.84 -19.01 -49.45
C TRP E 101 9.60 -19.82 -49.07
N GLY E 102 9.34 -19.98 -47.77
CA GLY E 102 8.18 -20.68 -47.28
C GLY E 102 6.85 -20.01 -47.56
N ASN E 103 6.87 -18.75 -47.99
CA ASN E 103 5.65 -17.99 -48.23
C ASN E 103 5.37 -17.72 -49.70
N GLY E 104 6.25 -18.10 -50.62
CA GLY E 104 5.92 -18.00 -52.02
C GLY E 104 6.95 -17.34 -52.91
N CYS E 105 7.63 -16.31 -52.42
CA CYS E 105 8.60 -15.60 -53.23
C CYS E 105 9.98 -15.76 -52.60
N GLY E 106 11.00 -15.37 -53.35
CA GLY E 106 12.36 -15.73 -52.99
C GLY E 106 13.06 -14.81 -52.02
N LEU E 107 13.04 -13.50 -52.31
CA LEU E 107 13.84 -12.55 -51.52
C LEU E 107 13.43 -12.58 -50.05
N PHE E 108 14.42 -12.55 -49.17
CA PHE E 108 14.20 -12.66 -47.73
C PHE E 108 14.05 -11.28 -47.12
N GLY E 109 12.83 -10.76 -47.12
CA GLY E 109 12.55 -9.47 -46.51
C GLY E 109 11.09 -9.39 -46.15
N LYS E 110 10.73 -8.31 -45.46
CA LYS E 110 9.35 -8.12 -45.07
C LYS E 110 8.57 -7.34 -46.12
N GLY E 111 7.30 -7.70 -46.28
CA GLY E 111 6.44 -7.12 -47.28
C GLY E 111 5.31 -6.29 -46.68
N SER E 112 4.46 -5.81 -47.58
CA SER E 112 3.30 -4.99 -47.26
C SER E 112 2.03 -5.79 -47.49
N ILE E 113 1.20 -5.89 -46.46
CA ILE E 113 -0.08 -6.60 -46.54
C ILE E 113 -1.19 -5.63 -46.17
N VAL E 114 -2.29 -5.69 -46.93
CA VAL E 114 -3.46 -4.86 -46.69
C VAL E 114 -4.67 -5.78 -46.60
N THR E 115 -5.63 -5.41 -45.75
CA THR E 115 -6.81 -6.25 -45.56
C THR E 115 -8.03 -5.38 -45.29
N CYS E 116 -9.04 -5.47 -46.16
CA CYS E 116 -10.32 -4.79 -45.93
C CYS E 116 -11.54 -5.68 -46.10
N ALA E 117 -12.62 -5.17 -45.50
CA ALA E 117 -13.89 -5.86 -45.39
C ALA E 117 -15.01 -4.85 -45.32
N LYS E 118 -16.21 -5.30 -45.67
CA LYS E 118 -17.39 -4.46 -45.62
C LYS E 118 -17.79 -4.17 -44.18
N PHE E 119 -18.68 -3.19 -44.00
CA PHE E 119 -19.14 -2.78 -42.69
C PHE E 119 -20.61 -2.42 -42.78
N THR E 120 -21.45 -3.15 -42.04
CA THR E 120 -22.89 -2.94 -42.03
C THR E 120 -23.38 -2.83 -40.60
N CYS E 121 -24.08 -1.74 -40.29
CA CYS E 121 -24.55 -1.45 -38.94
C CYS E 121 -25.94 -2.06 -38.76
N VAL E 122 -26.03 -3.14 -37.99
CA VAL E 122 -27.31 -3.81 -37.78
C VAL E 122 -28.16 -3.06 -36.76
N LYS E 123 -27.54 -2.53 -35.71
CA LYS E 123 -28.26 -1.80 -34.68
C LYS E 123 -27.49 -0.53 -34.34
N LYS E 124 -28.22 0.53 -34.02
CA LYS E 124 -27.59 1.83 -33.79
C LYS E 124 -28.40 2.64 -32.80
N LEU E 125 -27.75 3.63 -32.21
CA LEU E 125 -28.38 4.60 -31.32
C LEU E 125 -28.18 6.00 -31.90
N THR E 126 -29.03 6.93 -31.47
CA THR E 126 -29.07 8.26 -32.07
C THR E 126 -28.92 9.34 -31.02
N GLY E 127 -28.46 10.51 -31.47
CA GLY E 127 -28.32 11.67 -30.64
C GLY E 127 -28.98 12.88 -31.24
N LYS E 128 -29.83 13.54 -30.46
CA LYS E 128 -30.57 14.71 -30.93
C LYS E 128 -30.21 15.93 -30.10
N SER E 129 -30.38 17.10 -30.72
CA SER E 129 -30.20 18.39 -30.07
C SER E 129 -31.57 18.98 -29.72
N ILE E 130 -31.57 19.93 -28.79
CA ILE E 130 -32.79 20.55 -28.31
C ILE E 130 -32.65 22.05 -28.47
N GLN E 131 -33.57 22.65 -29.24
CA GLN E 131 -33.61 24.08 -29.50
C GLN E 131 -34.75 24.74 -28.73
N PRO E 132 -34.59 26.01 -28.33
CA PRO E 132 -35.65 26.67 -27.56
C PRO E 132 -36.97 26.76 -28.31
N GLU E 133 -36.94 26.89 -29.64
CA GLU E 133 -38.16 27.00 -30.41
C GLU E 133 -38.91 25.69 -30.52
N ASN E 134 -38.32 24.56 -30.10
CA ASN E 134 -38.99 23.28 -30.12
C ASN E 134 -39.79 23.00 -28.85
N LEU E 135 -39.45 23.64 -27.74
CA LEU E 135 -40.10 23.34 -26.47
C LEU E 135 -41.56 23.81 -26.49
N GLU E 136 -42.39 23.09 -25.76
CA GLU E 136 -43.82 23.43 -25.65
C GLU E 136 -44.30 23.01 -24.28
N TYR E 137 -44.76 23.98 -23.49
CA TYR E 137 -45.21 23.72 -22.13
C TYR E 137 -46.72 23.51 -22.11
N ARG E 138 -47.20 22.75 -21.13
CA ARG E 138 -48.62 22.51 -20.95
C ARG E 138 -49.02 22.90 -19.55
N VAL E 139 -50.02 23.78 -19.45
CA VAL E 139 -50.52 24.29 -18.18
C VAL E 139 -52.01 24.02 -18.09
N LEU E 140 -52.44 23.42 -16.99
CA LEU E 140 -53.86 23.22 -16.72
C LEU E 140 -54.38 24.31 -15.81
N VAL E 141 -55.58 24.79 -16.12
CA VAL E 141 -56.25 25.85 -15.40
C VAL E 141 -57.55 25.29 -14.86
N SER E 142 -57.75 25.40 -13.55
CA SER E 142 -58.98 24.98 -12.90
C SER E 142 -59.64 26.19 -12.26
N VAL E 143 -60.96 26.10 -12.08
CA VAL E 143 -61.76 27.18 -11.52
C VAL E 143 -62.52 26.63 -10.32
N HIS E 144 -62.43 27.33 -9.19
CA HIS E 144 -63.20 26.96 -8.02
C HIS E 144 -64.68 27.28 -8.23
N ALA E 145 -65.45 26.32 -8.72
CA ALA E 145 -66.87 26.50 -8.98
C ALA E 145 -67.70 25.65 -8.03
N SER E 146 -67.22 25.47 -6.80
CA SER E 146 -67.87 24.62 -5.80
C SER E 146 -68.13 23.22 -6.35
N GLN E 147 -67.15 22.70 -7.09
CA GLN E 147 -67.28 21.37 -7.67
C GLN E 147 -67.30 20.30 -6.59
N HIS E 148 -67.78 19.12 -6.96
CA HIS E 148 -67.86 18.01 -6.02
C HIS E 148 -66.50 17.57 -5.50
N GLY E 149 -65.43 17.83 -6.27
CA GLY E 149 -64.10 17.48 -5.82
C GLY E 149 -63.78 16.00 -5.83
N GLY E 150 -64.47 15.23 -6.65
CA GLY E 150 -64.20 13.80 -6.76
C GLY E 150 -63.14 13.52 -7.82
N MET E 151 -62.21 12.63 -7.48
CA MET E 151 -61.13 12.25 -8.38
C MET E 151 -61.53 10.98 -9.11
N ILE E 152 -62.37 11.15 -10.14
CA ILE E 152 -62.85 10.04 -10.94
C ILE E 152 -62.55 10.35 -12.41
N ASN E 153 -62.20 11.61 -12.67
CA ASN E 153 -61.92 12.09 -14.02
C ASN E 153 -60.42 12.36 -14.14
N ASN E 154 -59.67 11.30 -14.49
CA ASN E 154 -58.22 11.39 -14.63
C ASN E 154 -57.81 11.84 -16.02
N ASP E 155 -58.30 11.17 -17.05
CA ASP E 155 -57.95 11.51 -18.42
C ASP E 155 -58.79 12.68 -18.91
N THR E 156 -58.72 12.97 -20.21
CA THR E 156 -59.46 14.07 -20.82
C THR E 156 -60.62 13.60 -21.68
N ASN E 157 -61.14 12.40 -21.41
CA ASN E 157 -62.22 11.86 -22.23
C ASN E 157 -63.56 12.51 -21.92
N HIS E 158 -63.95 12.52 -20.65
CA HIS E 158 -65.24 13.07 -20.25
C HIS E 158 -65.15 13.43 -18.76
N GLN E 159 -66.30 13.74 -18.16
CA GLN E 159 -66.39 14.15 -16.76
C GLN E 159 -65.54 15.39 -16.49
N HIS E 160 -65.36 16.24 -17.50
CA HIS E 160 -64.64 17.50 -17.38
C HIS E 160 -65.47 18.59 -18.04
N ASP E 161 -66.23 19.33 -17.24
CA ASP E 161 -67.02 20.43 -17.76
C ASP E 161 -66.11 21.49 -18.37
N LYS E 162 -66.34 21.81 -19.64
CA LYS E 162 -65.43 22.70 -20.36
C LYS E 162 -65.42 24.12 -19.81
N GLU E 163 -66.38 24.48 -18.97
CA GLU E 163 -66.39 25.78 -18.34
C GLU E 163 -65.71 25.78 -16.97
N ASN E 164 -65.23 24.63 -16.51
CA ASN E 164 -64.57 24.54 -15.21
C ASN E 164 -63.09 24.21 -15.27
N ARG E 165 -62.63 23.60 -16.37
CA ARG E 165 -61.22 23.26 -16.54
C ARG E 165 -60.79 23.57 -17.96
N ALA E 166 -59.49 23.78 -18.13
CA ALA E 166 -58.96 24.07 -19.46
C ALA E 166 -57.49 23.71 -19.50
N ARG E 167 -56.98 23.51 -20.72
CA ARG E 167 -55.58 23.20 -20.96
C ARG E 167 -55.02 24.22 -21.94
N ILE E 168 -53.76 24.62 -21.72
CA ILE E 168 -53.13 25.65 -22.54
C ILE E 168 -51.74 25.17 -22.93
N ASP E 169 -51.40 25.31 -24.21
CA ASP E 169 -50.10 24.92 -24.76
C ASP E 169 -49.31 26.19 -25.05
N ILE E 170 -48.32 26.48 -24.23
CA ILE E 170 -47.47 27.65 -24.42
C ILE E 170 -46.30 27.25 -25.31
N THR E 171 -46.18 27.92 -26.46
CA THR E 171 -45.11 27.68 -27.41
C THR E 171 -44.24 28.92 -27.55
N ALA E 172 -43.02 28.71 -28.02
CA ALA E 172 -42.11 29.82 -28.25
C ALA E 172 -42.50 30.66 -29.44
N SER E 173 -43.29 30.12 -30.37
CA SER E 173 -43.72 30.89 -31.53
C SER E 173 -44.71 31.99 -31.12
N ALA E 174 -45.79 31.61 -30.46
CA ALA E 174 -46.81 32.56 -30.02
C ALA E 174 -46.99 32.46 -28.51
N PRO E 175 -46.31 33.32 -27.74
CA PRO E 175 -46.47 33.28 -26.27
C PRO E 175 -47.75 33.92 -25.77
N ARG E 176 -48.53 34.56 -26.63
CA ARG E 176 -49.79 35.19 -26.24
C ARG E 176 -50.95 34.27 -26.57
N VAL E 177 -51.71 33.89 -25.55
CA VAL E 177 -52.83 32.97 -25.71
C VAL E 177 -54.07 33.56 -25.05
N GLU E 178 -55.23 33.24 -25.61
CA GLU E 178 -56.52 33.67 -25.09
C GLU E 178 -57.28 32.44 -24.61
N VAL E 179 -57.62 32.42 -23.32
CA VAL E 179 -58.26 31.26 -22.70
C VAL E 179 -59.74 31.57 -22.53
N GLU E 180 -60.59 30.64 -22.94
CA GLU E 180 -62.04 30.75 -22.81
C GLU E 180 -62.50 29.77 -21.74
N LEU E 181 -63.15 30.29 -20.71
CA LEU E 181 -63.68 29.47 -19.62
C LEU E 181 -65.21 29.34 -19.69
N GLY E 182 -65.79 29.63 -20.84
CA GLY E 182 -67.23 29.51 -21.00
C GLY E 182 -68.01 30.65 -20.35
N SER E 183 -68.87 30.30 -19.39
CA SER E 183 -69.71 31.31 -18.75
C SER E 183 -68.89 32.23 -17.85
N PHE E 184 -67.76 31.75 -17.34
CA PHE E 184 -66.94 32.58 -16.45
C PHE E 184 -66.36 33.78 -17.20
N GLY E 185 -65.88 33.57 -18.41
CA GLY E 185 -65.35 34.63 -19.23
C GLY E 185 -64.09 34.18 -19.93
N SER E 186 -63.27 35.15 -20.33
CA SER E 186 -62.02 34.89 -21.03
C SER E 186 -60.89 35.64 -20.34
N ILE E 187 -59.70 35.04 -20.38
CA ILE E 187 -58.49 35.64 -19.83
C ILE E 187 -57.41 35.62 -20.92
N SER E 188 -56.33 36.36 -20.67
CA SER E 188 -55.20 36.41 -21.57
C SER E 188 -53.94 36.02 -20.82
N MET E 189 -53.05 35.27 -21.47
CA MET E 189 -51.81 34.83 -20.85
C MET E 189 -50.64 35.09 -21.78
N GLU E 190 -49.57 35.66 -21.24
CA GLU E 190 -48.31 35.84 -21.97
C GLU E 190 -47.19 35.23 -21.13
N CYS E 191 -46.67 34.10 -21.58
CA CYS E 191 -45.65 33.37 -20.84
C CYS E 191 -44.32 33.42 -21.59
N GLU E 192 -43.24 33.61 -20.86
CA GLU E 192 -41.89 33.71 -21.44
C GLU E 192 -41.03 32.55 -20.98
N PRO E 193 -40.75 31.57 -21.85
CA PRO E 193 -39.92 30.44 -21.44
C PRO E 193 -38.45 30.82 -21.27
N ARG E 194 -38.13 31.44 -20.14
CA ARG E 194 -36.77 31.89 -19.87
C ARG E 194 -36.32 31.37 -18.50
N SER E 195 -35.01 31.50 -18.25
CA SER E 195 -34.40 31.11 -16.99
C SER E 195 -34.67 29.64 -16.64
N GLY E 196 -34.89 28.80 -17.63
CA GLY E 196 -35.10 27.39 -17.43
C GLY E 196 -33.80 26.61 -17.40
N LEU E 197 -33.94 25.28 -17.44
CA LEU E 197 -32.77 24.42 -17.49
C LEU E 197 -32.02 24.62 -18.79
N ASN E 198 -30.69 24.76 -18.69
CA ASN E 198 -29.87 25.01 -19.86
C ASN E 198 -29.91 23.84 -20.82
N PHE E 199 -30.17 24.14 -22.10
CA PHE E 199 -30.24 23.13 -23.16
C PHE E 199 -29.14 23.32 -24.19
N GLY E 200 -28.07 24.04 -23.85
CA GLY E 200 -26.91 24.16 -24.68
C GLY E 200 -25.77 23.22 -24.35
N ASP E 201 -25.91 22.40 -23.30
CA ASP E 201 -24.90 21.43 -22.93
C ASP E 201 -25.55 20.09 -22.62
N LEU E 202 -26.61 19.77 -23.38
CA LEU E 202 -27.35 18.53 -23.19
C LEU E 202 -27.70 17.93 -24.54
N TYR E 203 -27.55 16.61 -24.65
CA TYR E 203 -27.92 15.86 -25.84
C TYR E 203 -28.93 14.78 -25.47
N TYR E 204 -29.93 14.61 -26.32
CA TYR E 204 -31.00 13.64 -26.09
C TYR E 204 -30.63 12.33 -26.77
N LEU E 205 -30.30 11.32 -25.96
CA LEU E 205 -29.79 10.05 -26.46
C LEU E 205 -30.92 9.04 -26.55
N THR E 206 -31.16 8.52 -27.75
CA THR E 206 -32.17 7.49 -27.99
C THR E 206 -31.49 6.16 -28.28
N MET E 207 -31.87 5.12 -27.57
CA MET E 207 -31.22 3.82 -27.70
C MET E 207 -32.16 2.72 -27.22
N ASN E 208 -32.49 1.79 -28.11
CA ASN E 208 -33.27 0.59 -27.78
C ASN E 208 -34.59 0.96 -27.10
N ASN E 209 -35.34 1.84 -27.74
CA ASN E 209 -36.63 2.32 -27.26
C ASN E 209 -36.54 2.93 -25.86
N LYS E 210 -35.36 3.38 -25.46
CA LYS E 210 -35.17 4.09 -24.20
C LYS E 210 -34.48 5.41 -24.49
N HIS E 211 -34.53 6.31 -23.52
CA HIS E 211 -34.05 7.67 -23.73
C HIS E 211 -33.33 8.18 -22.50
N TRP E 212 -32.29 8.99 -22.74
CA TRP E 212 -31.51 9.60 -21.67
C TRP E 212 -31.11 11.00 -22.10
N LEU E 213 -30.49 11.72 -21.17
CA LEU E 213 -29.85 13.00 -21.45
C LEU E 213 -28.39 12.92 -21.04
N VAL E 214 -27.50 13.41 -21.92
CA VAL E 214 -26.06 13.30 -21.70
C VAL E 214 -25.42 14.66 -21.91
N ASN E 215 -24.16 14.75 -21.51
CA ASN E 215 -23.38 15.98 -21.65
C ASN E 215 -22.69 16.03 -23.01
N ARG E 216 -22.61 17.24 -23.57
CA ARG E 216 -21.99 17.39 -24.89
C ARG E 216 -20.49 17.13 -24.83
N ASP E 217 -19.89 17.37 -23.66
CA ASP E 217 -18.47 17.21 -23.39
C ASP E 217 -18.13 15.78 -23.04
N TRP E 218 -19.09 14.87 -23.21
CA TRP E 218 -18.87 13.44 -23.08
C TRP E 218 -19.41 12.69 -24.29
N PHE E 219 -20.45 13.23 -24.93
CA PHE E 219 -21.04 12.55 -26.08
C PHE E 219 -20.03 12.44 -27.22
N HIS E 220 -19.23 13.48 -27.43
CA HIS E 220 -18.19 13.45 -28.47
C HIS E 220 -16.96 12.66 -28.04
N ASP E 221 -16.82 12.37 -26.75
CA ASP E 221 -15.67 11.63 -26.25
C ASP E 221 -15.80 10.13 -26.48
N LEU E 222 -17.00 9.63 -26.73
CA LEU E 222 -17.21 8.20 -26.88
C LEU E 222 -16.44 7.65 -28.08
N SER E 223 -15.83 6.48 -27.90
CA SER E 223 -14.99 5.86 -28.93
C SER E 223 -15.78 4.73 -29.57
N LEU E 224 -16.56 5.08 -30.58
CA LEU E 224 -17.37 4.12 -31.33
C LEU E 224 -17.59 4.68 -32.73
N PRO E 225 -17.98 3.85 -33.69
CA PRO E 225 -18.30 4.37 -35.02
C PRO E 225 -19.45 5.37 -34.95
N TRP E 226 -19.40 6.37 -35.82
CA TRP E 226 -20.38 7.44 -35.78
C TRP E 226 -20.61 7.98 -37.19
N HIS E 227 -21.75 8.64 -37.36
CA HIS E 227 -22.01 9.38 -38.59
C HIS E 227 -23.07 10.43 -38.33
N THR E 228 -22.93 11.57 -39.02
CA THR E 228 -23.85 12.67 -38.80
C THR E 228 -25.23 12.35 -39.39
N GLY E 229 -26.18 13.24 -39.15
CA GLY E 229 -27.54 13.01 -39.60
C GLY E 229 -27.78 13.44 -41.03
N ALA E 230 -27.81 12.48 -41.94
CA ALA E 230 -28.05 12.74 -43.36
C ALA E 230 -29.06 11.75 -43.88
N THR E 231 -30.17 12.26 -44.42
CA THR E 231 -31.24 11.40 -44.93
C THR E 231 -30.74 10.64 -46.14
N SER E 232 -30.53 9.33 -45.97
CA SER E 232 -30.05 8.47 -47.04
C SER E 232 -30.26 7.02 -46.63
N ASN E 233 -30.18 6.13 -47.62
CA ASN E 233 -30.33 4.70 -47.35
C ASN E 233 -29.01 4.08 -46.91
N ASN E 234 -27.90 4.53 -47.47
CA ASN E 234 -26.57 4.07 -47.09
C ASN E 234 -25.74 5.25 -46.63
N HIS E 235 -25.17 5.15 -45.43
CA HIS E 235 -24.42 6.24 -44.84
C HIS E 235 -22.94 5.89 -44.77
N HIS E 236 -22.10 6.90 -44.89
CA HIS E 236 -20.66 6.73 -44.73
C HIS E 236 -20.30 6.84 -43.25
N TRP E 237 -19.48 5.91 -42.78
CA TRP E 237 -19.10 5.85 -41.37
C TRP E 237 -17.64 6.25 -41.22
N ASN E 238 -17.28 6.63 -40.00
CA ASN E 238 -15.91 7.01 -39.66
C ASN E 238 -15.49 6.32 -38.38
N ASN E 239 -14.20 6.00 -38.30
CA ASN E 239 -13.60 5.41 -37.10
C ASN E 239 -14.32 4.11 -36.71
N LYS E 240 -14.48 3.23 -37.70
CA LYS E 240 -15.10 1.93 -37.46
C LYS E 240 -14.11 0.86 -37.00
N GLU E 241 -12.81 1.14 -37.08
CA GLU E 241 -11.81 0.17 -36.60
C GLU E 241 -11.96 -0.15 -35.12
N ALA E 242 -12.61 0.73 -34.35
CA ALA E 242 -12.85 0.48 -32.94
C ALA E 242 -13.82 -0.67 -32.67
N LEU E 243 -14.54 -1.14 -33.69
CA LEU E 243 -15.45 -2.26 -33.52
C LEU E 243 -15.01 -3.51 -34.25
N VAL E 244 -13.94 -3.45 -35.03
CA VAL E 244 -13.43 -4.60 -35.77
C VAL E 244 -12.02 -4.89 -35.27
N GLU E 245 -11.83 -6.08 -34.71
CA GLU E 245 -10.54 -6.48 -34.16
C GLU E 245 -9.81 -7.40 -35.14
N PHE E 246 -8.65 -6.95 -35.61
CA PHE E 246 -7.91 -7.69 -36.61
C PHE E 246 -6.98 -8.69 -35.93
N ARG E 247 -6.97 -9.93 -36.42
CA ARG E 247 -6.07 -10.94 -35.89
C ARG E 247 -4.66 -10.63 -36.36
N GLU E 248 -3.66 -11.10 -35.60
CA GLU E 248 -2.29 -10.88 -36.01
C GLU E 248 -2.06 -11.45 -37.40
N ALA E 249 -1.38 -10.68 -38.23
CA ALA E 249 -1.16 -11.08 -39.63
C ALA E 249 -0.46 -12.42 -39.73
N HIS E 250 -0.96 -13.25 -40.64
CA HIS E 250 -0.40 -14.57 -40.88
C HIS E 250 0.65 -14.47 -41.99
N ALA E 251 1.05 -15.61 -42.56
CA ALA E 251 2.02 -15.60 -43.65
C ALA E 251 1.54 -14.82 -44.86
N LYS E 252 0.28 -15.02 -45.26
CA LYS E 252 -0.25 -14.23 -46.39
C LYS E 252 -1.73 -13.87 -46.28
N LYS E 253 -2.31 -13.82 -45.08
CA LYS E 253 -3.70 -13.40 -44.95
C LYS E 253 -3.90 -12.67 -43.63
N GLN E 254 -5.12 -12.20 -43.41
CA GLN E 254 -5.51 -11.58 -42.14
C GLN E 254 -7.00 -11.76 -41.94
N THR E 255 -7.38 -12.40 -40.83
CA THR E 255 -8.78 -12.69 -40.54
C THR E 255 -9.29 -11.67 -39.52
N ALA E 256 -10.24 -10.84 -39.93
CA ALA E 256 -10.85 -9.87 -39.03
C ALA E 256 -12.03 -10.48 -38.28
N VAL E 257 -12.37 -9.89 -37.14
CA VAL E 257 -13.55 -10.30 -36.38
C VAL E 257 -14.28 -9.05 -35.93
N VAL E 258 -15.57 -9.21 -35.63
CA VAL E 258 -16.42 -8.10 -35.22
C VAL E 258 -16.76 -8.28 -33.75
N LEU E 259 -16.86 -7.17 -33.03
CA LEU E 259 -17.20 -7.22 -31.61
C LEU E 259 -18.68 -7.52 -31.42
N GLY E 260 -19.02 -7.97 -30.22
CA GLY E 260 -20.38 -8.31 -29.89
C GLY E 260 -21.19 -7.08 -29.53
N SER E 261 -22.37 -7.33 -28.97
CA SER E 261 -23.26 -6.24 -28.57
C SER E 261 -22.63 -5.47 -27.41
N GLN E 262 -22.45 -4.16 -27.61
CA GLN E 262 -21.94 -3.27 -26.57
C GLN E 262 -23.05 -2.60 -25.77
N GLU E 263 -24.25 -3.20 -25.74
CA GLU E 263 -25.35 -2.63 -24.99
C GLU E 263 -25.04 -2.61 -23.49
N GLY E 264 -24.40 -3.66 -22.98
CA GLY E 264 -24.08 -3.69 -21.56
C GLY E 264 -23.12 -2.59 -21.16
N ALA E 265 -22.12 -2.31 -22.00
CA ALA E 265 -21.18 -1.25 -21.69
C ALA E 265 -21.85 0.11 -21.63
N VAL E 266 -22.77 0.38 -22.57
CA VAL E 266 -23.48 1.65 -22.58
C VAL E 266 -24.41 1.75 -21.38
N HIS E 267 -25.08 0.65 -21.04
CA HIS E 267 -25.96 0.65 -19.87
C HIS E 267 -25.17 0.88 -18.59
N ALA E 268 -23.96 0.35 -18.51
CA ALA E 268 -23.12 0.57 -17.33
C ALA E 268 -22.60 2.00 -17.29
N ALA E 269 -22.25 2.57 -18.44
CA ALA E 269 -21.73 3.93 -18.46
C ALA E 269 -22.81 4.95 -18.16
N LEU E 270 -24.05 4.68 -18.57
CA LEU E 270 -25.16 5.60 -18.36
C LEU E 270 -25.88 5.34 -17.04
N ALA E 271 -25.19 4.77 -16.06
CA ALA E 271 -25.83 4.50 -14.76
C ALA E 271 -26.22 5.78 -14.05
N GLY E 272 -25.31 6.74 -13.97
CA GLY E 272 -25.57 7.99 -13.30
C GLY E 272 -26.12 9.07 -14.20
N ALA E 273 -27.02 8.71 -15.11
CA ALA E 273 -27.59 9.65 -16.05
C ALA E 273 -29.07 9.87 -15.76
N LEU E 274 -29.58 11.00 -16.24
CA LEU E 274 -30.98 11.35 -16.12
C LEU E 274 -31.80 10.64 -17.19
N GLU E 275 -33.03 10.29 -16.84
CA GLU E 275 -33.92 9.58 -17.75
C GLU E 275 -35.15 10.44 -18.05
N ALA E 276 -35.90 10.01 -19.07
CA ALA E 276 -37.11 10.71 -19.48
C ALA E 276 -38.03 9.69 -20.16
N GLU E 277 -39.14 10.19 -20.70
CA GLU E 277 -40.09 9.36 -21.43
C GLU E 277 -40.35 9.99 -22.79
N SER E 278 -40.92 9.19 -23.68
CA SER E 278 -41.19 9.65 -25.03
C SER E 278 -42.45 9.00 -25.58
N ASP E 279 -43.14 9.74 -26.45
CA ASP E 279 -44.30 9.25 -27.17
C ASP E 279 -44.09 9.55 -28.65
N GLY E 280 -44.02 8.50 -29.47
CA GLY E 280 -43.73 8.67 -30.88
C GLY E 280 -42.37 9.30 -31.10
N HIS E 281 -42.35 10.56 -31.53
CA HIS E 281 -41.12 11.31 -31.71
C HIS E 281 -40.95 12.43 -30.70
N LYS E 282 -41.93 12.65 -29.83
CA LYS E 282 -41.86 13.70 -28.83
C LYS E 282 -41.32 13.16 -27.51
N ALA E 283 -40.67 14.04 -26.76
CA ALA E 283 -40.05 13.71 -25.49
C ALA E 283 -40.68 14.54 -24.38
N THR E 284 -40.66 14.01 -23.16
CA THR E 284 -41.25 14.67 -22.01
C THR E 284 -40.20 14.92 -20.95
N ILE E 285 -40.09 16.17 -20.51
CA ILE E 285 -39.14 16.59 -19.48
C ILE E 285 -39.94 17.12 -18.30
N TYR E 286 -39.50 16.75 -17.09
CA TYR E 286 -40.19 17.11 -15.86
C TYR E 286 -39.45 18.18 -15.06
N SER E 287 -38.53 18.90 -15.68
CA SER E 287 -37.78 19.95 -15.01
C SER E 287 -37.84 21.23 -15.82
N GLY E 288 -38.04 22.36 -15.13
CA GLY E 288 -38.12 23.64 -15.78
C GLY E 288 -39.28 24.49 -15.30
N HIS E 289 -39.01 25.74 -14.94
CA HIS E 289 -40.03 26.66 -14.46
C HIS E 289 -40.43 27.62 -15.58
N LEU E 290 -41.38 28.51 -15.26
CA LEU E 290 -41.92 29.41 -16.27
C LEU E 290 -42.41 30.69 -15.60
N LYS E 291 -42.34 31.79 -16.34
CA LYS E 291 -42.86 33.07 -15.90
C LYS E 291 -44.00 33.48 -16.82
N CYS E 292 -45.08 34.00 -16.23
CA CYS E 292 -46.26 34.35 -17.03
C CYS E 292 -46.86 35.65 -16.51
N ARG E 293 -47.64 36.29 -17.37
CA ARG E 293 -48.40 37.48 -17.03
C ARG E 293 -49.83 37.30 -17.51
N LEU E 294 -50.78 37.47 -16.59
CA LEU E 294 -52.19 37.25 -16.86
C LEU E 294 -52.93 38.58 -16.92
N LYS E 295 -53.81 38.68 -17.92
CA LYS E 295 -54.71 39.82 -18.09
C LYS E 295 -56.12 39.32 -17.88
N LEU E 296 -56.76 39.82 -16.81
CA LEU E 296 -58.10 39.39 -16.40
C LEU E 296 -59.04 40.59 -16.59
N ASP E 297 -59.60 40.71 -17.80
CA ASP E 297 -60.49 41.81 -18.13
C ASP E 297 -61.95 41.38 -18.26
N LYS E 298 -62.21 40.31 -19.02
CA LYS E 298 -63.57 39.85 -19.28
C LYS E 298 -63.99 38.72 -18.35
N LEU E 299 -63.21 38.44 -17.30
CA LEU E 299 -63.56 37.37 -16.37
C LEU E 299 -64.57 37.89 -15.34
N ARG E 300 -65.65 37.13 -15.15
CA ARG E 300 -66.70 37.52 -14.23
C ARG E 300 -67.11 36.31 -13.41
N LEU E 301 -68.07 36.50 -12.51
CA LEU E 301 -68.64 35.41 -11.73
C LEU E 301 -69.80 34.76 -12.49
N LYS E 302 -70.27 33.64 -11.95
CA LYS E 302 -71.39 32.89 -12.51
C LYS E 302 -72.65 32.97 -11.67
N GLY E 303 -72.53 32.94 -10.34
CA GLY E 303 -73.68 32.93 -9.47
C GLY E 303 -73.82 34.16 -8.59
N MET E 304 -73.39 35.32 -9.09
CA MET E 304 -73.50 36.55 -8.30
C MET E 304 -74.95 37.01 -8.17
N SER E 305 -75.77 36.76 -9.18
CA SER E 305 -77.16 37.20 -9.18
C SER E 305 -78.12 36.18 -8.59
N TYR E 306 -77.64 35.01 -8.19
CA TYR E 306 -78.52 33.99 -7.64
C TYR E 306 -79.06 34.41 -6.28
N ALA E 307 -80.10 33.70 -5.84
CA ALA E 307 -80.73 33.95 -4.55
C ALA E 307 -80.08 33.09 -3.47
N LEU E 308 -80.62 33.16 -2.26
CA LEU E 308 -80.14 32.39 -1.12
C LEU E 308 -80.80 31.01 -1.11
N CYS E 309 -80.19 30.10 -0.34
CA CYS E 309 -80.68 28.74 -0.21
C CYS E 309 -81.59 28.65 1.02
N THR E 310 -82.85 28.26 0.79
CA THR E 310 -83.83 28.10 1.85
C THR E 310 -84.08 26.63 2.19
N GLY E 311 -83.11 25.76 1.96
CA GLY E 311 -83.26 24.34 2.23
C GLY E 311 -82.55 23.91 3.49
N ALA E 312 -81.99 22.71 3.47
CA ALA E 312 -81.30 22.13 4.62
C ALA E 312 -79.86 21.81 4.24
N PHE E 313 -78.92 22.38 4.99
CA PHE E 313 -77.50 22.11 4.79
C PHE E 313 -77.01 21.14 5.85
N THR E 314 -76.15 20.21 5.45
CA THR E 314 -75.62 19.21 6.36
C THR E 314 -74.18 18.90 6.00
N PHE E 315 -73.37 18.59 7.00
CA PHE E 315 -72.00 18.18 6.76
C PHE E 315 -71.96 16.75 6.25
N ALA E 316 -71.07 16.48 5.30
CA ALA E 316 -70.92 15.14 4.77
C ALA E 316 -69.87 14.32 5.50
N ARG E 317 -68.93 14.99 6.16
CA ARG E 317 -67.91 14.33 6.97
C ARG E 317 -67.22 15.41 7.79
N THR E 318 -66.29 14.99 8.65
CA THR E 318 -65.50 15.95 9.41
C THR E 318 -64.63 16.75 8.47
N PRO E 319 -64.69 18.09 8.52
CA PRO E 319 -63.86 18.89 7.62
C PRO E 319 -62.38 18.62 7.83
N SER E 320 -61.67 18.42 6.73
CA SER E 320 -60.25 18.11 6.77
C SER E 320 -59.43 19.39 6.87
N GLU E 321 -58.12 19.22 7.06
CA GLU E 321 -57.20 20.34 7.17
C GLU E 321 -55.96 20.04 6.35
N THR E 322 -55.53 21.01 5.55
CA THR E 322 -54.38 20.85 4.68
C THR E 322 -53.13 21.40 5.36
N ILE E 323 -51.98 21.23 4.69
CA ILE E 323 -50.72 21.66 5.27
C ILE E 323 -50.61 23.18 5.35
N HIS E 324 -51.37 23.90 4.52
CA HIS E 324 -51.32 25.36 4.49
C HIS E 324 -52.39 26.00 5.38
N GLY E 325 -52.89 25.28 6.38
CA GLY E 325 -53.88 25.83 7.27
C GLY E 325 -55.22 26.16 6.64
N THR E 326 -55.54 25.55 5.50
CA THR E 326 -56.81 25.77 4.83
C THR E 326 -57.77 24.64 5.13
N ALA E 327 -59.05 24.97 5.26
CA ALA E 327 -60.08 24.00 5.65
C ALA E 327 -61.02 23.78 4.47
N THR E 328 -61.17 22.52 4.07
CA THR E 328 -62.14 22.13 3.05
C THR E 328 -63.42 21.65 3.72
N VAL E 329 -64.55 22.17 3.25
CA VAL E 329 -65.86 21.83 3.79
C VAL E 329 -66.69 21.20 2.67
N GLU E 330 -67.26 20.03 2.93
CA GLU E 330 -68.06 19.31 1.96
C GLU E 330 -69.50 19.29 2.46
N LEU E 331 -70.38 20.00 1.76
CA LEU E 331 -71.76 20.20 2.18
C LEU E 331 -72.70 19.36 1.33
N GLN E 332 -73.81 18.95 1.95
CA GLN E 332 -74.91 18.29 1.27
C GLN E 332 -76.18 19.11 1.50
N TYR E 333 -76.83 19.48 0.40
CA TYR E 333 -78.01 20.32 0.43
C TYR E 333 -79.25 19.49 0.10
N ALA E 334 -80.28 19.65 0.92
CA ALA E 334 -81.58 19.01 0.71
C ALA E 334 -82.63 20.08 0.43
N GLY E 335 -83.49 19.80 -0.54
CA GLY E 335 -84.44 20.75 -1.04
C GLY E 335 -84.30 20.96 -2.54
N GLU E 336 -85.33 21.59 -3.11
CA GLU E 336 -85.39 21.89 -4.55
C GLU E 336 -85.66 23.37 -4.73
N ASP E 337 -84.59 24.17 -4.68
CA ASP E 337 -84.67 25.61 -4.89
C ASP E 337 -83.85 26.07 -6.09
N GLY E 338 -83.22 25.17 -6.81
CA GLY E 338 -82.36 25.54 -7.92
C GLY E 338 -81.04 26.08 -7.44
N PRO E 339 -80.22 26.57 -8.37
CA PRO E 339 -78.92 27.15 -7.98
C PRO E 339 -79.13 28.38 -7.09
N CYS E 340 -78.63 28.27 -5.85
CA CYS E 340 -78.77 29.34 -4.87
C CYS E 340 -77.44 29.54 -4.16
N LYS E 341 -77.23 30.77 -3.69
CA LYS E 341 -75.99 31.10 -3.01
C LYS E 341 -75.95 30.47 -1.63
N VAL E 342 -74.77 30.00 -1.23
CA VAL E 342 -74.59 29.27 0.02
C VAL E 342 -74.26 30.29 1.11
N PRO E 343 -75.14 30.52 2.08
CA PRO E 343 -74.83 31.44 3.18
C PRO E 343 -73.92 30.78 4.21
N ILE E 344 -72.66 31.22 4.25
CA ILE E 344 -71.68 30.69 5.18
C ILE E 344 -70.92 31.85 5.80
N VAL E 345 -70.70 31.78 7.11
CA VAL E 345 -69.97 32.82 7.84
C VAL E 345 -68.96 32.15 8.77
N ILE E 346 -67.92 32.92 9.10
CA ILE E 346 -66.87 32.49 10.01
C ILE E 346 -66.73 33.57 11.09
N THR E 347 -66.84 33.18 12.35
CA THR E 347 -66.82 34.14 13.44
C THR E 347 -66.04 33.54 14.62
N SER E 348 -66.07 34.23 15.75
CA SER E 348 -65.39 33.79 16.95
C SER E 348 -66.33 33.21 18.02
N ASP E 349 -67.60 33.59 18.01
CA ASP E 349 -68.56 33.04 18.94
C ASP E 349 -69.92 32.98 18.24
N THR E 350 -70.77 32.07 18.73
CA THR E 350 -72.06 31.84 18.08
C THR E 350 -72.95 33.07 18.17
N ASN E 351 -72.75 33.93 19.17
CA ASN E 351 -73.55 35.14 19.31
C ASN E 351 -72.91 36.36 18.66
N SER E 352 -71.62 36.29 18.34
CA SER E 352 -70.94 37.43 17.72
C SER E 352 -71.45 37.67 16.31
N MET E 353 -71.36 36.65 15.45
CA MET E 353 -71.78 36.74 14.05
C MET E 353 -71.07 37.89 13.33
N ALA E 354 -69.74 37.79 13.28
CA ALA E 354 -68.92 38.79 12.63
C ALA E 354 -67.88 38.08 11.78
N SER E 355 -67.77 38.46 10.50
CA SER E 355 -66.81 37.84 9.61
C SER E 355 -65.39 38.14 10.06
N THR E 356 -64.65 37.08 10.39
CA THR E 356 -63.27 37.22 10.85
C THR E 356 -62.24 36.68 9.86
N GLY E 357 -62.65 35.87 8.89
CA GLY E 357 -61.75 35.31 7.91
C GLY E 357 -62.26 35.50 6.49
N ARG E 358 -61.43 35.08 5.55
CA ARG E 358 -61.75 35.15 4.13
C ARG E 358 -62.01 33.76 3.56
N LEU E 359 -62.49 33.74 2.32
CA LEU E 359 -62.81 32.51 1.62
C LEU E 359 -61.89 32.36 0.42
N ILE E 360 -61.35 31.15 0.23
CA ILE E 360 -60.52 30.91 -0.94
C ILE E 360 -61.37 30.74 -2.18
N THR E 361 -62.60 30.23 -2.03
CA THR E 361 -63.52 30.06 -3.15
C THR E 361 -64.56 31.17 -3.07
N ALA E 362 -64.60 32.02 -4.09
CA ALA E 362 -65.52 33.14 -4.11
C ALA E 362 -66.89 32.72 -4.62
N ASN E 363 -67.93 33.23 -3.97
CA ASN E 363 -69.32 32.95 -4.31
C ASN E 363 -69.61 31.45 -4.31
N PRO E 364 -69.63 30.80 -3.14
CA PRO E 364 -69.99 29.38 -3.10
C PRO E 364 -71.46 29.19 -3.48
N VAL E 365 -71.70 28.25 -4.40
CA VAL E 365 -73.03 28.06 -4.97
C VAL E 365 -73.23 26.57 -5.22
N VAL E 366 -74.50 26.17 -5.32
CA VAL E 366 -74.87 24.81 -5.71
C VAL E 366 -75.06 24.77 -7.21
N THR E 367 -74.57 23.70 -7.83
CA THR E 367 -74.49 23.63 -9.29
C THR E 367 -75.75 23.07 -9.92
N GLU E 368 -76.38 22.08 -9.30
CA GLU E 368 -77.56 21.43 -9.86
C GLU E 368 -78.80 21.82 -9.06
N SER E 369 -79.96 21.46 -9.61
CA SER E 369 -81.25 21.70 -8.98
C SER E 369 -81.86 20.43 -8.40
N GLY E 370 -81.05 19.41 -8.13
CA GLY E 370 -81.55 18.18 -7.59
C GLY E 370 -82.03 18.32 -6.15
N ALA E 371 -82.75 17.29 -5.70
CA ALA E 371 -83.28 17.27 -4.34
C ALA E 371 -82.15 17.22 -3.32
N ASN E 372 -81.34 16.17 -3.36
CA ASN E 372 -80.20 16.00 -2.47
C ASN E 372 -78.92 16.12 -3.30
N SER E 373 -78.30 17.29 -3.24
CA SER E 373 -77.09 17.57 -4.00
C SER E 373 -75.91 17.75 -3.05
N LYS E 374 -74.72 17.82 -3.62
CA LYS E 374 -73.50 17.97 -2.84
C LYS E 374 -72.61 19.04 -3.46
N MET E 375 -71.76 19.64 -2.63
CA MET E 375 -70.85 20.69 -3.07
C MET E 375 -69.67 20.75 -2.10
N MET E 376 -68.67 21.53 -2.47
CA MET E 376 -67.47 21.68 -1.67
C MET E 376 -66.98 23.11 -1.73
N VAL E 377 -66.32 23.56 -0.66
CA VAL E 377 -65.75 24.89 -0.57
C VAL E 377 -64.45 24.81 0.21
N GLU E 378 -63.59 25.81 0.01
CA GLU E 378 -62.30 25.88 0.69
C GLU E 378 -62.16 27.26 1.30
N ILE E 379 -61.88 27.31 2.61
CA ILE E 379 -61.79 28.57 3.33
C ILE E 379 -60.49 28.60 4.13
N ASP E 380 -60.19 29.78 4.67
CA ASP E 380 -59.00 29.98 5.49
C ASP E 380 -59.43 30.48 6.86
N PRO E 381 -59.38 29.65 7.90
CA PRO E 381 -59.84 30.08 9.22
C PRO E 381 -58.83 30.97 9.90
N PRO E 382 -59.26 31.86 10.78
CA PRO E 382 -58.31 32.71 11.51
C PRO E 382 -57.54 31.92 12.54
N PHE E 383 -56.37 32.43 12.89
CA PHE E 383 -55.51 31.76 13.87
C PHE E 383 -56.20 31.74 15.23
N GLY E 384 -56.22 30.56 15.86
CA GLY E 384 -56.91 30.39 17.11
C GLY E 384 -58.14 29.53 16.97
N ASP E 385 -59.17 29.82 17.75
CA ASP E 385 -60.44 29.10 17.68
C ASP E 385 -61.46 29.93 16.90
N SER E 386 -62.34 29.24 16.19
CA SER E 386 -63.33 29.89 15.36
C SER E 386 -64.55 29.00 15.20
N TYR E 387 -65.65 29.61 14.74
CA TYR E 387 -66.91 28.91 14.51
C TYR E 387 -67.35 29.16 13.08
N ILE E 388 -67.61 28.07 12.36
CA ILE E 388 -68.14 28.11 11.01
C ILE E 388 -69.65 27.87 11.09
N ILE E 389 -70.43 28.80 10.55
CA ILE E 389 -71.88 28.72 10.58
C ILE E 389 -72.38 28.66 9.14
N VAL E 390 -73.30 27.72 8.88
CA VAL E 390 -73.84 27.49 7.55
C VAL E 390 -75.36 27.53 7.63
N GLY E 391 -75.97 28.38 6.82
CA GLY E 391 -77.41 28.50 6.78
C GLY E 391 -77.93 29.63 7.65
N THR E 392 -79.24 29.82 7.61
CA THR E 392 -79.93 30.84 8.38
C THR E 392 -81.09 30.19 9.14
N GLY E 393 -81.86 31.03 9.83
CA GLY E 393 -83.03 30.56 10.54
C GLY E 393 -82.68 29.64 11.70
N THR E 394 -83.66 28.80 12.06
CA THR E 394 -83.49 27.82 13.12
C THR E 394 -82.83 26.52 12.64
N THR E 395 -82.48 26.44 11.36
CA THR E 395 -81.86 25.24 10.80
C THR E 395 -80.37 25.43 10.50
N LYS E 396 -79.81 26.60 10.80
CA LYS E 396 -78.39 26.83 10.56
C LYS E 396 -77.55 25.94 11.49
N ILE E 397 -76.47 25.39 10.94
CA ILE E 397 -75.59 24.51 11.68
C ILE E 397 -74.29 25.24 11.98
N THR E 398 -73.66 24.86 13.09
CA THR E 398 -72.41 25.45 13.52
C THR E 398 -71.38 24.36 13.74
N HIS E 399 -70.10 24.73 13.62
CA HIS E 399 -69.02 23.80 13.82
C HIS E 399 -67.81 24.53 14.36
N HIS E 400 -67.12 23.91 15.32
CA HIS E 400 -65.93 24.49 15.92
C HIS E 400 -64.71 24.12 15.10
N TRP E 401 -63.72 25.02 15.09
CA TRP E 401 -62.47 24.76 14.38
C TRP E 401 -61.35 25.45 15.12
N HIS E 402 -60.16 24.86 15.05
CA HIS E 402 -58.97 25.41 15.68
C HIS E 402 -57.80 25.35 14.72
N ARG E 403 -56.92 26.34 14.81
CA ARG E 403 -55.75 26.41 13.96
C ARG E 403 -54.60 27.02 14.76
N ALA E 404 -53.46 26.33 14.78
CA ALA E 404 -52.30 26.78 15.52
C ALA E 404 -51.50 27.79 14.70
N GLY E 405 -50.42 28.27 15.29
CA GLY E 405 -49.57 29.26 14.64
C GLY E 405 -49.90 30.66 15.10
N SER E 406 -49.29 31.63 14.42
CA SER E 406 -49.49 33.03 14.75
C SER E 406 -49.67 33.84 13.47
N SER E 407 -50.46 34.91 13.58
CA SER E 407 -50.70 35.76 12.42
C SER E 407 -49.41 36.45 11.96
N ILE E 408 -48.59 36.89 12.90
CA ILE E 408 -47.32 37.53 12.54
C ILE E 408 -46.40 36.53 11.85
N GLY E 409 -46.40 35.28 12.31
CA GLY E 409 -45.57 34.27 11.68
C GLY E 409 -45.96 34.03 10.24
N ARG E 410 -47.26 33.84 9.99
CA ARG E 410 -47.74 33.64 8.62
C ARG E 410 -47.46 34.88 7.78
N ALA E 411 -47.63 36.07 8.36
CA ALA E 411 -47.38 37.30 7.61
C ALA E 411 -45.92 37.37 7.19
N PHE E 412 -45.00 37.06 8.11
CA PHE E 412 -43.57 37.11 7.77
C PHE E 412 -43.21 36.06 6.75
N GLU E 413 -43.77 34.85 6.88
CA GLU E 413 -43.48 33.81 5.90
C GLU E 413 -43.98 34.20 4.52
N ALA E 414 -45.19 34.76 4.44
CA ALA E 414 -45.72 35.18 3.15
C ALA E 414 -44.92 36.34 2.58
N THR E 415 -44.45 37.26 3.43
CA THR E 415 -43.63 38.36 2.96
C THR E 415 -42.31 37.86 2.40
N MET E 416 -41.68 36.90 3.09
CA MET E 416 -40.43 36.35 2.59
C MET E 416 -40.64 35.58 1.28
N ARG E 417 -41.75 34.86 1.17
CA ARG E 417 -42.06 34.15 -0.07
C ARG E 417 -42.29 35.14 -1.21
N GLY E 418 -43.00 36.23 -0.94
CA GLY E 418 -43.20 37.24 -1.96
C GLY E 418 -41.91 37.92 -2.38
N ALA E 419 -41.01 38.14 -1.42
CA ALA E 419 -39.71 38.71 -1.75
C ALA E 419 -38.91 37.76 -2.62
N LYS E 420 -38.93 36.46 -2.30
CA LYS E 420 -38.25 35.48 -3.14
C LYS E 420 -38.85 35.46 -4.54
N ARG E 421 -40.18 35.55 -4.63
CA ARG E 421 -40.85 35.53 -5.93
C ARG E 421 -40.45 36.76 -6.75
N MET E 422 -40.45 37.94 -6.11
CA MET E 422 -40.05 39.15 -6.81
C MET E 422 -38.59 39.11 -7.21
N ALA E 423 -37.75 38.38 -6.45
CA ALA E 423 -36.37 38.22 -6.85
C ALA E 423 -36.25 37.29 -8.04
N VAL E 424 -37.11 36.26 -8.11
CA VAL E 424 -37.12 35.38 -9.28
C VAL E 424 -37.55 36.17 -10.51
N LEU E 425 -38.53 37.06 -10.35
CA LEU E 425 -38.99 37.93 -11.44
C LEU E 425 -38.01 39.09 -11.60
N GLY E 426 -36.82 38.76 -12.09
CA GLY E 426 -35.78 39.75 -12.29
C GLY E 426 -36.07 40.66 -13.47
N ASP E 427 -36.23 40.07 -14.65
CA ASP E 427 -36.59 40.79 -15.85
C ASP E 427 -38.09 40.74 -16.07
N THR E 428 -38.56 41.59 -16.98
CA THR E 428 -39.98 41.69 -17.36
C THR E 428 -40.87 41.93 -16.14
N ALA E 429 -40.35 42.62 -15.13
CA ALA E 429 -41.15 42.95 -13.96
C ALA E 429 -41.79 44.34 -14.10
N TRP E 430 -41.01 45.32 -14.50
CA TRP E 430 -41.46 46.68 -14.74
C TRP E 430 -41.40 46.99 -16.23
N ASP E 431 -41.96 48.13 -16.60
CA ASP E 431 -41.91 48.61 -17.97
C ASP E 431 -41.29 50.00 -18.01
N PHE E 432 -40.24 50.16 -18.80
CA PHE E 432 -39.55 51.43 -18.97
C PHE E 432 -39.92 52.14 -20.26
N GLY E 433 -41.09 51.85 -20.82
CA GLY E 433 -41.52 52.47 -22.05
C GLY E 433 -42.28 53.77 -21.83
N SER E 434 -43.53 53.80 -22.28
CA SER E 434 -44.37 54.97 -22.09
C SER E 434 -44.61 55.22 -20.62
N VAL E 435 -44.75 56.49 -20.26
CA VAL E 435 -44.98 56.86 -18.87
C VAL E 435 -46.46 56.69 -18.53
N GLY E 436 -46.74 56.44 -17.26
CA GLY E 436 -48.07 56.13 -16.78
C GLY E 436 -48.23 54.71 -16.30
N GLY E 437 -47.32 53.81 -16.68
CA GLY E 437 -47.34 52.44 -16.23
C GLY E 437 -46.20 52.14 -15.27
N MET E 438 -45.33 53.12 -15.05
CA MET E 438 -44.23 52.95 -14.11
C MET E 438 -44.73 53.03 -12.68
N PHE E 439 -45.54 54.04 -12.37
CA PHE E 439 -46.18 54.11 -11.06
C PHE E 439 -47.10 52.90 -10.86
N ASN E 440 -47.82 52.51 -11.91
CA ASN E 440 -48.64 51.30 -11.83
C ASN E 440 -47.78 50.08 -11.51
N SER E 441 -46.60 49.97 -12.11
CA SER E 441 -45.74 48.82 -11.86
C SER E 441 -45.19 48.81 -10.44
N VAL E 442 -44.74 49.98 -9.95
CA VAL E 442 -44.20 50.01 -8.60
C VAL E 442 -45.29 49.72 -7.57
N GLY E 443 -46.48 50.28 -7.79
CA GLY E 443 -47.60 49.96 -6.91
C GLY E 443 -47.97 48.50 -6.96
N LYS E 444 -47.98 47.92 -8.16
CA LYS E 444 -48.35 46.52 -8.31
C LYS E 444 -47.38 45.60 -7.57
N PHE E 445 -46.07 45.86 -7.68
CA PHE E 445 -45.17 44.91 -7.02
C PHE E 445 -45.08 45.18 -5.53
N VAL E 446 -45.20 46.44 -5.08
CA VAL E 446 -45.23 46.67 -3.64
C VAL E 446 -46.48 46.04 -3.04
N HIS E 447 -47.59 46.04 -3.78
CA HIS E 447 -48.78 45.34 -3.33
C HIS E 447 -48.53 43.84 -3.25
N GLN E 448 -48.03 43.24 -4.33
CA GLN E 448 -47.80 41.81 -4.34
C GLN E 448 -46.77 41.37 -3.31
N VAL E 449 -45.95 42.29 -2.80
CA VAL E 449 -44.97 41.92 -1.78
C VAL E 449 -45.41 42.23 -0.36
N PHE E 450 -46.34 43.17 -0.15
CA PHE E 450 -46.70 43.58 1.19
C PHE E 450 -48.16 43.40 1.57
N GLY E 451 -49.04 43.02 0.63
CA GLY E 451 -50.45 42.90 0.96
C GLY E 451 -50.75 41.75 1.89
N SER E 452 -49.98 40.66 1.80
CA SER E 452 -50.19 39.53 2.68
C SER E 452 -50.00 39.91 4.13
N ALA E 453 -49.05 40.81 4.41
CA ALA E 453 -48.86 41.30 5.76
C ALA E 453 -49.81 42.44 6.10
N PHE E 454 -50.13 43.29 5.13
CA PHE E 454 -51.07 44.39 5.37
C PHE E 454 -52.43 43.85 5.81
N LYS E 455 -52.93 42.82 5.13
CA LYS E 455 -54.22 42.24 5.49
C LYS E 455 -54.16 41.55 6.84
N ALA E 456 -53.02 40.96 7.18
CA ALA E 456 -52.90 40.22 8.43
C ALA E 456 -52.72 41.13 9.64
N LEU E 457 -52.12 42.31 9.45
CA LEU E 457 -51.73 43.17 10.56
C LEU E 457 -52.77 44.23 10.89
N PHE E 458 -53.11 45.09 9.93
CA PHE E 458 -53.78 46.34 10.25
C PHE E 458 -55.25 46.15 10.62
N GLY E 459 -55.49 45.55 11.78
CA GLY E 459 -56.81 45.49 12.37
C GLY E 459 -57.82 44.65 11.59
N GLY E 460 -59.07 45.10 11.64
CA GLY E 460 -60.18 44.37 11.05
C GLY E 460 -60.62 44.84 9.68
N MET E 461 -59.72 45.52 8.96
CA MET E 461 -60.00 46.02 7.60
C MET E 461 -61.21 46.96 7.60
N SER E 462 -61.12 48.00 8.44
CA SER E 462 -62.19 48.98 8.54
C SER E 462 -62.17 49.98 7.39
N TRP E 463 -61.00 50.19 6.78
CA TRP E 463 -60.82 51.05 5.61
C TRP E 463 -60.97 52.52 5.97
N PHE E 464 -61.35 52.81 7.20
CA PHE E 464 -61.48 54.18 7.69
C PHE E 464 -60.40 54.58 8.68
N THR E 465 -60.07 53.69 9.63
CA THR E 465 -59.01 53.99 10.59
C THR E 465 -57.64 53.99 9.94
N GLN E 466 -57.41 53.08 8.99
CA GLN E 466 -56.09 52.97 8.35
C GLN E 466 -55.73 54.26 7.61
N LEU E 467 -56.72 54.91 6.99
CA LEU E 467 -56.45 56.18 6.33
C LEU E 467 -56.01 57.24 7.33
N LEU E 468 -56.66 57.27 8.51
CA LEU E 468 -56.27 58.23 9.53
C LEU E 468 -54.88 57.94 10.08
N ILE E 469 -54.54 56.66 10.25
CA ILE E 469 -53.20 56.31 10.70
C ILE E 469 -52.17 56.73 9.67
N GLY E 470 -52.45 56.51 8.38
CA GLY E 470 -51.54 56.95 7.34
C GLY E 470 -51.36 58.45 7.32
N PHE E 471 -52.47 59.19 7.49
CA PHE E 471 -52.40 60.65 7.50
C PHE E 471 -51.57 61.16 8.67
N LEU E 472 -51.81 60.61 9.87
CA LEU E 472 -51.03 61.03 11.03
C LEU E 472 -49.57 60.65 10.90
N LEU E 473 -49.26 59.50 10.28
CA LEU E 473 -47.87 59.13 10.09
C LEU E 473 -47.19 60.04 9.09
N ILE E 474 -47.89 60.42 8.01
CA ILE E 474 -47.35 61.38 7.07
C ILE E 474 -47.09 62.72 7.75
N TRP E 475 -48.01 63.15 8.62
CA TRP E 475 -47.82 64.40 9.34
C TRP E 475 -46.62 64.33 10.28
N MET E 476 -46.49 63.22 11.01
CA MET E 476 -45.36 63.05 11.92
C MET E 476 -44.04 63.05 11.16
N GLY E 477 -44.01 62.41 10.00
CA GLY E 477 -42.80 62.43 9.19
C GLY E 477 -42.52 63.75 8.53
N LEU E 478 -43.55 64.58 8.32
CA LEU E 478 -43.37 65.88 7.67
C LEU E 478 -42.77 66.89 8.63
N ASN E 479 -43.29 66.96 9.85
CA ASN E 479 -42.82 67.92 10.85
C ASN E 479 -41.60 67.33 11.58
N ALA E 480 -40.52 67.16 10.82
CA ALA E 480 -39.28 66.61 11.36
C ALA E 480 -38.13 67.13 10.50
N ARG E 481 -37.30 67.98 11.09
CA ARG E 481 -36.19 68.59 10.37
C ARG E 481 -34.98 67.67 10.25
N GLY E 482 -34.94 66.56 10.99
CA GLY E 482 -33.79 65.69 10.94
C GLY E 482 -33.74 64.86 9.67
N GLY E 483 -32.52 64.57 9.24
CA GLY E 483 -32.34 63.68 8.10
C GLY E 483 -32.57 62.23 8.44
N THR E 484 -32.88 61.46 7.40
CA THR E 484 -33.07 60.01 7.44
C THR E 484 -34.27 59.62 8.32
N VAL E 485 -35.04 60.58 8.80
CA VAL E 485 -36.24 60.30 9.56
C VAL E 485 -37.51 60.77 8.85
N ALA E 486 -37.42 61.73 7.94
CA ALA E 486 -38.59 62.20 7.21
C ALA E 486 -38.83 61.42 5.92
N MET E 487 -37.76 61.03 5.22
CA MET E 487 -37.92 60.31 3.97
C MET E 487 -38.54 58.94 4.19
N SER E 488 -37.98 58.17 5.14
CA SER E 488 -38.49 56.83 5.39
C SER E 488 -39.91 56.87 5.93
N PHE E 489 -40.20 57.81 6.83
CA PHE E 489 -41.54 57.91 7.40
C PHE E 489 -42.56 58.30 6.34
N MET E 490 -42.22 59.28 5.49
CA MET E 490 -43.14 59.66 4.42
C MET E 490 -43.34 58.53 3.42
N GLY E 491 -42.27 57.78 3.13
CA GLY E 491 -42.41 56.64 2.24
C GLY E 491 -43.32 55.57 2.81
N ILE E 492 -43.15 55.24 4.09
CA ILE E 492 -44.00 54.25 4.72
C ILE E 492 -45.44 54.74 4.79
N GLY E 493 -45.64 56.03 5.04
CA GLY E 493 -46.99 56.58 5.06
C GLY E 493 -47.68 56.45 3.72
N ALA E 494 -46.96 56.83 2.65
CA ALA E 494 -47.54 56.71 1.30
C ALA E 494 -47.80 55.25 0.95
N MET E 495 -46.90 54.35 1.36
CA MET E 495 -47.09 52.93 1.12
C MET E 495 -48.37 52.44 1.79
N LEU E 496 -48.58 52.84 3.05
CA LEU E 496 -49.77 52.40 3.77
C LEU E 496 -51.03 53.00 3.17
N ILE E 497 -50.98 54.27 2.76
CA ILE E 497 -52.14 54.88 2.10
C ILE E 497 -52.49 54.13 0.83
N PHE E 498 -51.48 53.77 0.04
CA PHE E 498 -51.76 53.05 -1.20
C PHE E 498 -52.28 51.64 -0.93
N LEU E 499 -51.70 50.95 0.06
CA LEU E 499 -52.14 49.61 0.38
C LEU E 499 -53.56 49.60 0.93
N ALA E 500 -53.96 50.67 1.63
CA ALA E 500 -55.35 50.79 2.06
C ALA E 500 -56.26 51.18 0.91
N THR E 501 -55.75 51.92 -0.07
CA THR E 501 -56.57 52.26 -1.24
C THR E 501 -56.90 51.03 -2.06
N SER E 502 -56.04 50.02 -2.06
CA SER E 502 -56.27 48.79 -2.80
C SER E 502 -57.26 47.91 -2.03
N VAL E 503 -57.43 46.67 -2.49
CA VAL E 503 -58.36 45.75 -1.84
C VAL E 503 -57.66 45.13 -0.63
N SER E 504 -58.43 44.92 0.44
CA SER E 504 -57.90 44.32 1.66
C SER E 504 -58.42 42.91 1.83
N VAL F 1 -15.72 -28.80 -55.71
CA VAL F 1 -15.71 -27.35 -55.62
C VAL F 1 -15.98 -26.73 -56.98
N GLU F 2 -16.57 -25.54 -56.99
CA GLU F 2 -16.86 -24.85 -58.23
C GLU F 2 -15.62 -24.07 -58.70
N VAL F 3 -15.37 -24.11 -60.00
CA VAL F 3 -14.23 -23.43 -60.60
C VAL F 3 -14.74 -22.53 -61.70
N THR F 4 -14.54 -21.23 -61.56
CA THR F 4 -14.99 -20.26 -62.56
C THR F 4 -13.85 -19.30 -62.88
N LYS F 5 -14.06 -18.47 -63.90
CA LYS F 5 -13.08 -17.47 -64.29
C LYS F 5 -13.80 -16.18 -64.64
N LYS F 6 -13.51 -15.11 -63.91
CA LYS F 6 -14.11 -13.80 -64.13
C LYS F 6 -12.99 -12.79 -64.34
N GLY F 7 -12.73 -12.45 -65.60
CA GLY F 7 -11.68 -11.50 -65.92
C GLY F 7 -10.28 -12.06 -65.90
N ASP F 8 -10.10 -13.24 -66.51
CA ASP F 8 -8.80 -13.89 -66.63
C ASP F 8 -8.19 -14.22 -65.28
N THR F 9 -9.03 -14.57 -64.31
CA THR F 9 -8.56 -15.03 -63.01
C THR F 9 -9.53 -16.09 -62.49
N TYR F 10 -8.97 -17.13 -61.89
CA TYR F 10 -9.75 -18.31 -61.50
C TYR F 10 -10.20 -18.20 -60.06
N TYR F 11 -11.50 -18.40 -59.83
CA TYR F 11 -12.10 -18.43 -58.51
C TYR F 11 -12.55 -19.85 -58.20
N MET F 12 -12.23 -20.32 -56.99
CA MET F 12 -12.59 -21.66 -56.54
C MET F 12 -13.55 -21.56 -55.36
N PHE F 13 -14.84 -21.68 -55.65
CA PHE F 13 -15.87 -21.73 -54.62
C PHE F 13 -15.81 -23.09 -53.93
N ALA F 14 -15.19 -23.14 -52.75
CA ALA F 14 -15.06 -24.36 -51.97
C ALA F 14 -15.98 -24.28 -50.76
N ASP F 15 -16.82 -25.29 -50.59
CA ASP F 15 -17.73 -25.35 -49.46
C ASP F 15 -17.01 -25.96 -48.25
N LYS F 16 -17.77 -26.26 -47.19
CA LYS F 16 -17.17 -26.84 -45.99
C LYS F 16 -16.76 -28.29 -46.20
N LYS F 17 -17.51 -29.04 -47.01
CA LYS F 17 -17.25 -30.47 -47.13
C LYS F 17 -15.88 -30.75 -47.73
N ASP F 18 -15.46 -29.95 -48.71
CA ASP F 18 -14.15 -30.10 -49.33
C ASP F 18 -13.13 -29.31 -48.52
N ALA F 19 -12.75 -29.87 -47.37
CA ALA F 19 -11.77 -29.28 -46.47
C ALA F 19 -10.67 -30.29 -46.23
N GLY F 20 -9.44 -29.94 -46.62
CA GLY F 20 -8.32 -30.84 -46.43
C GLY F 20 -8.06 -31.79 -47.57
N LYS F 21 -8.63 -31.54 -48.74
CA LYS F 21 -8.46 -32.42 -49.90
C LYS F 21 -8.06 -31.59 -51.12
N VAL F 22 -7.37 -32.23 -52.05
CA VAL F 22 -6.88 -31.57 -53.24
C VAL F 22 -7.96 -31.61 -54.32
N VAL F 23 -7.79 -30.79 -55.35
CA VAL F 23 -8.72 -30.76 -56.47
C VAL F 23 -7.96 -30.42 -57.74
N THR F 24 -8.38 -31.02 -58.85
CA THR F 24 -7.74 -30.82 -60.14
C THR F 24 -8.72 -30.13 -61.08
N PHE F 25 -8.27 -29.07 -61.73
CA PHE F 25 -9.07 -28.37 -62.73
C PHE F 25 -8.19 -28.07 -63.93
N GLU F 26 -8.72 -27.29 -64.86
CA GLU F 26 -8.05 -27.00 -66.12
C GLU F 26 -7.85 -25.49 -66.26
N THR F 27 -6.68 -25.10 -66.76
CA THR F 27 -6.35 -23.72 -67.06
C THR F 27 -5.84 -23.62 -68.48
N GLU F 28 -5.54 -22.39 -68.92
CA GLU F 28 -5.03 -22.19 -70.27
C GLU F 28 -3.69 -22.87 -70.46
N SER F 29 -2.93 -23.09 -69.39
CA SER F 29 -1.66 -23.81 -69.51
C SER F 29 -1.86 -25.32 -69.58
N GLY F 30 -2.83 -25.83 -68.82
CA GLY F 30 -3.13 -27.25 -68.81
C GLY F 30 -3.82 -27.67 -67.54
N PRO F 31 -3.62 -28.93 -67.14
CA PRO F 31 -4.21 -29.40 -65.88
C PRO F 31 -3.46 -28.83 -64.68
N ASN F 32 -4.20 -28.50 -63.63
CA ASN F 32 -3.66 -27.94 -62.41
C ASN F 32 -4.23 -28.69 -61.22
N ARG F 33 -3.35 -29.28 -60.42
CA ARG F 33 -3.72 -29.92 -59.16
C ARG F 33 -3.36 -28.98 -58.02
N CYS F 34 -4.37 -28.57 -57.25
CA CYS F 34 -4.20 -27.57 -56.20
C CYS F 34 -4.70 -28.15 -54.88
N SER F 35 -3.89 -28.05 -53.84
CA SER F 35 -4.22 -28.57 -52.54
C SER F 35 -4.68 -27.45 -51.61
N ILE F 36 -5.65 -27.76 -50.77
CA ILE F 36 -6.27 -26.82 -49.85
C ILE F 36 -6.16 -27.38 -48.44
N GLN F 37 -5.57 -26.62 -47.54
CA GLN F 37 -5.40 -26.98 -46.14
C GLN F 37 -6.02 -25.93 -45.23
N ALA F 38 -7.19 -25.40 -45.64
CA ALA F 38 -7.87 -24.38 -44.86
C ALA F 38 -8.33 -24.96 -43.53
N MET F 39 -7.86 -24.36 -42.45
CA MET F 39 -8.19 -24.74 -41.09
C MET F 39 -9.40 -24.02 -40.52
N ASP F 40 -9.58 -22.74 -40.84
CA ASP F 40 -10.71 -21.96 -40.36
C ASP F 40 -11.85 -21.92 -41.35
N ILE F 41 -11.96 -22.95 -42.19
CA ILE F 41 -13.01 -23.00 -43.20
C ILE F 41 -14.36 -23.26 -42.54
N GLY F 42 -15.39 -22.61 -43.06
CA GLY F 42 -16.73 -22.75 -42.50
C GLY F 42 -17.76 -23.18 -43.53
N HIS F 43 -19.03 -23.10 -43.17
CA HIS F 43 -20.12 -23.50 -44.04
C HIS F 43 -20.41 -22.39 -45.06
N MET F 44 -21.36 -22.64 -45.96
CA MET F 44 -21.68 -21.67 -46.98
C MET F 44 -22.63 -20.62 -46.40
N CYS F 45 -22.25 -19.35 -46.51
CA CYS F 45 -23.00 -18.24 -45.96
C CYS F 45 -22.36 -16.94 -46.45
N PRO F 46 -23.08 -15.81 -46.37
CA PRO F 46 -22.58 -14.56 -46.96
C PRO F 46 -21.17 -14.16 -46.49
N ALA F 47 -20.81 -14.43 -45.25
CA ALA F 47 -19.47 -14.14 -44.76
C ALA F 47 -18.46 -15.05 -45.47
N THR F 48 -17.74 -14.49 -46.44
CA THR F 48 -16.83 -15.26 -47.29
C THR F 48 -15.43 -14.68 -47.20
N MET F 49 -14.49 -15.49 -46.73
CA MET F 49 -13.08 -15.14 -46.72
C MET F 49 -12.46 -15.54 -48.05
N SER F 50 -11.72 -14.61 -48.67
CA SER F 50 -11.08 -14.83 -49.95
C SER F 50 -9.64 -14.33 -49.91
N TYR F 51 -8.71 -15.18 -50.31
CA TYR F 51 -7.30 -14.81 -50.35
C TYR F 51 -6.59 -15.58 -51.45
N GLU F 52 -5.71 -14.88 -52.16
CA GLU F 52 -4.89 -15.53 -53.18
C GLU F 52 -3.85 -16.42 -52.51
N CYS F 53 -3.70 -17.65 -53.01
CA CYS F 53 -2.64 -18.53 -52.57
C CYS F 53 -1.74 -18.80 -53.77
N PRO F 54 -0.42 -18.74 -53.60
CA PRO F 54 0.48 -18.61 -54.75
C PRO F 54 1.04 -19.93 -55.27
N VAL F 55 1.48 -19.92 -56.52
CA VAL F 55 2.21 -21.04 -57.10
C VAL F 55 3.61 -21.10 -56.50
N LEU F 56 4.13 -22.32 -56.35
CA LEU F 56 5.44 -22.53 -55.79
C LEU F 56 6.09 -23.74 -56.44
N GLU F 57 7.41 -23.81 -56.33
CA GLU F 57 8.16 -24.92 -56.91
C GLU F 57 7.95 -26.19 -56.09
N PRO F 58 7.96 -27.36 -56.75
CA PRO F 58 7.71 -28.62 -56.00
C PRO F 58 8.75 -28.93 -54.95
N GLN F 59 10.03 -28.66 -55.21
CA GLN F 59 11.09 -29.02 -54.26
C GLN F 59 10.91 -28.32 -52.92
N TYR F 60 10.53 -27.05 -52.93
CA TYR F 60 10.37 -26.31 -51.68
C TYR F 60 9.04 -26.68 -51.04
N GLU F 61 9.09 -27.24 -49.85
CA GLU F 61 7.90 -27.62 -49.12
C GLU F 61 7.16 -26.39 -48.59
N PRO F 62 5.83 -26.45 -48.52
CA PRO F 62 5.08 -25.32 -47.97
C PRO F 62 5.38 -25.12 -46.50
N GLU F 63 5.24 -23.89 -46.05
CA GLU F 63 5.54 -23.52 -44.67
C GLU F 63 4.60 -22.41 -44.25
N ASP F 64 3.75 -22.68 -43.27
CA ASP F 64 2.77 -21.72 -42.77
C ASP F 64 1.87 -21.23 -43.90
N VAL F 65 1.47 -22.16 -44.76
CA VAL F 65 0.63 -21.89 -45.93
C VAL F 65 -0.38 -23.03 -45.99
N ASP F 66 -1.65 -22.68 -46.21
CA ASP F 66 -2.72 -23.67 -46.28
C ASP F 66 -3.41 -23.74 -47.63
N CYS F 67 -2.79 -23.23 -48.68
CA CYS F 67 -3.35 -23.31 -50.03
C CYS F 67 -2.21 -23.21 -51.01
N TRP F 68 -2.10 -24.17 -51.92
CA TRP F 68 -1.10 -24.00 -52.97
C TRP F 68 -1.44 -24.84 -54.20
N CYS F 69 -1.25 -24.24 -55.37
CA CYS F 69 -1.52 -24.86 -56.65
C CYS F 69 -0.29 -24.71 -57.51
N ASN F 70 -0.22 -25.50 -58.59
CA ASN F 70 0.91 -25.35 -59.54
C ASN F 70 0.36 -25.25 -60.96
N SER F 71 -0.18 -24.08 -61.29
CA SER F 71 -0.16 -23.57 -62.66
C SER F 71 0.18 -22.09 -62.61
N THR F 72 -0.40 -21.40 -61.62
CA THR F 72 -0.36 -19.96 -61.40
C THR F 72 -0.81 -19.71 -59.96
N ALA F 73 -0.99 -18.44 -59.61
CA ALA F 73 -1.55 -18.11 -58.31
C ALA F 73 -3.07 -18.16 -58.40
N ALA F 74 -3.70 -18.83 -57.44
CA ALA F 74 -5.14 -19.05 -57.47
C ALA F 74 -5.80 -18.39 -56.27
N TRP F 75 -6.90 -17.69 -56.51
CA TRP F 75 -7.66 -17.04 -55.45
C TRP F 75 -8.67 -18.02 -54.88
N ILE F 76 -8.60 -18.27 -53.57
CA ILE F 76 -9.54 -19.18 -52.92
C ILE F 76 -10.54 -18.35 -52.13
N VAL F 77 -11.76 -18.86 -52.02
CA VAL F 77 -12.82 -18.21 -51.27
C VAL F 77 -13.70 -19.28 -50.64
N TYR F 78 -14.12 -19.04 -49.40
CA TYR F 78 -14.95 -19.98 -48.67
C TYR F 78 -15.66 -19.25 -47.54
N GLY F 79 -16.85 -19.74 -47.19
CA GLY F 79 -17.61 -19.13 -46.11
C GLY F 79 -17.01 -19.41 -44.74
N THR F 80 -17.39 -18.58 -43.78
CA THR F 80 -16.91 -18.68 -42.40
C THR F 80 -18.06 -18.36 -41.45
N CYS F 81 -18.76 -19.41 -41.01
CA CYS F 81 -19.85 -19.28 -40.04
C CYS F 81 -20.10 -20.64 -39.42
N THR F 82 -21.05 -20.69 -38.49
CA THR F 82 -21.25 -21.83 -37.61
C THR F 82 -22.61 -22.45 -37.87
N HIS F 83 -22.61 -23.72 -38.32
CA HIS F 83 -23.82 -24.54 -38.39
C HIS F 83 -24.89 -23.94 -39.30
N LYS F 84 -24.47 -23.14 -40.29
CA LYS F 84 -25.38 -22.56 -41.28
C LYS F 84 -26.51 -21.77 -40.64
N THR F 85 -26.25 -21.18 -39.47
CA THR F 85 -27.24 -20.36 -38.76
C THR F 85 -27.18 -18.90 -39.17
N THR F 86 -26.54 -18.58 -40.29
CA THR F 86 -26.40 -17.21 -40.78
C THR F 86 -25.77 -16.31 -39.71
N GLY F 87 -24.84 -16.87 -38.95
CA GLY F 87 -24.18 -16.11 -37.90
C GLY F 87 -22.68 -16.32 -37.85
N GLU F 88 -21.94 -15.21 -37.84
CA GLU F 88 -20.48 -15.26 -37.75
C GLU F 88 -20.04 -15.66 -36.35
N THR F 89 -18.76 -16.00 -36.23
CA THR F 89 -18.22 -16.42 -34.95
C THR F 89 -18.12 -15.25 -33.97
N ARG F 90 -17.68 -14.09 -34.46
CA ARG F 90 -17.54 -12.85 -33.69
C ARG F 90 -17.00 -13.05 -32.28
N ARG F 91 -16.07 -13.99 -32.11
CA ARG F 91 -15.51 -14.28 -30.80
C ARG F 91 -14.22 -13.49 -30.64
N SER F 92 -14.40 -12.19 -30.35
CA SER F 92 -13.27 -11.28 -30.14
C SER F 92 -12.98 -11.06 -28.66
N ARG F 93 -14.01 -10.89 -27.84
CA ARG F 93 -13.86 -10.70 -26.39
C ARG F 93 -12.98 -9.49 -26.07
N ARG F 94 -13.13 -8.42 -26.85
CA ARG F 94 -12.36 -7.21 -26.59
C ARG F 94 -12.86 -6.51 -25.33
N SER F 95 -14.19 -6.43 -25.16
CA SER F 95 -14.82 -5.81 -24.00
C SER F 95 -14.34 -4.37 -23.83
N ILE F 96 -14.65 -3.56 -24.83
CA ILE F 96 -14.30 -2.14 -24.81
C ILE F 96 -15.08 -1.44 -23.72
N THR F 97 -14.41 -0.57 -22.97
CA THR F 97 -15.01 0.16 -21.87
C THR F 97 -15.16 1.63 -22.23
N LEU F 98 -16.21 2.25 -21.67
CA LEU F 98 -16.53 3.64 -21.91
C LEU F 98 -16.37 4.45 -20.63
N PRO F 99 -16.07 5.74 -20.73
CA PRO F 99 -16.01 6.58 -19.53
C PRO F 99 -17.38 6.68 -18.86
N SER F 100 -17.37 6.71 -17.53
CA SER F 100 -18.60 6.76 -16.75
C SER F 100 -19.37 8.05 -17.03
N HIS F 101 -18.80 9.19 -16.66
CA HIS F 101 -19.43 10.48 -16.87
C HIS F 101 -18.43 11.61 -16.67
N SER G 120 -49.00 30.85 23.50
CA SER G 120 -49.51 29.59 22.97
C SER G 120 -51.02 29.52 23.08
N LYS G 121 -51.51 29.18 24.28
CA LYS G 121 -52.95 29.06 24.49
C LYS G 121 -53.60 30.41 24.71
N TYR G 122 -52.88 31.36 25.32
CA TYR G 122 -53.43 32.67 25.60
C TYR G 122 -52.87 33.77 24.71
N LEU G 123 -51.67 33.57 24.15
CA LEU G 123 -51.06 34.61 23.32
C LEU G 123 -51.86 34.87 22.06
N ILE G 124 -52.34 33.80 21.41
CA ILE G 124 -53.11 33.95 20.19
C ILE G 124 -54.43 34.67 20.46
N LYS G 125 -55.05 34.37 21.61
CA LYS G 125 -56.32 35.01 21.94
C LYS G 125 -56.16 36.50 22.12
N VAL G 126 -55.17 36.92 22.92
CA VAL G 126 -54.97 38.35 23.15
C VAL G 126 -54.49 39.04 21.87
N GLU G 127 -53.73 38.33 21.04
CA GLU G 127 -53.29 38.90 19.77
C GLU G 127 -54.49 39.16 18.86
N ASN G 128 -55.37 38.18 18.73
CA ASN G 128 -56.58 38.36 17.93
C ASN G 128 -57.45 39.46 18.49
N TRP G 129 -57.52 39.57 19.83
CA TRP G 129 -58.30 40.64 20.45
C TRP G 129 -57.72 42.00 20.10
N ILE G 130 -56.39 42.14 20.18
CA ILE G 130 -55.75 43.39 19.81
C ILE G 130 -56.04 43.72 18.35
N LEU G 131 -55.97 42.72 17.47
CA LEU G 131 -56.19 42.96 16.05
C LEU G 131 -57.66 43.22 15.74
N ARG G 132 -58.58 42.86 16.64
CA ARG G 132 -60.00 43.10 16.38
C ARG G 132 -60.36 44.56 16.64
N ASN G 133 -59.94 45.10 17.79
CA ASN G 133 -60.21 46.49 18.17
C ASN G 133 -58.89 47.14 18.58
N PRO G 134 -58.08 47.56 17.61
CA PRO G 134 -56.77 48.14 17.94
C PRO G 134 -56.84 49.54 18.52
N GLY G 135 -57.94 50.27 18.31
CA GLY G 135 -58.03 51.62 18.85
C GLY G 135 -58.05 51.64 20.37
N TYR G 136 -58.95 50.88 20.97
CA TYR G 136 -59.02 50.83 22.44
C TYR G 136 -57.73 50.25 23.02
N ALA G 137 -57.12 49.28 22.33
CA ALA G 137 -55.86 48.71 22.81
C ALA G 137 -54.76 49.76 22.81
N LEU G 138 -54.66 50.54 21.73
CA LEU G 138 -53.63 51.59 21.69
C LEU G 138 -53.92 52.68 22.70
N VAL G 139 -55.19 52.99 22.95
CA VAL G 139 -55.55 53.96 23.97
C VAL G 139 -55.08 53.49 25.34
N ALA G 140 -55.38 52.23 25.67
CA ALA G 140 -54.94 51.69 26.96
C ALA G 140 -53.42 51.65 27.06
N ALA G 141 -52.74 51.33 25.95
CA ALA G 141 -51.28 51.27 25.97
C ALA G 141 -50.69 52.64 26.20
N VAL G 142 -51.19 53.66 25.51
CA VAL G 142 -50.65 55.02 25.69
C VAL G 142 -51.05 55.58 27.05
N ILE G 143 -52.14 55.11 27.65
CA ILE G 143 -52.48 55.52 29.01
C ILE G 143 -51.51 54.93 30.01
N GLY G 144 -51.26 53.61 29.91
CA GLY G 144 -50.34 52.97 30.83
C GLY G 144 -48.89 53.29 30.59
N TRP G 145 -48.54 53.86 29.43
CA TRP G 145 -47.15 54.20 29.15
C TRP G 145 -46.66 55.31 30.05
N THR G 146 -47.50 56.30 30.34
CA THR G 146 -47.13 57.46 31.13
C THR G 146 -47.39 57.29 32.62
N LEU G 147 -47.49 56.05 33.09
CA LEU G 147 -47.74 55.76 34.50
C LEU G 147 -46.64 54.90 35.10
N GLY G 148 -45.42 55.03 34.58
CA GLY G 148 -44.30 54.30 35.11
C GLY G 148 -43.16 55.23 35.45
N SER G 149 -42.42 54.86 36.49
CA SER G 149 -41.30 55.69 36.94
C SER G 149 -40.04 55.45 36.11
N SER G 150 -39.84 54.24 35.61
CA SER G 150 -38.69 53.92 34.76
C SER G 150 -39.16 53.28 33.48
N ARG G 151 -38.25 53.21 32.51
CA ARG G 151 -38.57 52.65 31.20
C ARG G 151 -39.05 51.21 31.31
N SER G 152 -38.28 50.36 31.97
CA SER G 152 -38.70 48.98 32.19
C SER G 152 -39.99 48.91 32.99
N GLN G 153 -40.20 49.84 33.93
CA GLN G 153 -41.46 49.85 34.67
C GLN G 153 -42.62 50.19 33.75
N LYS G 154 -42.43 51.13 32.82
CA LYS G 154 -43.47 51.41 31.83
C LYS G 154 -43.74 50.20 30.96
N ILE G 155 -42.68 49.47 30.58
CA ILE G 155 -42.86 48.27 29.77
C ILE G 155 -43.67 47.22 30.54
N ILE G 156 -43.39 47.07 31.83
CA ILE G 156 -44.16 46.11 32.62
C ILE G 156 -45.61 46.55 32.77
N PHE G 157 -45.85 47.86 32.94
CA PHE G 157 -47.22 48.35 33.07
C PHE G 157 -48.00 48.16 31.78
N VAL G 158 -47.37 48.38 30.63
CA VAL G 158 -48.10 48.20 29.39
C VAL G 158 -48.29 46.72 29.08
N THR G 159 -47.34 45.86 29.47
CA THR G 159 -47.60 44.44 29.25
C THR G 159 -48.68 43.94 30.21
N LEU G 160 -48.80 44.57 31.38
CA LEU G 160 -49.89 44.29 32.28
C LEU G 160 -51.23 44.60 31.63
N LEU G 161 -51.33 45.79 31.03
CA LEU G 161 -52.55 46.13 30.29
C LEU G 161 -52.79 45.18 29.13
N MET G 162 -51.72 44.80 28.42
CA MET G 162 -51.84 43.85 27.33
C MET G 162 -52.43 42.53 27.81
N LEU G 163 -52.01 42.07 28.98
CA LEU G 163 -52.48 40.79 29.50
C LEU G 163 -53.89 40.86 30.04
N VAL G 164 -54.25 41.95 30.74
CA VAL G 164 -55.60 42.05 31.29
C VAL G 164 -56.62 42.50 30.25
N ALA G 165 -56.17 42.77 29.02
CA ALA G 165 -57.08 43.28 28.00
C ALA G 165 -58.19 42.31 27.61
N PRO G 166 -57.93 41.02 27.37
CA PRO G 166 -59.01 40.15 26.87
C PRO G 166 -60.19 40.03 27.82
N ALA G 167 -59.95 39.82 29.11
CA ALA G 167 -61.00 39.58 30.09
C ALA G 167 -61.18 40.82 30.96
N TYR G 168 -62.37 41.41 30.90
CA TYR G 168 -62.69 42.54 31.78
C TYR G 168 -62.89 42.07 33.22
N SER G 169 -63.79 41.12 33.42
CA SER G 169 -64.10 40.56 34.74
C SER G 169 -64.51 41.64 35.74
N SER H 120 35.03 -0.06 50.10
CA SER H 120 35.05 -1.42 49.57
C SER H 120 35.68 -2.39 50.57
N LYS H 121 37.01 -2.42 50.60
CA LYS H 121 37.70 -3.33 51.50
C LYS H 121 37.76 -2.78 52.92
N TYR H 122 37.84 -1.46 53.08
CA TYR H 122 37.94 -0.85 54.41
C TYR H 122 36.66 -0.16 54.84
N LEU H 123 35.81 0.27 53.90
CA LEU H 123 34.60 0.99 54.26
C LEU H 123 33.65 0.09 55.04
N ILE H 124 33.50 -1.16 54.60
CA ILE H 124 32.60 -2.09 55.28
C ILE H 124 33.09 -2.38 56.68
N LYS H 125 34.42 -2.49 56.87
CA LYS H 125 34.96 -2.80 58.18
C LYS H 125 34.67 -1.66 59.17
N VAL H 126 34.95 -0.42 58.77
CA VAL H 126 34.71 0.70 59.68
C VAL H 126 33.22 0.90 59.89
N GLU H 127 32.40 0.61 58.87
CA GLU H 127 30.95 0.70 59.02
C GLU H 127 30.45 -0.30 60.06
N ASN H 128 30.91 -1.55 59.97
CA ASN H 128 30.53 -2.56 60.95
C ASN H 128 31.02 -2.18 62.33
N TRP H 129 32.21 -1.58 62.42
CA TRP H 129 32.72 -1.15 63.72
C TRP H 129 31.83 -0.07 64.31
N ILE H 130 31.45 0.92 63.50
CA ILE H 130 30.54 1.97 63.97
C ILE H 130 29.21 1.38 64.42
N LEU H 131 28.68 0.43 63.65
CA LEU H 131 27.39 -0.16 63.98
C LEU H 131 27.47 -1.11 65.17
N ARG H 132 28.66 -1.56 65.53
CA ARG H 132 28.79 -2.47 66.67
C ARG H 132 28.70 -1.70 67.99
N ASN H 133 29.45 -0.62 68.11
CA ASN H 133 29.46 0.22 69.31
C ASN H 133 29.26 1.67 68.90
N PRO H 134 28.02 2.06 68.62
CA PRO H 134 27.77 3.44 68.15
C PRO H 134 27.89 4.49 69.23
N GLY H 135 27.77 4.11 70.50
CA GLY H 135 27.88 5.10 71.56
C GLY H 135 29.26 5.72 71.64
N TYR H 136 30.29 4.87 71.73
CA TYR H 136 31.66 5.38 71.78
C TYR H 136 32.03 6.12 70.50
N ALA H 137 31.53 5.65 69.36
CA ALA H 137 31.79 6.32 68.10
C ALA H 137 31.18 7.71 68.07
N LEU H 138 29.93 7.84 68.53
CA LEU H 138 29.29 9.15 68.59
C LEU H 138 29.97 10.07 69.60
N VAL H 139 30.46 9.50 70.70
CA VAL H 139 31.19 10.29 71.69
C VAL H 139 32.46 10.86 71.05
N ALA H 140 33.22 10.01 70.36
CA ALA H 140 34.44 10.49 69.69
C ALA H 140 34.11 11.52 68.62
N ALA H 141 33.00 11.31 67.90
CA ALA H 141 32.62 12.24 66.84
C ALA H 141 32.26 13.61 67.42
N VAL H 142 31.46 13.63 68.49
CA VAL H 142 31.09 14.90 69.08
C VAL H 142 32.26 15.55 69.79
N ILE H 143 33.26 14.77 70.22
CA ILE H 143 34.47 15.36 70.77
C ILE H 143 35.29 16.04 69.68
N GLY H 144 35.51 15.35 68.57
CA GLY H 144 36.27 15.93 67.48
C GLY H 144 35.55 17.00 66.68
N TRP H 145 34.22 17.11 66.84
CA TRP H 145 33.47 18.12 66.12
C TRP H 145 33.81 19.53 66.59
N THR H 146 34.03 19.70 67.89
CA THR H 146 34.32 21.00 68.49
C THR H 146 35.80 21.32 68.55
N LEU H 147 36.62 20.68 67.73
CA LEU H 147 38.06 20.91 67.72
C LEU H 147 38.54 21.36 66.34
N GLY H 148 37.67 22.04 65.60
CA GLY H 148 38.03 22.56 64.30
C GLY H 148 37.74 24.04 64.22
N SER H 149 38.57 24.74 63.44
CA SER H 149 38.40 26.19 63.30
C SER H 149 37.33 26.56 62.29
N SER H 150 37.14 25.74 61.26
CA SER H 150 36.11 25.99 60.25
C SER H 150 35.25 24.75 60.09
N ARG H 151 34.10 24.95 59.43
CA ARG H 151 33.15 23.86 59.22
C ARG H 151 33.78 22.71 58.45
N SER H 152 34.38 23.01 57.29
CA SER H 152 35.08 21.98 56.53
C SER H 152 36.23 21.38 57.32
N GLN H 153 36.89 22.17 58.16
CA GLN H 153 37.95 21.62 59.00
C GLN H 153 37.39 20.64 60.02
N LYS H 154 36.22 20.96 60.59
CA LYS H 154 35.55 20.00 61.48
C LYS H 154 35.18 18.74 60.74
N ILE H 155 34.70 18.87 59.49
CA ILE H 155 34.35 17.69 58.70
C ILE H 155 35.58 16.81 58.46
N ILE H 156 36.72 17.45 58.17
CA ILE H 156 37.94 16.68 57.96
C ILE H 156 38.38 16.01 59.25
N PHE H 157 38.24 16.71 60.38
CA PHE H 157 38.66 16.12 61.65
C PHE H 157 37.76 14.93 62.03
N VAL H 158 36.47 15.03 61.76
CA VAL H 158 35.62 13.91 62.11
C VAL H 158 35.82 12.76 61.13
N THR H 159 36.11 13.04 59.85
CA THR H 159 36.40 11.91 58.96
C THR H 159 37.73 11.28 59.33
N LEU H 160 38.65 12.06 59.88
CA LEU H 160 39.90 11.53 60.42
C LEU H 160 39.62 10.54 61.54
N LEU H 161 38.75 10.94 62.49
CA LEU H 161 38.36 10.03 63.56
C LEU H 161 37.65 8.80 63.00
N MET H 162 36.80 9.00 62.00
CA MET H 162 36.11 7.87 61.36
C MET H 162 37.10 6.88 60.79
N LEU H 163 38.18 7.38 60.18
CA LEU H 163 39.16 6.49 59.54
C LEU H 163 40.06 5.81 60.56
N VAL H 164 40.48 6.52 61.61
CA VAL H 164 41.36 5.91 62.61
C VAL H 164 40.59 5.06 63.61
N ALA H 165 39.27 5.00 63.49
CA ALA H 165 38.46 4.28 64.47
C ALA H 165 38.72 2.78 64.50
N PRO H 166 38.81 2.06 63.37
CA PRO H 166 38.96 0.60 63.46
C PRO H 166 40.22 0.13 64.19
N ALA H 167 41.36 0.73 63.89
CA ALA H 167 42.64 0.30 64.44
C ALA H 167 43.10 1.31 65.48
N TYR H 168 43.25 0.85 66.72
CA TYR H 168 43.78 1.70 67.78
C TYR H 168 45.28 1.92 67.60
N SER H 169 46.05 0.84 67.51
CA SER H 169 47.49 0.88 67.33
C SER H 169 48.19 1.71 68.40
N SER I 120 57.54 39.47 -28.20
CA SER I 120 57.51 38.34 -29.13
C SER I 120 58.92 38.01 -29.61
N LYS I 121 59.40 38.77 -30.59
CA LYS I 121 60.73 38.53 -31.14
C LYS I 121 61.83 39.12 -30.26
N TYR I 122 61.56 40.23 -29.58
CA TYR I 122 62.55 40.88 -28.74
C TYR I 122 62.29 40.72 -27.25
N LEU I 123 61.04 40.46 -26.86
CA LEU I 123 60.72 40.34 -25.44
C LEU I 123 61.41 39.14 -24.81
N ILE I 124 61.41 38.01 -25.51
CA ILE I 124 62.04 36.80 -24.97
C ILE I 124 63.53 36.99 -24.82
N LYS I 125 64.16 37.68 -25.77
CA LYS I 125 65.61 37.88 -25.71
C LYS I 125 65.99 38.71 -24.49
N VAL I 126 65.32 39.85 -24.27
CA VAL I 126 65.64 40.69 -23.13
C VAL I 126 65.25 40.00 -21.83
N GLU I 127 64.19 39.19 -21.85
CA GLU I 127 63.81 38.44 -20.66
C GLU I 127 64.89 37.44 -20.28
N ASN I 128 65.38 36.68 -21.26
CA ASN I 128 66.46 35.73 -21.00
C ASN I 128 67.72 36.46 -20.54
N TRP I 129 67.98 37.64 -21.10
CA TRP I 129 69.15 38.41 -20.67
C TRP I 129 69.02 38.83 -19.20
N ILE I 130 67.83 39.31 -18.82
CA ILE I 130 67.59 39.68 -17.43
C ILE I 130 67.75 38.47 -16.52
N LEU I 131 67.24 37.32 -16.95
CA LEU I 131 67.33 36.12 -16.12
C LEU I 131 68.74 35.54 -16.08
N ARG I 132 69.61 35.91 -17.01
CA ARG I 132 70.97 35.39 -17.00
C ARG I 132 71.83 36.11 -15.96
N ASN I 133 71.79 37.43 -15.94
CA ASN I 133 72.54 38.25 -14.99
C ASN I 133 71.58 39.25 -14.36
N PRO I 134 70.80 38.82 -13.36
CA PRO I 134 69.82 39.73 -12.75
C PRO I 134 70.44 40.78 -11.85
N GLY I 135 71.65 40.56 -11.34
CA GLY I 135 72.26 41.53 -10.45
C GLY I 135 72.57 42.85 -11.16
N TYR I 136 73.28 42.77 -12.29
CA TYR I 136 73.60 43.97 -13.06
C TYR I 136 72.33 44.63 -13.58
N ALA I 137 71.33 43.83 -13.95
CA ALA I 137 70.06 44.38 -14.41
C ALA I 137 69.36 45.16 -13.30
N LEU I 138 69.32 44.60 -12.09
CA LEU I 138 68.70 45.31 -10.97
C LEU I 138 69.49 46.54 -10.59
N VAL I 139 70.82 46.49 -10.71
CA VAL I 139 71.64 47.67 -10.44
C VAL I 139 71.29 48.79 -11.42
N ALA I 140 71.22 48.46 -12.71
CA ALA I 140 70.86 49.45 -13.71
C ALA I 140 69.45 49.98 -13.47
N ALA I 141 68.52 49.11 -13.07
CA ALA I 141 67.15 49.54 -12.82
C ALA I 141 67.07 50.51 -11.65
N VAL I 142 67.76 50.19 -10.54
CA VAL I 142 67.73 51.08 -9.39
C VAL I 142 68.51 52.36 -9.65
N ILE I 143 69.47 52.33 -10.58
CA ILE I 143 70.15 53.55 -10.97
C ILE I 143 69.22 54.46 -11.76
N GLY I 144 68.54 53.89 -12.77
CA GLY I 144 67.63 54.68 -13.58
C GLY I 144 66.34 55.06 -12.90
N TRP I 145 66.00 54.41 -11.76
CA TRP I 145 64.78 54.76 -11.07
C TRP I 145 64.84 56.16 -10.48
N THR I 146 66.01 56.55 -9.96
CA THR I 146 66.20 57.83 -9.30
C THR I 146 66.68 58.92 -10.27
N LEU I 147 66.45 58.75 -11.56
CA LEU I 147 66.88 59.72 -12.57
C LEU I 147 65.70 60.23 -13.39
N GLY I 148 64.51 60.27 -12.79
CA GLY I 148 63.34 60.78 -13.46
C GLY I 148 62.68 61.86 -12.63
N SER I 149 62.08 62.83 -13.34
CA SER I 149 61.42 63.93 -12.64
C SER I 149 60.01 63.56 -12.17
N SER I 150 59.32 62.69 -12.91
CA SER I 150 57.99 62.23 -12.54
C SER I 150 57.96 60.71 -12.53
N ARG I 151 56.91 60.16 -11.92
CA ARG I 151 56.76 58.72 -11.81
C ARG I 151 56.74 58.05 -13.18
N SER I 152 55.86 58.53 -14.07
CA SER I 152 55.83 58.00 -15.43
C SER I 152 57.16 58.22 -16.15
N GLN I 153 57.84 59.34 -15.87
CA GLN I 153 59.14 59.56 -16.47
C GLN I 153 60.17 58.54 -15.98
N LYS I 154 60.13 58.20 -14.69
CA LYS I 154 61.00 57.15 -14.18
C LYS I 154 60.67 55.80 -14.83
N ILE I 155 59.38 55.52 -15.03
CA ILE I 155 58.99 54.28 -15.70
C ILE I 155 59.53 54.23 -17.12
N ILE I 156 59.45 55.36 -17.84
CA ILE I 156 59.98 55.40 -19.21
C ILE I 156 61.49 55.23 -19.21
N PHE I 157 62.18 55.85 -18.24
CA PHE I 157 63.63 55.72 -18.19
C PHE I 157 64.06 54.29 -17.88
N VAL I 158 63.35 53.62 -16.98
CA VAL I 158 63.74 52.24 -16.69
C VAL I 158 63.36 51.31 -17.84
N THR I 159 62.25 51.57 -18.54
CA THR I 159 61.97 50.73 -19.69
C THR I 159 62.96 51.00 -20.81
N LEU I 160 63.50 52.22 -20.88
CA LEU I 160 64.58 52.54 -21.81
C LEU I 160 65.79 51.68 -21.51
N LEU I 161 66.19 51.62 -20.23
CA LEU I 161 67.31 50.76 -19.86
C LEU I 161 66.99 49.28 -20.15
N MET I 162 65.76 48.86 -19.89
CA MET I 162 65.35 47.49 -20.19
C MET I 162 65.52 47.18 -21.67
N LEU I 163 65.18 48.12 -22.54
CA LEU I 163 65.25 47.89 -23.98
C LEU I 163 66.68 47.95 -24.50
N VAL I 164 67.50 48.88 -24.01
CA VAL I 164 68.87 48.97 -24.50
C VAL I 164 69.78 47.94 -23.86
N ALA I 165 69.27 47.14 -22.92
CA ALA I 165 70.11 46.19 -22.20
C ALA I 165 70.72 45.11 -23.09
N PRO I 166 69.97 44.46 -23.99
CA PRO I 166 70.58 43.34 -24.73
C PRO I 166 71.78 43.72 -25.59
N ALA I 167 71.70 44.81 -26.34
CA ALA I 167 72.75 45.20 -27.27
C ALA I 167 73.52 46.40 -26.72
N TYR I 168 74.81 46.20 -26.48
CA TYR I 168 75.66 47.30 -26.05
C TYR I 168 75.93 48.27 -27.19
N SER I 169 76.45 47.76 -28.31
CA SER I 169 76.74 48.57 -29.50
C SER I 169 77.68 49.72 -29.18
C1 NAG J . -17.81 -45.72 -33.95
C2 NAG J . -18.38 -47.11 -33.64
C3 NAG J . -18.22 -48.03 -34.83
C4 NAG J . -18.83 -47.39 -36.07
C5 NAG J . -18.27 -45.99 -36.29
C6 NAG J . -18.93 -45.26 -37.43
C7 NAG J . -18.41 -48.07 -31.37
C8 NAG J . -19.90 -47.89 -31.42
N2 NAG J . -17.74 -47.68 -32.46
O3 NAG J . -18.85 -49.28 -34.57
O4 NAG J . -18.56 -48.19 -37.22
O5 NAG J . -18.45 -45.20 -35.11
O6 NAG J . -19.09 -46.10 -38.57
O7 NAG J . -17.85 -48.55 -30.40
C1 NAG K . -40.17 -42.43 -25.52
C2 NAG K . -41.50 -43.18 -25.62
C3 NAG K . -41.29 -44.53 -26.29
C4 NAG K . -40.59 -44.36 -27.64
C5 NAG K . -39.31 -43.56 -27.47
C6 NAG K . -38.64 -43.23 -28.78
C7 NAG K . -43.34 -42.90 -24.02
C8 NAG K . -44.08 -42.20 -25.13
N2 NAG K . -42.11 -43.34 -24.32
O3 NAG K . -42.55 -45.18 -26.47
O4 NAG K . -40.28 -45.63 -28.19
O5 NAG K . -39.59 -42.30 -26.83
O6 NAG K . -38.23 -44.41 -29.46
O7 NAG K . -43.83 -43.04 -22.92
C1 NAG L . 0.73 -29.61 -61.19
C2 NAG L . 0.92 -29.91 -62.68
C3 NAG L . 0.30 -31.26 -63.03
C4 NAG L . 0.86 -32.35 -62.12
C5 NAG L . 0.70 -31.95 -60.65
C6 NAG L . 1.35 -32.92 -59.70
C7 NAG L . 1.08 -28.01 -64.23
C8 NAG L . 2.57 -28.20 -64.16
N2 NAG L . 0.34 -28.85 -63.50
O3 NAG L . 0.57 -31.57 -64.39
O4 NAG L . 0.18 -33.57 -62.36
O5 NAG L . 1.29 -30.67 -60.41
O6 NAG L . 1.20 -34.27 -60.15
O7 NAG L . 0.57 -27.13 -64.91
#